data_1K99
#
_entry.id   1K99
#
_entity_poly.entity_id   1
_entity_poly.type   'polypeptide(L)'
_entity_poly.pdbx_seq_one_letter_code
;MKKLKKHPDFPKKPLTPYFRFFMEKRAKYAKLHPEMSNLDLTKILSKKYKELPEKKKMKYIQDFQREKQEFERNLARFRE
DHPDLIQNAKKLEHHHHHH
;
_entity_poly.pdbx_strand_id   A
#
# COMPACT_ATOMS: atom_id res chain seq x y z
N MET A 1 -15.23 -23.08 6.83
CA MET A 1 -16.61 -23.10 6.29
C MET A 1 -17.13 -21.68 6.05
N LYS A 2 -16.21 -20.78 5.74
CA LYS A 2 -16.57 -19.38 5.48
C LYS A 2 -15.40 -18.61 4.92
N LYS A 3 -15.67 -17.73 3.97
CA LYS A 3 -14.63 -16.91 3.35
C LYS A 3 -14.62 -15.50 3.91
N LEU A 4 -13.47 -14.85 3.87
CA LEU A 4 -13.34 -13.49 4.39
C LEU A 4 -11.97 -12.90 4.06
N LYS A 5 -11.97 -11.63 3.68
CA LYS A 5 -10.72 -10.94 3.33
C LYS A 5 -10.52 -9.71 4.21
N LYS A 6 -9.71 -8.76 3.75
CA LYS A 6 -9.45 -7.54 4.51
C LYS A 6 -10.42 -6.43 4.12
N HIS A 7 -11.59 -6.81 3.61
CA HIS A 7 -12.59 -5.83 3.20
C HIS A 7 -13.47 -5.43 4.39
N PRO A 8 -14.12 -6.39 5.05
CA PRO A 8 -14.99 -6.12 6.20
C PRO A 8 -14.20 -5.91 7.49
N ASP A 9 -14.74 -5.08 8.37
CA ASP A 9 -14.09 -4.79 9.65
C ASP A 9 -12.71 -4.18 9.43
N PHE A 10 -12.65 -2.85 9.41
CA PHE A 10 -11.38 -2.15 9.20
C PHE A 10 -10.76 -2.53 7.87
N PRO A 11 -11.26 -1.95 6.76
CA PRO A 11 -10.74 -2.24 5.42
C PRO A 11 -9.35 -1.65 5.19
N LYS A 12 -8.50 -2.41 4.51
CA LYS A 12 -7.14 -1.96 4.22
C LYS A 12 -6.86 -2.00 2.72
N LYS A 13 -7.53 -1.11 1.98
CA LYS A 13 -7.35 -1.04 0.53
C LYS A 13 -6.07 -0.29 0.16
N PRO A 14 -5.89 0.93 0.70
CA PRO A 14 -4.71 1.76 0.42
C PRO A 14 -3.41 0.98 0.59
N LEU A 15 -2.30 1.61 0.23
CA LEU A 15 -0.99 0.99 0.34
C LEU A 15 -0.26 1.51 1.58
N THR A 16 0.80 0.81 1.97
CA THR A 16 1.59 1.20 3.13
C THR A 16 2.85 1.95 2.70
N PRO A 17 3.39 2.82 3.59
CA PRO A 17 4.60 3.58 3.31
C PRO A 17 5.70 2.72 2.73
N TYR A 18 5.84 1.50 3.28
CA TYR A 18 6.86 0.57 2.81
C TYR A 18 6.51 0.09 1.41
N PHE A 19 5.21 0.01 1.13
CA PHE A 19 4.73 -0.43 -0.18
C PHE A 19 5.05 0.63 -1.23
N ARG A 20 4.63 1.87 -0.98
CA ARG A 20 4.88 2.96 -1.91
C ARG A 20 6.38 3.23 -2.03
N PHE A 21 7.16 2.62 -1.14
CA PHE A 21 8.62 2.79 -1.13
C PHE A 21 9.29 1.59 -1.79
N PHE A 22 8.74 0.41 -1.55
CA PHE A 22 9.27 -0.82 -2.10
C PHE A 22 8.83 -0.98 -3.54
N MET A 23 7.52 -1.05 -3.73
CA MET A 23 6.93 -1.20 -5.05
C MET A 23 7.37 -0.08 -6.01
N GLU A 24 7.69 1.08 -5.46
CA GLU A 24 8.10 2.21 -6.27
C GLU A 24 9.55 2.09 -6.76
N LYS A 25 10.45 1.71 -5.86
CA LYS A 25 11.86 1.58 -6.24
C LYS A 25 12.23 0.12 -6.54
N ARG A 26 11.24 -0.78 -6.42
CA ARG A 26 11.47 -2.18 -6.70
C ARG A 26 12.09 -2.35 -8.08
N ALA A 27 11.65 -1.50 -8.99
CA ALA A 27 12.17 -1.50 -10.35
C ALA A 27 13.67 -1.31 -10.31
N LYS A 28 14.12 -0.50 -9.37
CA LYS A 28 15.54 -0.21 -9.20
C LYS A 28 16.31 -1.47 -8.81
N TYR A 29 15.60 -2.46 -8.27
CA TYR A 29 16.22 -3.71 -7.86
C TYR A 29 16.00 -4.80 -8.89
N ALA A 30 14.88 -4.73 -9.60
CA ALA A 30 14.56 -5.71 -10.63
C ALA A 30 15.50 -5.52 -11.81
N LYS A 31 16.14 -4.36 -11.85
CA LYS A 31 17.07 -4.02 -12.90
C LYS A 31 18.52 -4.17 -12.42
N LEU A 32 18.70 -4.19 -11.10
CA LEU A 32 20.03 -4.31 -10.52
C LEU A 32 20.27 -5.70 -9.92
N HIS A 33 19.26 -6.56 -9.96
CA HIS A 33 19.39 -7.91 -9.43
C HIS A 33 19.26 -8.96 -10.53
N PRO A 34 20.16 -8.91 -11.54
CA PRO A 34 20.15 -9.87 -12.64
C PRO A 34 20.63 -11.25 -12.23
N GLU A 35 21.50 -11.30 -11.22
CA GLU A 35 22.03 -12.56 -10.72
C GLU A 35 21.32 -12.97 -9.44
N MET A 36 20.16 -12.39 -9.20
CA MET A 36 19.37 -12.69 -8.01
C MET A 36 17.95 -13.08 -8.41
N SER A 37 16.98 -12.81 -7.53
CA SER A 37 15.59 -13.15 -7.82
C SER A 37 14.65 -12.04 -7.37
N ASN A 38 14.72 -11.71 -6.09
CA ASN A 38 13.88 -10.67 -5.50
C ASN A 38 14.00 -10.69 -3.98
N LEU A 39 14.37 -11.84 -3.44
CA LEU A 39 14.53 -11.99 -2.00
C LEU A 39 15.72 -11.19 -1.52
N ASP A 40 16.77 -11.16 -2.33
CA ASP A 40 17.98 -10.41 -2.01
C ASP A 40 17.65 -8.93 -1.87
N LEU A 41 17.05 -8.37 -2.91
CA LEU A 41 16.68 -6.96 -2.92
C LEU A 41 15.67 -6.66 -1.81
N THR A 42 14.67 -7.52 -1.67
CA THR A 42 13.64 -7.33 -0.64
C THR A 42 14.28 -7.11 0.73
N LYS A 43 15.31 -7.89 1.03
CA LYS A 43 16.02 -7.76 2.31
C LYS A 43 16.65 -6.38 2.43
N ILE A 44 17.15 -5.87 1.30
CA ILE A 44 17.77 -4.55 1.27
C ILE A 44 16.79 -3.45 1.67
N LEU A 45 15.59 -3.51 1.11
CA LEU A 45 14.56 -2.52 1.39
C LEU A 45 14.02 -2.65 2.81
N SER A 46 14.21 -3.81 3.42
CA SER A 46 13.74 -4.04 4.78
C SER A 46 14.72 -3.46 5.81
N LYS A 47 15.96 -3.25 5.37
CA LYS A 47 16.98 -2.71 6.24
C LYS A 47 16.99 -1.18 6.18
N LYS A 48 16.79 -0.64 4.99
CA LYS A 48 16.78 0.80 4.80
C LYS A 48 15.51 1.42 5.37
N TYR A 49 14.37 0.89 4.97
CA TYR A 49 13.08 1.39 5.43
C TYR A 49 13.05 1.51 6.96
N LYS A 50 13.54 0.50 7.65
CA LYS A 50 13.56 0.51 9.11
C LYS A 50 14.57 1.54 9.62
N GLU A 51 15.80 1.44 9.12
CA GLU A 51 16.87 2.35 9.52
C GLU A 51 16.40 3.81 9.49
N LEU A 52 15.43 4.10 8.64
CA LEU A 52 14.90 5.46 8.52
C LEU A 52 14.54 6.04 9.89
N PRO A 53 15.02 7.26 10.18
CA PRO A 53 14.75 7.93 11.46
C PRO A 53 13.32 8.46 11.57
N GLU A 54 12.42 7.86 10.83
CA GLU A 54 11.02 8.29 10.83
C GLU A 54 10.90 9.75 10.40
N LYS A 55 12.01 10.34 9.94
CA LYS A 55 11.99 11.73 9.51
C LYS A 55 11.36 11.84 8.12
N LYS A 56 11.59 10.81 7.30
CA LYS A 56 11.05 10.78 5.95
C LYS A 56 9.77 9.94 5.89
N LYS A 57 9.65 9.00 6.81
CA LYS A 57 8.47 8.14 6.88
C LYS A 57 7.25 8.97 7.21
N MET A 58 7.42 9.95 8.08
CA MET A 58 6.33 10.84 8.46
C MET A 58 5.58 11.32 7.23
N LYS A 59 6.31 11.38 6.11
CA LYS A 59 5.73 11.81 4.84
C LYS A 59 4.96 10.65 4.23
N TYR A 60 5.59 9.48 4.18
CA TYR A 60 4.96 8.29 3.63
C TYR A 60 3.74 7.90 4.44
N ILE A 61 3.91 7.78 5.76
CA ILE A 61 2.81 7.41 6.63
C ILE A 61 1.68 8.44 6.51
N GLN A 62 2.07 9.69 6.28
CA GLN A 62 1.10 10.76 6.12
C GLN A 62 0.38 10.59 4.80
N ASP A 63 0.99 9.83 3.90
CA ASP A 63 0.40 9.56 2.60
C ASP A 63 -0.50 8.34 2.68
N PHE A 64 -0.15 7.43 3.59
CA PHE A 64 -0.92 6.21 3.80
C PHE A 64 -2.13 6.50 4.67
N GLN A 65 -1.97 7.43 5.61
CA GLN A 65 -3.04 7.79 6.52
C GLN A 65 -3.97 8.82 5.88
N ARG A 66 -3.44 9.61 4.95
CA ARG A 66 -4.22 10.64 4.27
C ARG A 66 -5.40 10.02 3.53
N GLU A 67 -5.17 8.89 2.87
CA GLU A 67 -6.23 8.22 2.13
C GLU A 67 -7.01 7.27 3.02
N LYS A 68 -6.28 6.45 3.80
CA LYS A 68 -6.92 5.50 4.69
C LYS A 68 -7.89 6.20 5.64
N GLN A 69 -7.68 7.49 5.85
CA GLN A 69 -8.52 8.28 6.72
C GLN A 69 -9.82 8.66 6.02
N GLU A 70 -9.68 9.20 4.80
CA GLU A 70 -10.84 9.61 4.02
C GLU A 70 -11.56 8.40 3.44
N PHE A 71 -10.82 7.33 3.18
CA PHE A 71 -11.38 6.12 2.62
C PHE A 71 -12.24 5.39 3.65
N GLU A 72 -11.60 4.91 4.72
CA GLU A 72 -12.30 4.20 5.78
C GLU A 72 -13.41 5.05 6.39
N ARG A 73 -13.31 6.37 6.22
CA ARG A 73 -14.31 7.29 6.76
C ARG A 73 -15.72 6.85 6.39
N ASN A 74 -16.01 6.83 5.10
CA ASN A 74 -17.33 6.44 4.61
C ASN A 74 -17.32 5.00 4.11
N LEU A 75 -16.16 4.52 3.70
CA LEU A 75 -16.02 3.16 3.18
C LEU A 75 -16.24 2.14 4.29
N ALA A 76 -15.69 2.42 5.47
CA ALA A 76 -15.83 1.51 6.61
C ALA A 76 -17.29 1.35 7.04
N ARG A 77 -18.15 2.25 6.57
CA ARG A 77 -19.57 2.20 6.92
C ARG A 77 -20.16 0.81 6.67
N PHE A 78 -19.55 0.08 5.74
CA PHE A 78 -20.01 -1.26 5.40
C PHE A 78 -19.52 -2.30 6.41
N ARG A 79 -18.77 -1.86 7.42
CA ARG A 79 -18.24 -2.76 8.43
C ARG A 79 -19.34 -3.25 9.39
N GLU A 80 -20.56 -2.74 9.22
CA GLU A 80 -21.69 -3.12 10.05
C GLU A 80 -21.77 -4.64 10.21
N ASP A 81 -21.29 -5.36 9.21
CA ASP A 81 -21.30 -6.82 9.24
C ASP A 81 -20.62 -7.36 10.49
N HIS A 82 -21.40 -7.58 11.54
CA HIS A 82 -20.87 -8.08 12.80
C HIS A 82 -20.31 -9.50 12.64
N PRO A 83 -21.12 -10.45 12.17
CA PRO A 83 -20.69 -11.84 11.97
C PRO A 83 -19.52 -11.95 11.00
N ASP A 84 -18.35 -12.28 11.55
CA ASP A 84 -17.14 -12.43 10.73
C ASP A 84 -16.18 -13.43 11.37
N LEU A 85 -16.36 -14.70 11.04
CA LEU A 85 -15.51 -15.75 11.58
C LEU A 85 -14.13 -15.74 10.92
N ILE A 86 -13.09 -15.79 11.76
CA ILE A 86 -11.69 -15.78 11.31
C ILE A 86 -11.51 -15.04 9.98
N GLN A 87 -11.16 -13.75 10.07
CA GLN A 87 -10.96 -12.93 8.89
C GLN A 87 -9.54 -13.08 8.35
N ASN A 88 -9.35 -14.02 7.43
CA ASN A 88 -8.04 -14.26 6.85
C ASN A 88 -8.11 -15.34 5.76
N ALA A 89 -8.41 -14.91 4.54
CA ALA A 89 -8.51 -15.84 3.42
C ALA A 89 -7.32 -15.69 2.47
N LYS A 90 -6.12 -15.75 3.02
CA LYS A 90 -4.91 -15.62 2.24
C LYS A 90 -4.20 -16.97 2.11
N LYS A 91 -4.97 -18.03 1.97
CA LYS A 91 -4.41 -19.37 1.83
C LYS A 91 -3.59 -19.74 3.07
N MET A 1 -10.64 6.58 -18.03
CA MET A 1 -10.34 5.94 -16.72
C MET A 1 -10.68 4.45 -16.74
N LYS A 2 -10.57 3.81 -15.59
CA LYS A 2 -10.86 2.38 -15.47
C LYS A 2 -11.92 2.13 -14.40
N LYS A 3 -12.95 1.37 -14.77
CA LYS A 3 -14.03 1.05 -13.85
C LYS A 3 -13.73 -0.24 -13.09
N LEU A 4 -14.33 -0.37 -11.91
CA LEU A 4 -14.14 -1.57 -11.08
C LEU A 4 -15.00 -1.51 -9.83
N LYS A 5 -14.79 -2.47 -8.93
CA LYS A 5 -15.55 -2.53 -7.69
C LYS A 5 -14.72 -3.12 -6.56
N LYS A 6 -15.02 -2.72 -5.33
CA LYS A 6 -14.29 -3.21 -4.17
C LYS A 6 -15.19 -4.06 -3.29
N HIS A 7 -14.68 -4.47 -2.13
CA HIS A 7 -15.44 -5.29 -1.20
C HIS A 7 -16.06 -4.43 -0.10
N PRO A 8 -17.10 -4.95 0.57
CA PRO A 8 -17.78 -4.22 1.66
C PRO A 8 -16.81 -3.76 2.74
N ASP A 9 -17.37 -3.27 3.84
CA ASP A 9 -16.55 -2.78 4.96
C ASP A 9 -15.63 -1.66 4.50
N PHE A 10 -16.21 -0.67 3.82
CA PHE A 10 -15.44 0.47 3.34
C PHE A 10 -14.36 0.01 2.35
N PRO A 11 -14.52 0.32 1.05
CA PRO A 11 -13.55 -0.07 0.02
C PRO A 11 -12.13 0.34 0.38
N LYS A 12 -11.16 -0.24 -0.33
CA LYS A 12 -9.75 0.06 -0.09
C LYS A 12 -9.02 0.29 -1.42
N LYS A 13 -7.73 0.60 -1.34
CA LYS A 13 -6.94 0.84 -2.54
C LYS A 13 -5.48 1.12 -2.19
N PRO A 14 -5.22 2.21 -1.45
CA PRO A 14 -3.85 2.59 -1.05
C PRO A 14 -3.13 1.46 -0.32
N LEU A 15 -1.85 1.68 -0.02
CA LEU A 15 -1.04 0.69 0.68
C LEU A 15 -0.26 1.33 1.81
N THR A 16 0.39 0.50 2.62
CA THR A 16 1.18 1.00 3.75
C THR A 16 2.51 1.58 3.27
N PRO A 17 3.07 2.55 4.03
CA PRO A 17 4.33 3.20 3.70
C PRO A 17 5.39 2.22 3.18
N TYR A 18 5.59 1.14 3.92
CA TYR A 18 6.57 0.13 3.54
C TYR A 18 6.24 -0.44 2.16
N PHE A 19 4.95 -0.57 1.87
CA PHE A 19 4.50 -1.09 0.59
C PHE A 19 4.84 -0.11 -0.53
N ARG A 20 4.28 1.10 -0.43
CA ARG A 20 4.54 2.13 -1.43
C ARG A 20 6.03 2.43 -1.56
N PHE A 21 6.80 2.03 -0.55
CA PHE A 21 8.24 2.25 -0.53
C PHE A 21 8.98 1.08 -1.17
N PHE A 22 8.52 -0.13 -0.88
CA PHE A 22 9.14 -1.34 -1.42
C PHE A 22 8.56 -1.64 -2.80
N MET A 23 7.25 -1.68 -2.87
CA MET A 23 6.53 -1.94 -4.11
C MET A 23 6.93 -0.96 -5.21
N GLU A 24 7.45 0.20 -4.82
CA GLU A 24 7.86 1.22 -5.79
C GLU A 24 9.33 1.07 -6.17
N LYS A 25 10.17 0.79 -5.18
CA LYS A 25 11.60 0.64 -5.42
C LYS A 25 11.91 -0.62 -6.22
N ARG A 26 11.04 -1.62 -6.13
CA ARG A 26 11.25 -2.87 -6.86
C ARG A 26 11.52 -2.59 -8.32
N ALA A 27 10.84 -1.59 -8.85
CA ALA A 27 11.02 -1.19 -10.23
C ALA A 27 12.50 -0.92 -10.49
N LYS A 28 13.16 -0.39 -9.47
CA LYS A 28 14.58 -0.06 -9.55
C LYS A 28 15.47 -1.20 -9.05
N TYR A 29 14.87 -2.19 -8.41
CA TYR A 29 15.62 -3.33 -7.88
C TYR A 29 15.53 -4.54 -8.79
N ALA A 30 14.40 -4.68 -9.48
CA ALA A 30 14.20 -5.79 -10.39
C ALA A 30 15.03 -5.59 -11.64
N LYS A 31 15.47 -4.36 -11.84
CA LYS A 31 16.27 -3.99 -12.99
C LYS A 31 17.76 -4.04 -12.64
N LEU A 32 18.07 -3.99 -11.35
CA LEU A 32 19.44 -4.02 -10.87
C LEU A 32 19.80 -5.37 -10.24
N HIS A 33 18.82 -6.26 -10.13
CA HIS A 33 19.06 -7.58 -9.54
C HIS A 33 18.77 -8.69 -10.56
N PRO A 34 19.36 -8.61 -11.76
CA PRO A 34 19.17 -9.62 -12.81
C PRO A 34 19.90 -10.92 -12.51
N GLU A 35 20.96 -10.82 -11.72
CA GLU A 35 21.75 -11.99 -11.35
C GLU A 35 21.35 -12.48 -9.97
N MET A 36 20.19 -12.03 -9.51
CA MET A 36 19.67 -12.41 -8.20
C MET A 36 18.25 -12.95 -8.33
N SER A 37 17.48 -12.88 -7.25
CA SER A 37 16.11 -13.37 -7.27
C SER A 37 15.14 -12.30 -6.78
N ASN A 38 15.37 -11.83 -5.57
CA ASN A 38 14.52 -10.81 -4.94
C ASN A 38 14.86 -10.68 -3.46
N LEU A 39 15.39 -11.76 -2.89
CA LEU A 39 15.76 -11.77 -1.48
C LEU A 39 16.95 -10.85 -1.23
N ASP A 40 17.85 -10.78 -2.20
CA ASP A 40 19.02 -9.94 -2.09
C ASP A 40 18.62 -8.46 -2.09
N LEU A 41 17.56 -8.15 -2.81
CA LEU A 41 17.06 -6.78 -2.90
C LEU A 41 16.03 -6.52 -1.80
N THR A 42 15.23 -7.53 -1.48
CA THR A 42 14.21 -7.39 -0.45
C THR A 42 14.84 -7.03 0.88
N LYS A 43 16.02 -7.59 1.15
CA LYS A 43 16.73 -7.32 2.39
C LYS A 43 17.22 -5.87 2.40
N ILE A 44 17.67 -5.41 1.24
CA ILE A 44 18.15 -4.03 1.09
C ILE A 44 17.06 -3.02 1.43
N LEU A 45 15.85 -3.29 0.97
CA LEU A 45 14.72 -2.40 1.21
C LEU A 45 14.14 -2.61 2.60
N SER A 46 14.30 -3.82 3.14
CA SER A 46 13.80 -4.13 4.47
C SER A 46 14.76 -3.63 5.54
N LYS A 47 15.96 -3.25 5.12
CA LYS A 47 16.98 -2.75 6.02
C LYS A 47 17.02 -1.22 5.99
N LYS A 48 16.72 -0.65 4.83
CA LYS A 48 16.72 0.79 4.67
C LYS A 48 15.52 1.43 5.37
N TYR A 49 14.35 0.84 5.16
CA TYR A 49 13.13 1.35 5.77
C TYR A 49 13.30 1.59 7.27
N LYS A 50 13.69 0.55 7.99
CA LYS A 50 13.91 0.67 9.42
C LYS A 50 15.04 1.63 9.72
N GLU A 51 16.10 1.57 8.92
CA GLU A 51 17.25 2.44 9.09
C GLU A 51 16.83 3.91 9.02
N LEU A 52 15.68 4.17 8.39
CA LEU A 52 15.17 5.54 8.26
C LEU A 52 15.05 6.21 9.63
N PRO A 53 15.48 7.47 9.73
CA PRO A 53 15.41 8.23 10.99
C PRO A 53 13.98 8.60 11.38
N GLU A 54 13.03 7.84 10.91
CA GLU A 54 11.62 8.09 11.17
C GLU A 54 11.21 9.47 10.64
N LYS A 55 12.13 10.12 9.91
CA LYS A 55 11.84 11.44 9.36
C LYS A 55 11.21 11.30 7.97
N LYS A 56 11.60 10.25 7.26
CA LYS A 56 11.08 9.99 5.92
C LYS A 56 9.77 9.22 5.98
N LYS A 57 9.46 8.65 7.15
CA LYS A 57 8.23 7.89 7.32
C LYS A 57 7.08 8.80 7.75
N MET A 58 7.44 9.90 8.41
CA MET A 58 6.44 10.87 8.86
C MET A 58 5.60 11.32 7.68
N LYS A 59 6.19 11.23 6.49
CA LYS A 59 5.52 11.62 5.26
C LYS A 59 4.77 10.44 4.67
N TYR A 60 5.46 9.31 4.52
CA TYR A 60 4.85 8.10 3.96
C TYR A 60 3.57 7.75 4.71
N ILE A 61 3.66 7.65 6.04
CA ILE A 61 2.49 7.32 6.84
C ILE A 61 1.43 8.39 6.66
N GLN A 62 1.86 9.65 6.62
CA GLN A 62 0.95 10.76 6.43
C GLN A 62 0.40 10.71 5.01
N ASP A 63 1.10 9.97 4.15
CA ASP A 63 0.67 9.81 2.78
C ASP A 63 -0.22 8.58 2.67
N PHE A 64 -0.05 7.67 3.61
CA PHE A 64 -0.82 6.43 3.66
C PHE A 64 -2.15 6.67 4.37
N GLN A 65 -2.11 7.51 5.41
CA GLN A 65 -3.30 7.82 6.18
C GLN A 65 -4.16 8.88 5.48
N ARG A 66 -3.52 9.86 4.86
CA ARG A 66 -4.24 10.92 4.16
C ARG A 66 -4.98 10.36 2.96
N GLU A 67 -4.43 9.30 2.37
CA GLU A 67 -5.06 8.67 1.22
C GLU A 67 -6.26 7.85 1.65
N LYS A 68 -6.08 7.03 2.67
CA LYS A 68 -7.16 6.20 3.20
C LYS A 68 -8.20 7.05 3.92
N GLN A 69 -7.85 8.29 4.21
CA GLN A 69 -8.75 9.20 4.90
C GLN A 69 -9.82 9.73 3.94
N GLU A 70 -9.41 10.00 2.70
CA GLU A 70 -10.31 10.52 1.69
C GLU A 70 -10.79 9.39 0.77
N PHE A 71 -9.85 8.55 0.35
CA PHE A 71 -10.15 7.44 -0.55
C PHE A 71 -11.15 6.48 0.11
N GLU A 72 -11.13 6.44 1.44
CA GLU A 72 -12.03 5.55 2.18
C GLU A 72 -13.24 6.32 2.72
N ARG A 73 -13.29 7.62 2.45
CA ARG A 73 -14.39 8.45 2.92
C ARG A 73 -15.59 8.34 1.99
N ASN A 74 -15.36 8.57 0.69
CA ASN A 74 -16.43 8.50 -0.29
C ASN A 74 -16.75 7.05 -0.67
N LEU A 75 -15.71 6.29 -1.01
CA LEU A 75 -15.88 4.89 -1.38
C LEU A 75 -16.61 4.11 -0.29
N ALA A 76 -16.44 4.55 0.96
CA ALA A 76 -17.07 3.89 2.10
C ALA A 76 -18.59 4.07 2.07
N ARG A 77 -19.07 4.96 1.22
CA ARG A 77 -20.50 5.22 1.10
C ARG A 77 -21.19 4.16 0.25
N PHE A 78 -20.42 3.19 -0.23
CA PHE A 78 -20.96 2.10 -1.06
C PHE A 78 -22.26 1.55 -0.50
N ARG A 79 -22.28 1.23 0.79
CA ARG A 79 -23.47 0.68 1.43
C ARG A 79 -24.32 1.77 2.10
N GLU A 80 -23.86 3.02 2.01
CA GLU A 80 -24.59 4.13 2.61
C GLU A 80 -25.58 4.74 1.63
N ASP A 81 -25.25 4.68 0.35
CA ASP A 81 -26.10 5.23 -0.70
C ASP A 81 -27.06 4.17 -1.24
N HIS A 82 -27.63 4.41 -2.42
CA HIS A 82 -28.56 3.47 -3.03
C HIS A 82 -29.06 3.98 -4.38
N PRO A 83 -29.63 5.20 -4.43
CA PRO A 83 -30.15 5.78 -5.66
C PRO A 83 -29.16 5.66 -6.83
N ASP A 84 -28.03 6.33 -6.71
CA ASP A 84 -27.01 6.29 -7.76
C ASP A 84 -25.70 5.72 -7.23
N LEU A 85 -24.94 6.55 -6.51
CA LEU A 85 -23.67 6.12 -5.95
C LEU A 85 -22.64 5.81 -7.04
N ILE A 86 -21.40 6.18 -6.79
CA ILE A 86 -20.32 5.94 -7.75
C ILE A 86 -19.47 4.73 -7.32
N GLN A 87 -19.61 4.34 -6.05
CA GLN A 87 -18.86 3.19 -5.52
C GLN A 87 -19.03 1.97 -6.41
N ASN A 88 -20.14 1.90 -7.14
CA ASN A 88 -20.41 0.78 -8.03
C ASN A 88 -21.23 1.24 -9.24
N ALA A 89 -20.53 1.66 -10.29
CA ALA A 89 -21.18 2.12 -11.51
C ALA A 89 -21.47 0.97 -12.46
N LYS A 90 -22.06 -0.10 -11.93
CA LYS A 90 -22.39 -1.28 -12.72
C LYS A 90 -21.14 -1.89 -13.35
N LYS A 91 -20.72 -1.35 -14.49
CA LYS A 91 -19.54 -1.86 -15.18
C LYS A 91 -18.84 -0.73 -15.94
N MET A 1 -17.82 2.27 18.46
CA MET A 1 -17.94 0.81 18.75
C MET A 1 -18.31 0.03 17.48
N LYS A 2 -17.73 0.43 16.36
CA LYS A 2 -18.00 -0.23 15.08
C LYS A 2 -17.38 -1.62 15.07
N LYS A 3 -17.75 -2.41 14.05
CA LYS A 3 -17.25 -3.77 13.92
C LYS A 3 -16.99 -4.10 12.45
N LEU A 4 -16.41 -5.29 12.21
CA LEU A 4 -16.11 -5.73 10.86
C LEU A 4 -15.06 -4.83 10.22
N LYS A 5 -13.86 -5.37 10.03
CA LYS A 5 -12.77 -4.63 9.42
C LYS A 5 -12.37 -5.24 8.08
N LYS A 6 -11.68 -4.46 7.27
CA LYS A 6 -11.24 -4.93 5.95
C LYS A 6 -12.43 -5.43 5.13
N HIS A 7 -12.14 -6.04 3.99
CA HIS A 7 -13.18 -6.56 3.11
C HIS A 7 -14.14 -5.45 2.70
N PRO A 8 -15.07 -5.76 1.77
CA PRO A 8 -16.07 -4.78 1.29
C PRO A 8 -17.05 -4.37 2.38
N ASP A 9 -16.55 -3.72 3.42
CA ASP A 9 -17.39 -3.28 4.52
C ASP A 9 -16.72 -2.16 5.31
N PHE A 10 -15.44 -2.35 5.62
CA PHE A 10 -14.68 -1.35 6.37
C PHE A 10 -13.70 -0.61 5.45
N PRO A 11 -13.51 0.70 5.66
CA PRO A 11 -12.59 1.51 4.85
C PRO A 11 -11.20 0.91 4.78
N LYS A 12 -10.89 0.26 3.66
CA LYS A 12 -9.58 -0.35 3.46
C LYS A 12 -9.29 -0.54 1.98
N LYS A 13 -8.06 -0.20 1.57
CA LYS A 13 -7.66 -0.33 0.18
C LYS A 13 -6.20 0.05 -0.03
N PRO A 14 -5.83 1.31 0.29
CA PRO A 14 -4.45 1.80 0.13
C PRO A 14 -3.44 0.87 0.79
N LEU A 15 -2.15 1.16 0.58
CA LEU A 15 -1.08 0.35 1.15
C LEU A 15 -0.36 1.11 2.25
N THR A 16 0.76 0.56 2.71
CA THR A 16 1.55 1.18 3.76
C THR A 16 2.79 1.84 3.18
N PRO A 17 3.38 2.82 3.89
CA PRO A 17 4.57 3.53 3.45
C PRO A 17 5.63 2.58 2.89
N TYR A 18 5.82 1.44 3.54
CA TYR A 18 6.79 0.46 3.08
C TYR A 18 6.39 -0.08 1.72
N PHE A 19 5.09 -0.20 1.49
CA PHE A 19 4.56 -0.68 0.23
C PHE A 19 4.82 0.34 -0.87
N ARG A 20 4.40 1.58 -0.64
CA ARG A 20 4.61 2.65 -1.60
C ARG A 20 6.11 2.90 -1.82
N PHE A 21 6.93 2.31 -0.97
CA PHE A 21 8.39 2.45 -1.05
C PHE A 21 9.02 1.25 -1.73
N PHE A 22 8.60 0.06 -1.30
CA PHE A 22 9.11 -1.19 -1.84
C PHE A 22 8.43 -1.51 -3.16
N MET A 23 7.11 -1.46 -3.12
CA MET A 23 6.28 -1.73 -4.29
C MET A 23 6.51 -0.72 -5.40
N GLU A 24 7.11 0.43 -5.07
CA GLU A 24 7.34 1.47 -6.05
C GLU A 24 8.71 1.34 -6.73
N LYS A 25 9.74 1.00 -5.96
CA LYS A 25 11.08 0.87 -6.52
C LYS A 25 11.43 -0.59 -6.84
N ARG A 26 10.51 -1.51 -6.58
CA ARG A 26 10.74 -2.92 -6.85
C ARG A 26 11.19 -3.09 -8.29
N ALA A 27 10.67 -2.23 -9.17
CA ALA A 27 11.03 -2.26 -10.56
C ALA A 27 12.49 -1.88 -10.73
N LYS A 28 12.93 -0.96 -9.87
CA LYS A 28 14.31 -0.49 -9.90
C LYS A 28 15.28 -1.51 -9.30
N TYR A 29 14.75 -2.45 -8.52
CA TYR A 29 15.57 -3.49 -7.90
C TYR A 29 15.49 -4.79 -8.67
N ALA A 30 14.37 -5.03 -9.33
CA ALA A 30 14.18 -6.24 -10.12
C ALA A 30 14.92 -6.14 -11.44
N LYS A 31 15.28 -4.92 -11.82
CA LYS A 31 16.00 -4.68 -13.06
C LYS A 31 17.50 -4.54 -12.82
N LEU A 32 17.85 -4.01 -11.66
CA LEU A 32 19.25 -3.81 -11.29
C LEU A 32 19.84 -5.06 -10.63
N HIS A 33 19.02 -6.09 -10.44
CA HIS A 33 19.49 -7.33 -9.82
C HIS A 33 19.44 -8.50 -10.81
N PRO A 34 20.19 -8.40 -11.92
CA PRO A 34 20.24 -9.45 -12.94
C PRO A 34 20.98 -10.69 -12.47
N GLU A 35 21.98 -10.49 -11.60
CA GLU A 35 22.76 -11.59 -11.07
C GLU A 35 22.32 -11.93 -9.64
N MET A 36 21.12 -11.49 -9.28
CA MET A 36 20.58 -11.74 -7.96
C MET A 36 19.08 -12.06 -8.06
N SER A 37 18.39 -12.02 -6.93
CA SER A 37 16.97 -12.30 -6.91
C SER A 37 16.22 -11.26 -6.07
N ASN A 38 14.90 -11.23 -6.24
CA ASN A 38 14.07 -10.28 -5.50
C ASN A 38 14.29 -10.40 -3.99
N LEU A 39 14.83 -11.53 -3.57
CA LEU A 39 15.09 -11.77 -2.15
C LEU A 39 16.25 -10.90 -1.66
N ASP A 40 17.29 -10.80 -2.48
CA ASP A 40 18.46 -10.00 -2.13
C ASP A 40 18.08 -8.54 -1.97
N LEU A 41 17.32 -8.01 -2.92
CA LEU A 41 16.89 -6.62 -2.88
C LEU A 41 15.91 -6.39 -1.74
N THR A 42 15.14 -7.41 -1.38
CA THR A 42 14.17 -7.30 -0.30
C THR A 42 14.85 -6.92 1.01
N LYS A 43 16.02 -7.51 1.25
CA LYS A 43 16.79 -7.21 2.46
C LYS A 43 17.18 -5.75 2.47
N ILE A 44 17.53 -5.26 1.29
CA ILE A 44 17.92 -3.86 1.12
C ILE A 44 16.87 -2.92 1.66
N LEU A 45 15.62 -3.13 1.25
CA LEU A 45 14.51 -2.28 1.67
C LEU A 45 13.94 -2.70 3.02
N SER A 46 14.23 -3.92 3.44
CA SER A 46 13.75 -4.42 4.72
C SER A 46 14.67 -3.95 5.84
N LYS A 47 15.90 -3.60 5.48
CA LYS A 47 16.88 -3.13 6.42
C LYS A 47 16.92 -1.60 6.44
N LYS A 48 16.71 -1.00 5.28
CA LYS A 48 16.72 0.45 5.14
C LYS A 48 15.47 1.06 5.77
N TYR A 49 14.31 0.71 5.21
CA TYR A 49 13.03 1.21 5.70
C TYR A 49 12.95 1.10 7.22
N LYS A 50 13.60 0.10 7.79
CA LYS A 50 13.59 -0.10 9.23
C LYS A 50 14.48 0.92 9.91
N GLU A 51 15.77 0.82 9.63
CA GLU A 51 16.77 1.73 10.20
C GLU A 51 16.31 3.18 10.13
N LEU A 52 15.47 3.49 9.14
CA LEU A 52 14.96 4.85 8.95
C LEU A 52 14.51 5.46 10.28
N PRO A 53 15.03 6.66 10.62
CA PRO A 53 14.69 7.35 11.88
C PRO A 53 13.28 7.92 11.88
N GLU A 54 12.42 7.38 11.04
CA GLU A 54 11.05 7.86 10.93
C GLU A 54 11.02 9.35 10.60
N LYS A 55 12.18 9.90 10.22
CA LYS A 55 12.27 11.31 9.88
C LYS A 55 11.73 11.54 8.48
N LYS A 56 11.91 10.54 7.62
CA LYS A 56 11.43 10.61 6.24
C LYS A 56 10.12 9.86 6.08
N LYS A 57 9.90 8.88 6.96
CA LYS A 57 8.68 8.09 6.92
C LYS A 57 7.47 8.97 7.15
N MET A 58 7.61 9.94 8.05
CA MET A 58 6.54 10.88 8.34
C MET A 58 5.95 11.41 7.04
N LYS A 59 6.79 11.45 6.00
CA LYS A 59 6.37 11.90 4.68
C LYS A 59 5.50 10.83 4.02
N TYR A 60 5.97 9.58 4.10
CA TYR A 60 5.24 8.46 3.52
C TYR A 60 3.98 8.16 4.30
N ILE A 61 4.11 8.07 5.62
CA ILE A 61 2.96 7.78 6.47
C ILE A 61 1.88 8.84 6.24
N GLN A 62 2.31 10.04 5.88
CA GLN A 62 1.39 11.13 5.60
C GLN A 62 0.68 10.87 4.28
N ASP A 63 1.30 10.04 3.45
CA ASP A 63 0.72 9.69 2.17
C ASP A 63 -0.24 8.52 2.32
N PHE A 64 0.01 7.69 3.33
CA PHE A 64 -0.82 6.53 3.60
C PHE A 64 -2.08 6.97 4.37
N GLN A 65 -1.90 7.91 5.29
CA GLN A 65 -2.99 8.43 6.09
C GLN A 65 -3.93 9.27 5.24
N ARG A 66 -3.35 10.05 4.34
CA ARG A 66 -4.14 10.92 3.46
C ARG A 66 -5.08 10.09 2.58
N GLU A 67 -4.55 9.03 1.99
CA GLU A 67 -5.34 8.14 1.13
C GLU A 67 -6.55 7.61 1.88
N LYS A 68 -6.38 7.34 3.17
CA LYS A 68 -7.45 6.81 4.01
C LYS A 68 -8.65 7.74 3.99
N GLN A 69 -8.39 9.03 3.87
CA GLN A 69 -9.45 10.03 3.83
C GLN A 69 -9.77 10.47 2.41
N GLU A 70 -9.02 9.95 1.44
CA GLU A 70 -9.22 10.31 0.04
C GLU A 70 -10.02 9.23 -0.68
N PHE A 71 -9.83 7.97 -0.29
CA PHE A 71 -10.54 6.86 -0.91
C PHE A 71 -11.88 6.61 -0.23
N GLU A 72 -11.95 6.90 1.06
CA GLU A 72 -13.18 6.71 1.83
C GLU A 72 -14.35 7.45 1.19
N ARG A 73 -14.04 8.48 0.41
CA ARG A 73 -15.08 9.27 -0.26
C ARG A 73 -16.04 8.38 -1.04
N ASN A 74 -15.53 7.74 -2.09
CA ASN A 74 -16.36 6.87 -2.91
C ASN A 74 -16.59 5.52 -2.25
N LEU A 75 -15.56 5.02 -1.58
CA LEU A 75 -15.65 3.73 -0.90
C LEU A 75 -16.77 3.72 0.12
N ALA A 76 -16.85 4.77 0.94
CA ALA A 76 -17.88 4.89 1.96
C ALA A 76 -19.27 4.60 1.39
N ARG A 77 -19.45 4.84 0.10
CA ARG A 77 -20.72 4.62 -0.56
C ARG A 77 -20.96 3.13 -0.80
N PHE A 78 -19.87 2.38 -0.95
CA PHE A 78 -19.97 0.94 -1.19
C PHE A 78 -19.73 0.14 0.09
N ARG A 79 -18.80 0.63 0.91
CA ARG A 79 -18.47 -0.03 2.18
C ARG A 79 -19.73 -0.31 3.00
N GLU A 80 -20.75 0.52 2.81
CA GLU A 80 -22.01 0.36 3.55
C GLU A 80 -22.53 -1.07 3.44
N ASP A 81 -23.19 -1.38 2.33
CA ASP A 81 -23.74 -2.71 2.10
C ASP A 81 -24.56 -3.18 3.30
N HIS A 82 -24.91 -4.46 3.31
CA HIS A 82 -25.69 -5.04 4.40
C HIS A 82 -24.79 -5.85 5.34
N PRO A 83 -24.55 -5.34 6.57
CA PRO A 83 -23.71 -6.03 7.55
C PRO A 83 -24.34 -7.32 8.05
N ASP A 84 -23.50 -8.31 8.34
CA ASP A 84 -23.98 -9.60 8.84
C ASP A 84 -22.82 -10.44 9.37
N LEU A 85 -21.84 -9.78 9.97
CA LEU A 85 -20.67 -10.46 10.51
C LEU A 85 -20.41 -10.00 11.95
N ILE A 86 -19.90 -10.92 12.77
CA ILE A 86 -19.60 -10.61 14.17
C ILE A 86 -18.67 -9.39 14.29
N GLN A 87 -17.46 -9.51 13.75
CA GLN A 87 -16.50 -8.42 13.79
C GLN A 87 -15.13 -8.88 13.29
N ASN A 88 -14.38 -7.96 12.69
CA ASN A 88 -13.05 -8.27 12.16
C ASN A 88 -13.13 -9.05 10.84
N ALA A 89 -13.91 -10.13 10.85
CA ALA A 89 -14.07 -10.96 9.65
C ALA A 89 -12.75 -11.60 9.25
N LYS A 90 -12.27 -12.52 10.09
CA LYS A 90 -11.02 -13.21 9.82
C LYS A 90 -11.28 -14.61 9.26
N LYS A 91 -11.73 -15.52 10.11
CA LYS A 91 -12.02 -16.89 9.69
C LYS A 91 -13.23 -16.94 8.77
N MET A 1 -21.68 4.04 -9.49
CA MET A 1 -21.40 2.59 -9.30
C MET A 1 -20.68 2.00 -10.51
N LYS A 2 -19.88 2.84 -11.17
CA LYS A 2 -19.12 2.41 -12.34
C LYS A 2 -17.86 3.25 -12.51
N LYS A 3 -16.88 2.70 -13.23
CA LYS A 3 -15.62 3.39 -13.47
C LYS A 3 -15.10 4.07 -12.20
N LEU A 4 -14.30 3.34 -11.42
CA LEU A 4 -13.75 3.87 -10.18
C LEU A 4 -14.86 4.22 -9.20
N LYS A 5 -15.32 3.23 -8.45
CA LYS A 5 -16.38 3.43 -7.47
C LYS A 5 -15.86 4.14 -6.23
N LYS A 6 -15.07 3.41 -5.42
CA LYS A 6 -14.50 3.98 -4.20
C LYS A 6 -15.59 4.59 -3.32
N HIS A 7 -16.63 3.81 -3.03
CA HIS A 7 -17.73 4.28 -2.19
C HIS A 7 -18.75 3.17 -1.96
N PRO A 8 -19.38 2.67 -3.04
CA PRO A 8 -20.38 1.60 -2.95
C PRO A 8 -19.75 0.22 -2.81
N ASP A 9 -18.42 0.17 -2.78
CA ASP A 9 -17.71 -1.11 -2.66
C ASP A 9 -16.95 -1.19 -1.33
N PHE A 10 -16.10 -2.20 -1.22
CA PHE A 10 -15.30 -2.40 -0.01
C PHE A 10 -14.33 -1.24 0.20
N PRO A 11 -14.19 -0.76 1.45
CA PRO A 11 -13.29 0.35 1.78
C PRO A 11 -11.82 -0.07 1.77
N LYS A 12 -11.15 0.16 0.66
CA LYS A 12 -9.74 -0.20 0.53
C LYS A 12 -9.19 0.17 -0.84
N LYS A 13 -7.92 0.56 -0.88
CA LYS A 13 -7.26 0.95 -2.12
C LYS A 13 -5.83 1.41 -1.86
N PRO A 14 -5.65 2.47 -1.05
CA PRO A 14 -4.32 3.00 -0.73
C PRO A 14 -3.37 1.91 -0.21
N LEU A 15 -2.12 2.28 0.01
CA LEU A 15 -1.12 1.34 0.50
C LEU A 15 -0.38 1.90 1.70
N THR A 16 0.47 1.08 2.31
CA THR A 16 1.24 1.48 3.48
C THR A 16 2.52 2.20 3.05
N PRO A 17 3.29 2.77 3.99
CA PRO A 17 4.52 3.47 3.69
C PRO A 17 5.59 2.52 3.15
N TYR A 18 5.63 1.31 3.71
CA TYR A 18 6.58 0.30 3.27
C TYR A 18 6.17 -0.26 1.91
N PHE A 19 4.87 -0.29 1.66
CA PHE A 19 4.35 -0.79 0.39
C PHE A 19 4.71 0.16 -0.74
N ARG A 20 4.32 1.43 -0.58
CA ARG A 20 4.62 2.44 -1.58
C ARG A 20 6.13 2.62 -1.74
N PHE A 21 6.89 2.10 -0.78
CA PHE A 21 8.34 2.20 -0.79
C PHE A 21 8.97 0.95 -1.40
N PHE A 22 8.41 -0.20 -1.07
CA PHE A 22 8.92 -1.48 -1.58
C PHE A 22 8.26 -1.81 -2.90
N MET A 23 6.94 -1.84 -2.89
CA MET A 23 6.16 -2.16 -4.08
C MET A 23 6.58 -1.30 -5.27
N GLU A 24 7.15 -0.13 -4.99
CA GLU A 24 7.60 0.77 -6.04
C GLU A 24 9.05 0.50 -6.42
N LYS A 25 9.91 0.42 -5.41
CA LYS A 25 11.33 0.17 -5.64
C LYS A 25 11.55 -1.17 -6.33
N ARG A 26 10.62 -2.10 -6.11
CA ARG A 26 10.69 -3.42 -6.71
C ARG A 26 10.97 -3.33 -8.20
N ALA A 27 10.31 -2.38 -8.85
CA ALA A 27 10.50 -2.16 -10.27
C ALA A 27 11.95 -1.80 -10.56
N LYS A 28 12.55 -1.07 -9.62
CA LYS A 28 13.94 -0.64 -9.75
C LYS A 28 14.91 -1.70 -9.23
N TYR A 29 14.38 -2.69 -8.51
CA TYR A 29 15.22 -3.75 -7.95
C TYR A 29 15.16 -5.01 -8.80
N ALA A 30 14.05 -5.20 -9.51
CA ALA A 30 13.89 -6.36 -10.37
C ALA A 30 14.63 -6.15 -11.68
N LYS A 31 14.95 -4.88 -11.95
CA LYS A 31 15.66 -4.52 -13.16
C LYS A 31 17.14 -4.28 -12.88
N LEU A 32 17.47 -4.03 -11.61
CA LEU A 32 18.85 -3.77 -11.20
C LEU A 32 19.51 -5.01 -10.59
N HIS A 33 18.74 -6.09 -10.45
CA HIS A 33 19.27 -7.32 -9.88
C HIS A 33 19.30 -8.44 -10.91
N PRO A 34 20.17 -8.34 -11.93
CA PRO A 34 20.29 -9.34 -12.98
C PRO A 34 21.01 -10.60 -12.51
N GLU A 35 22.02 -10.42 -11.67
CA GLU A 35 22.79 -11.54 -11.14
C GLU A 35 22.37 -11.84 -9.70
N MET A 36 21.19 -11.37 -9.33
CA MET A 36 20.65 -11.59 -7.99
C MET A 36 19.18 -11.97 -8.06
N SER A 37 18.52 -12.01 -6.91
CA SER A 37 17.12 -12.37 -6.85
C SER A 37 16.33 -11.36 -6.00
N ASN A 38 15.01 -11.45 -6.07
CA ASN A 38 14.14 -10.56 -5.30
C ASN A 38 14.45 -10.62 -3.81
N LEU A 39 15.11 -11.71 -3.39
CA LEU A 39 15.46 -11.89 -1.99
C LEU A 39 16.56 -10.93 -1.57
N ASP A 40 17.55 -10.74 -2.47
CA ASP A 40 18.66 -9.85 -2.18
C ASP A 40 18.19 -8.41 -2.04
N LEU A 41 17.35 -7.97 -2.97
CA LEU A 41 16.83 -6.61 -2.95
C LEU A 41 15.90 -6.40 -1.75
N THR A 42 15.20 -7.45 -1.35
CA THR A 42 14.28 -7.37 -0.22
C THR A 42 14.99 -6.86 1.02
N LYS A 43 16.14 -7.45 1.33
CA LYS A 43 16.93 -7.05 2.49
C LYS A 43 17.25 -5.55 2.41
N ILE A 44 17.55 -5.10 1.20
CA ILE A 44 17.89 -3.70 0.97
C ILE A 44 16.79 -2.77 1.46
N LEU A 45 15.55 -3.08 1.11
CA LEU A 45 14.41 -2.25 1.50
C LEU A 45 13.90 -2.61 2.89
N SER A 46 14.19 -3.83 3.35
CA SER A 46 13.75 -4.26 4.67
C SER A 46 14.72 -3.80 5.74
N LYS A 47 15.94 -3.47 5.32
CA LYS A 47 16.97 -3.01 6.23
C LYS A 47 17.00 -1.50 6.29
N LYS A 48 16.80 -0.86 5.15
CA LYS A 48 16.81 0.61 5.07
C LYS A 48 15.55 1.19 5.71
N TYR A 49 14.39 0.72 5.26
CA TYR A 49 13.11 1.19 5.77
C TYR A 49 13.10 1.25 7.29
N LYS A 50 13.76 0.28 7.93
CA LYS A 50 13.82 0.23 9.38
C LYS A 50 14.87 1.20 9.91
N GLU A 51 16.02 1.24 9.24
CA GLU A 51 17.10 2.13 9.64
C GLU A 51 16.65 3.59 9.67
N LEU A 52 15.59 3.88 8.92
CA LEU A 52 15.04 5.23 8.87
C LEU A 52 14.74 5.78 10.26
N PRO A 53 15.13 7.03 10.53
CA PRO A 53 14.89 7.68 11.83
C PRO A 53 13.46 8.15 12.01
N GLU A 54 12.55 7.56 11.26
CA GLU A 54 11.15 7.95 11.31
C GLU A 54 10.99 9.44 10.98
N LYS A 55 12.06 10.06 10.48
CA LYS A 55 12.01 11.46 10.13
C LYS A 55 11.45 11.66 8.73
N LYS A 56 11.66 10.67 7.87
CA LYS A 56 11.17 10.73 6.49
C LYS A 56 9.89 9.91 6.34
N LYS A 57 9.71 8.92 7.20
CA LYS A 57 8.53 8.07 7.17
C LYS A 57 7.28 8.93 7.34
N MET A 58 7.40 9.99 8.12
CA MET A 58 6.30 10.90 8.32
C MET A 58 5.74 11.33 6.97
N LYS A 59 6.60 11.31 5.95
CA LYS A 59 6.20 11.67 4.60
C LYS A 59 5.39 10.53 3.98
N TYR A 60 5.92 9.32 4.07
CA TYR A 60 5.25 8.15 3.54
C TYR A 60 3.96 7.89 4.29
N ILE A 61 4.06 7.82 5.61
CA ILE A 61 2.89 7.57 6.45
C ILE A 61 1.83 8.63 6.20
N GLN A 62 2.26 9.88 6.06
CA GLN A 62 1.34 10.97 5.80
C GLN A 62 0.75 10.78 4.41
N ASP A 63 1.47 10.05 3.57
CA ASP A 63 1.02 9.76 2.23
C ASP A 63 0.09 8.56 2.25
N PHE A 64 0.23 7.74 3.28
CA PHE A 64 -0.59 6.55 3.45
C PHE A 64 -1.88 6.89 4.19
N GLN A 65 -1.75 7.62 5.30
CA GLN A 65 -2.90 7.99 6.11
C GLN A 65 -3.81 8.96 5.37
N ARG A 66 -3.22 9.97 4.73
CA ARG A 66 -4.00 10.96 3.99
C ARG A 66 -5.03 10.29 3.08
N GLU A 67 -4.72 9.08 2.64
CA GLU A 67 -5.62 8.34 1.77
C GLU A 67 -6.42 7.31 2.55
N LYS A 68 -5.71 6.40 3.22
CA LYS A 68 -6.35 5.35 4.01
C LYS A 68 -7.31 5.92 5.03
N GLN A 69 -6.86 6.95 5.75
CA GLN A 69 -7.68 7.59 6.76
C GLN A 69 -9.05 7.98 6.21
N GLU A 70 -9.06 8.66 5.07
CA GLU A 70 -10.30 9.09 4.45
C GLU A 70 -10.95 7.95 3.65
N PHE A 71 -10.31 6.78 3.63
CA PHE A 71 -10.84 5.64 2.91
C PHE A 71 -11.55 4.66 3.83
N GLU A 72 -10.98 4.45 5.02
CA GLU A 72 -11.56 3.51 5.98
C GLU A 72 -12.36 4.21 7.08
N ARG A 73 -12.45 5.53 7.02
CA ARG A 73 -13.18 6.29 8.04
C ARG A 73 -14.67 6.43 7.69
N ASN A 74 -14.96 6.73 6.43
CA ASN A 74 -16.35 6.90 6.00
C ASN A 74 -16.88 5.65 5.29
N LEU A 75 -16.13 5.14 4.33
CA LEU A 75 -16.53 3.96 3.58
C LEU A 75 -16.64 2.74 4.48
N ALA A 76 -15.93 2.77 5.61
CA ALA A 76 -15.94 1.66 6.56
C ALA A 76 -17.36 1.20 6.88
N ARG A 77 -18.05 1.95 7.73
CA ARG A 77 -19.42 1.61 8.11
C ARG A 77 -20.43 2.03 7.03
N PHE A 78 -19.93 2.62 5.94
CA PHE A 78 -20.79 3.06 4.85
C PHE A 78 -21.72 1.95 4.38
N ARG A 79 -21.16 0.97 3.66
CA ARG A 79 -21.94 -0.14 3.15
C ARG A 79 -21.79 -1.39 4.02
N GLU A 80 -20.95 -2.34 3.59
CA GLU A 80 -20.73 -3.57 4.35
C GLU A 80 -19.44 -3.51 5.16
N ASP A 81 -18.31 -3.64 4.47
CA ASP A 81 -17.01 -3.61 5.13
C ASP A 81 -16.83 -4.83 6.03
N HIS A 82 -16.23 -5.88 5.48
CA HIS A 82 -15.99 -7.11 6.24
C HIS A 82 -15.24 -8.14 5.39
N PRO A 83 -15.75 -8.44 4.18
CA PRO A 83 -15.10 -9.40 3.28
C PRO A 83 -13.79 -8.88 2.72
N ASP A 84 -13.02 -9.77 2.10
CA ASP A 84 -11.73 -9.40 1.52
C ASP A 84 -11.71 -9.68 0.02
N LEU A 85 -11.47 -8.64 -0.77
CA LEU A 85 -11.43 -8.78 -2.22
C LEU A 85 -10.77 -7.56 -2.87
N ILE A 86 -9.85 -7.81 -3.80
CA ILE A 86 -9.16 -6.73 -4.50
C ILE A 86 -9.93 -6.30 -5.74
N GLN A 87 -10.99 -5.51 -5.53
CA GLN A 87 -11.80 -5.03 -6.63
C GLN A 87 -11.55 -3.55 -6.89
N ASN A 88 -12.43 -2.93 -7.67
CA ASN A 88 -12.30 -1.51 -8.00
C ASN A 88 -11.04 -1.26 -8.82
N ALA A 89 -11.21 -1.12 -10.13
CA ALA A 89 -10.08 -0.88 -11.03
C ALA A 89 -9.81 0.61 -11.17
N LYS A 90 -8.73 0.94 -11.88
CA LYS A 90 -8.35 2.33 -12.08
C LYS A 90 -8.52 2.73 -13.55
N LYS A 91 -7.69 2.14 -14.41
CA LYS A 91 -7.76 2.43 -15.84
C LYS A 91 -6.98 1.38 -16.64
N MET A 1 -4.16 -4.61 -10.87
CA MET A 1 -4.33 -3.19 -11.27
C MET A 1 -5.36 -3.06 -12.39
N LYS A 2 -6.06 -1.92 -12.42
CA LYS A 2 -7.07 -1.68 -13.44
C LYS A 2 -8.18 -2.71 -13.37
N LYS A 3 -9.38 -2.32 -13.81
CA LYS A 3 -10.53 -3.22 -13.81
C LYS A 3 -10.84 -3.70 -12.39
N LEU A 4 -10.40 -2.94 -11.39
CA LEU A 4 -10.65 -3.29 -10.00
C LEU A 4 -9.97 -2.28 -9.06
N LYS A 5 -10.69 -1.21 -8.75
CA LYS A 5 -10.16 -0.17 -7.87
C LYS A 5 -11.29 0.52 -7.11
N LYS A 6 -12.30 -0.25 -6.72
CA LYS A 6 -13.43 0.31 -5.99
C LYS A 6 -14.35 -0.79 -5.48
N HIS A 7 -14.48 -0.91 -4.16
CA HIS A 7 -15.34 -1.92 -3.55
C HIS A 7 -16.71 -1.35 -3.16
N PRO A 8 -16.74 -0.20 -2.46
CA PRO A 8 -18.00 0.41 -2.03
C PRO A 8 -18.59 1.36 -3.07
N ASP A 9 -18.64 0.91 -4.33
CA ASP A 9 -19.19 1.70 -5.43
C ASP A 9 -18.18 2.68 -6.02
N PHE A 10 -17.09 2.95 -5.30
CA PHE A 10 -16.07 3.87 -5.78
C PHE A 10 -14.84 3.90 -4.87
N PRO A 11 -15.02 4.24 -3.58
CA PRO A 11 -13.92 4.31 -2.63
C PRO A 11 -13.08 3.03 -2.63
N LYS A 12 -12.08 2.98 -1.76
CA LYS A 12 -11.20 1.82 -1.65
C LYS A 12 -10.18 2.00 -0.54
N LYS A 13 -9.23 1.07 -0.47
CA LYS A 13 -8.18 1.13 0.55
C LYS A 13 -6.80 1.27 -0.09
N PRO A 14 -5.99 2.24 0.37
CA PRO A 14 -4.65 2.48 -0.16
C PRO A 14 -3.65 1.42 0.31
N LEU A 15 -2.37 1.70 0.10
CA LEU A 15 -1.31 0.77 0.50
C LEU A 15 -0.64 1.27 1.77
N THR A 16 0.33 0.50 2.26
CA THR A 16 1.05 0.86 3.48
C THR A 16 2.43 1.42 3.13
N PRO A 17 2.98 2.31 3.99
CA PRO A 17 4.29 2.92 3.78
C PRO A 17 5.32 1.91 3.30
N TYR A 18 5.38 0.76 3.97
CA TYR A 18 6.31 -0.29 3.60
C TYR A 18 5.96 -0.87 2.23
N PHE A 19 4.66 -0.89 1.92
CA PHE A 19 4.19 -1.41 0.64
C PHE A 19 4.50 -0.40 -0.48
N ARG A 20 4.19 0.87 -0.21
CA ARG A 20 4.44 1.93 -1.18
C ARG A 20 5.94 2.24 -1.29
N PHE A 21 6.73 1.63 -0.40
CA PHE A 21 8.17 1.85 -0.39
C PHE A 21 8.89 0.69 -1.07
N PHE A 22 8.33 -0.51 -0.93
CA PHE A 22 8.90 -1.70 -1.52
C PHE A 22 8.55 -1.78 -3.00
N MET A 23 7.25 -1.84 -3.27
CA MET A 23 6.75 -1.90 -4.63
C MET A 23 7.31 -0.76 -5.48
N GLU A 24 7.57 0.38 -4.82
CA GLU A 24 8.09 1.55 -5.50
C GLU A 24 9.53 1.33 -5.97
N LYS A 25 10.40 0.99 -5.04
CA LYS A 25 11.81 0.77 -5.35
C LYS A 25 12.06 -0.58 -6.00
N ARG A 26 11.00 -1.38 -6.14
CA ARG A 26 11.13 -2.69 -6.75
C ARG A 26 11.55 -2.52 -8.20
N ALA A 27 11.10 -1.44 -8.81
CA ALA A 27 11.44 -1.13 -10.19
C ALA A 27 12.93 -0.86 -10.32
N LYS A 28 13.47 -0.20 -9.30
CA LYS A 28 14.89 0.13 -9.26
C LYS A 28 15.74 -1.09 -8.89
N TYR A 29 15.10 -2.11 -8.32
CA TYR A 29 15.79 -3.33 -7.92
C TYR A 29 15.62 -4.44 -8.95
N ALA A 30 14.46 -4.45 -9.60
CA ALA A 30 14.18 -5.46 -10.62
C ALA A 30 14.99 -5.18 -11.88
N LYS A 31 15.50 -3.96 -11.97
CA LYS A 31 16.30 -3.53 -13.09
C LYS A 31 17.79 -3.62 -12.79
N LEU A 32 18.13 -3.66 -11.50
CA LEU A 32 19.52 -3.73 -11.08
C LEU A 32 19.86 -5.08 -10.44
N HIS A 33 18.86 -5.96 -10.32
CA HIS A 33 19.08 -7.28 -9.72
C HIS A 33 18.76 -8.39 -10.72
N PRO A 34 19.36 -8.35 -11.92
CA PRO A 34 19.15 -9.38 -12.94
C PRO A 34 19.83 -10.70 -12.62
N GLU A 35 20.83 -10.65 -11.73
CA GLU A 35 21.55 -11.84 -11.33
C GLU A 35 21.26 -12.22 -9.88
N MET A 36 20.13 -11.75 -9.36
CA MET A 36 19.73 -12.03 -7.99
C MET A 36 18.47 -12.89 -7.97
N SER A 37 17.82 -12.96 -6.82
CA SER A 37 16.61 -13.75 -6.67
C SER A 37 15.48 -12.93 -6.05
N ASN A 38 15.66 -11.61 -5.99
CA ASN A 38 14.66 -10.71 -5.40
C ASN A 38 14.78 -10.66 -3.88
N LEU A 39 15.35 -11.72 -3.30
CA LEU A 39 15.53 -11.77 -1.85
C LEU A 39 16.58 -10.76 -1.42
N ASP A 40 17.59 -10.58 -2.27
CA ASP A 40 18.65 -9.63 -1.98
C ASP A 40 18.08 -8.21 -1.89
N LEU A 41 17.42 -7.78 -2.96
CA LEU A 41 16.81 -6.46 -3.00
C LEU A 41 15.80 -6.28 -1.88
N THR A 42 15.08 -7.35 -1.55
CA THR A 42 14.08 -7.31 -0.50
C THR A 42 14.72 -6.91 0.83
N LYS A 43 15.81 -7.57 1.19
CA LYS A 43 16.52 -7.26 2.44
C LYS A 43 16.88 -5.78 2.49
N ILE A 44 17.33 -5.26 1.35
CA ILE A 44 17.71 -3.86 1.24
C ILE A 44 16.58 -2.94 1.70
N LEU A 45 15.39 -3.21 1.19
CA LEU A 45 14.22 -2.42 1.54
C LEU A 45 13.84 -2.59 3.01
N SER A 46 14.17 -3.74 3.57
CA SER A 46 13.86 -4.03 4.97
C SER A 46 14.94 -3.46 5.89
N LYS A 47 16.04 -3.03 5.30
CA LYS A 47 17.15 -2.47 6.05
C LYS A 47 17.09 -0.94 6.04
N LYS A 48 16.58 -0.38 4.94
CA LYS A 48 16.47 1.07 4.81
C LYS A 48 15.28 1.60 5.60
N TYR A 49 14.12 0.98 5.42
CA TYR A 49 12.91 1.39 6.11
C TYR A 49 13.16 1.63 7.60
N LYS A 50 13.93 0.77 8.22
CA LYS A 50 14.23 0.90 9.64
C LYS A 50 15.45 1.80 9.87
N GLU A 51 16.38 1.77 8.93
CA GLU A 51 17.60 2.58 9.03
C GLU A 51 17.27 4.07 9.11
N LEU A 52 16.30 4.51 8.31
CA LEU A 52 15.91 5.92 8.31
C LEU A 52 15.58 6.41 9.71
N PRO A 53 15.87 7.70 9.99
CA PRO A 53 15.61 8.33 11.29
C PRO A 53 14.13 8.54 11.57
N GLU A 54 13.30 7.67 11.01
CA GLU A 54 11.85 7.79 11.17
C GLU A 54 11.35 9.10 10.58
N LYS A 55 12.26 9.86 9.94
CA LYS A 55 11.89 11.11 9.33
C LYS A 55 11.33 10.89 7.92
N LYS A 56 11.64 9.72 7.36
CA LYS A 56 11.16 9.37 6.03
C LYS A 56 9.79 8.74 6.11
N LYS A 57 9.57 7.95 7.15
CA LYS A 57 8.29 7.30 7.37
C LYS A 57 7.19 8.32 7.48
N MET A 58 7.44 9.33 8.31
CA MET A 58 6.48 10.42 8.52
C MET A 58 5.87 10.87 7.20
N LYS A 59 6.65 10.72 6.12
CA LYS A 59 6.21 11.10 4.79
C LYS A 59 5.33 10.00 4.19
N TYR A 60 5.79 8.76 4.33
CA TYR A 60 5.06 7.62 3.80
C TYR A 60 3.75 7.41 4.53
N ILE A 61 3.79 7.39 5.86
CA ILE A 61 2.59 7.20 6.65
C ILE A 61 1.58 8.30 6.36
N GLN A 62 2.08 9.51 6.17
CA GLN A 62 1.21 10.63 5.85
C GLN A 62 0.63 10.42 4.46
N ASP A 63 1.39 9.72 3.64
CA ASP A 63 0.96 9.42 2.28
C ASP A 63 -0.02 8.25 2.27
N PHE A 64 0.09 7.40 3.29
CA PHE A 64 -0.79 6.25 3.42
C PHE A 64 -2.11 6.66 4.06
N GLN A 65 -2.03 7.55 5.04
CA GLN A 65 -3.22 8.03 5.74
C GLN A 65 -3.97 9.06 4.90
N ARG A 66 -3.23 9.88 4.16
CA ARG A 66 -3.83 10.90 3.32
C ARG A 66 -4.78 10.28 2.30
N GLU A 67 -4.27 9.29 1.57
CA GLU A 67 -5.06 8.60 0.56
C GLU A 67 -6.35 8.06 1.16
N LYS A 68 -6.23 7.32 2.24
CA LYS A 68 -7.38 6.74 2.91
C LYS A 68 -8.32 7.83 3.40
N GLN A 69 -7.75 8.97 3.76
CA GLN A 69 -8.53 10.10 4.23
C GLN A 69 -9.54 10.55 3.18
N GLU A 70 -9.03 10.93 2.01
CA GLU A 70 -9.88 11.38 0.92
C GLU A 70 -10.69 10.23 0.33
N PHE A 71 -10.22 9.00 0.54
CA PHE A 71 -10.90 7.82 0.02
C PHE A 71 -12.25 7.60 0.71
N GLU A 72 -12.25 7.72 2.03
CA GLU A 72 -13.48 7.51 2.80
C GLU A 72 -14.14 8.84 3.20
N ARG A 73 -13.41 9.95 3.02
CA ARG A 73 -13.93 11.27 3.39
C ARG A 73 -15.24 11.57 2.63
N ASN A 74 -15.13 12.10 1.42
CA ASN A 74 -16.29 12.43 0.62
C ASN A 74 -16.67 11.29 -0.32
N LEU A 75 -15.69 10.46 -0.66
CA LEU A 75 -15.91 9.33 -1.55
C LEU A 75 -16.89 8.33 -0.93
N ALA A 76 -16.82 8.18 0.38
CA ALA A 76 -17.69 7.25 1.09
C ALA A 76 -19.16 7.61 0.91
N ARG A 77 -19.44 8.85 0.51
CA ARG A 77 -20.81 9.29 0.30
C ARG A 77 -21.41 8.71 -0.99
N PHE A 78 -20.58 8.01 -1.77
CA PHE A 78 -21.03 7.42 -3.02
C PHE A 78 -21.72 6.07 -2.77
N ARG A 79 -21.10 5.23 -1.95
CA ARG A 79 -21.65 3.91 -1.63
C ARG A 79 -23.12 4.03 -1.22
N GLU A 80 -23.49 5.17 -0.65
CA GLU A 80 -24.86 5.40 -0.21
C GLU A 80 -25.69 6.04 -1.31
N ASP A 81 -25.03 6.77 -2.20
CA ASP A 81 -25.72 7.45 -3.30
C ASP A 81 -26.51 6.45 -4.13
N HIS A 82 -25.82 5.68 -4.97
CA HIS A 82 -26.47 4.69 -5.82
C HIS A 82 -25.69 3.37 -5.82
N PRO A 83 -26.36 2.26 -5.48
CA PRO A 83 -25.71 0.94 -5.44
C PRO A 83 -25.47 0.37 -6.84
N ASP A 84 -24.26 0.54 -7.33
CA ASP A 84 -23.90 0.04 -8.65
C ASP A 84 -22.58 -0.72 -8.61
N LEU A 85 -22.19 -1.27 -9.75
CA LEU A 85 -20.94 -2.04 -9.84
C LEU A 85 -20.51 -2.20 -11.30
N ILE A 86 -20.69 -1.16 -12.09
CA ILE A 86 -20.32 -1.18 -13.50
C ILE A 86 -18.93 -0.60 -13.73
N GLN A 87 -18.27 -0.17 -12.65
CA GLN A 87 -16.94 0.42 -12.74
C GLN A 87 -15.87 -0.65 -12.52
N ASN A 88 -15.76 -1.58 -13.46
CA ASN A 88 -14.78 -2.65 -13.36
C ASN A 88 -13.84 -2.65 -14.57
N ALA A 89 -13.43 -1.46 -14.98
CA ALA A 89 -12.53 -1.31 -16.11
C ALA A 89 -11.85 0.06 -16.11
N LYS A 90 -10.93 0.26 -17.04
CA LYS A 90 -10.21 1.52 -17.14
C LYS A 90 -11.17 2.68 -17.37
N LYS A 91 -10.81 3.86 -16.85
CA LYS A 91 -11.64 5.05 -16.99
C LYS A 91 -11.47 5.67 -18.37
N MET A 1 1.35 3.70 -10.61
CA MET A 1 0.07 3.11 -10.15
C MET A 1 -0.94 3.02 -11.28
N LYS A 2 -0.99 1.86 -11.94
CA LYS A 2 -1.91 1.65 -13.04
C LYS A 2 -3.23 1.07 -12.55
N LYS A 3 -3.82 1.70 -11.54
CA LYS A 3 -5.08 1.25 -10.97
C LYS A 3 -5.52 2.17 -9.85
N LEU A 4 -6.76 2.65 -9.92
CA LEU A 4 -7.30 3.54 -8.90
C LEU A 4 -8.76 3.88 -9.19
N LYS A 5 -9.67 3.24 -8.46
CA LYS A 5 -11.09 3.49 -8.63
C LYS A 5 -11.79 3.60 -7.26
N LYS A 6 -12.23 2.47 -6.72
CA LYS A 6 -12.89 2.46 -5.42
C LYS A 6 -13.48 1.09 -5.10
N HIS A 7 -14.25 1.02 -4.01
CA HIS A 7 -14.86 -0.23 -3.56
C HIS A 7 -15.48 -1.03 -4.71
N PRO A 8 -16.28 -0.38 -5.59
CA PRO A 8 -16.92 -1.06 -6.72
C PRO A 8 -16.03 -2.12 -7.37
N ASP A 9 -14.73 -1.88 -7.34
CA ASP A 9 -13.77 -2.83 -7.90
C ASP A 9 -12.71 -3.20 -6.87
N PHE A 10 -11.61 -3.79 -7.34
CA PHE A 10 -10.52 -4.19 -6.44
C PHE A 10 -10.18 -3.09 -5.44
N PRO A 11 -9.95 -1.85 -5.93
CA PRO A 11 -9.61 -0.70 -5.08
C PRO A 11 -10.40 -0.66 -3.78
N LYS A 12 -9.68 -0.51 -2.68
CA LYS A 12 -10.28 -0.46 -1.34
C LYS A 12 -9.18 -0.36 -0.29
N LYS A 13 -9.20 0.70 0.50
CA LYS A 13 -8.20 0.91 1.54
C LYS A 13 -6.80 1.03 0.92
N PRO A 14 -6.12 2.16 1.16
CA PRO A 14 -4.77 2.41 0.61
C PRO A 14 -3.74 1.41 1.14
N LEU A 15 -2.55 1.46 0.56
CA LEU A 15 -1.47 0.56 0.97
C LEU A 15 -0.72 1.14 2.17
N THR A 16 0.29 0.41 2.64
CA THR A 16 1.08 0.85 3.77
C THR A 16 2.36 1.55 3.32
N PRO A 17 2.85 2.52 4.11
CA PRO A 17 4.06 3.27 3.78
C PRO A 17 5.18 2.37 3.27
N TYR A 18 5.31 1.19 3.86
CA TYR A 18 6.34 0.25 3.46
C TYR A 18 5.99 -0.39 2.12
N PHE A 19 4.71 -0.67 1.91
CA PHE A 19 4.25 -1.27 0.66
C PHE A 19 4.46 -0.33 -0.52
N ARG A 20 4.12 0.94 -0.31
CA ARG A 20 4.29 1.95 -1.35
C ARG A 20 5.77 2.31 -1.55
N PHE A 21 6.64 1.72 -0.74
CA PHE A 21 8.08 1.97 -0.81
C PHE A 21 8.78 0.85 -1.57
N PHE A 22 8.31 -0.37 -1.35
CA PHE A 22 8.87 -1.55 -2.00
C PHE A 22 8.34 -1.67 -3.42
N MET A 23 7.03 -1.80 -3.51
CA MET A 23 6.35 -1.93 -4.79
C MET A 23 6.63 -0.75 -5.72
N GLU A 24 7.03 0.38 -5.15
CA GLU A 24 7.30 1.58 -5.95
C GLU A 24 8.72 1.59 -6.51
N LYS A 25 9.70 1.22 -5.69
CA LYS A 25 11.09 1.21 -6.13
C LYS A 25 11.57 -0.18 -6.50
N ARG A 26 10.68 -1.18 -6.39
CA ARG A 26 11.04 -2.55 -6.74
C ARG A 26 11.62 -2.58 -8.14
N ALA A 27 11.07 -1.76 -9.00
CA ALA A 27 11.53 -1.66 -10.38
C ALA A 27 13.02 -1.33 -10.40
N LYS A 28 13.44 -0.54 -9.43
CA LYS A 28 14.83 -0.14 -9.31
C LYS A 28 15.72 -1.30 -8.86
N TYR A 29 15.10 -2.33 -8.29
CA TYR A 29 15.83 -3.50 -7.82
C TYR A 29 15.73 -4.66 -8.81
N ALA A 30 14.63 -4.70 -9.55
CA ALA A 30 14.43 -5.75 -10.53
C ALA A 30 15.37 -5.52 -11.71
N LYS A 31 15.90 -4.32 -11.78
CA LYS A 31 16.82 -3.93 -12.83
C LYS A 31 18.26 -3.90 -12.30
N LEU A 32 18.39 -3.71 -10.99
CA LEU A 32 19.71 -3.65 -10.36
C LEU A 32 20.13 -5.01 -9.80
N HIS A 33 19.26 -6.01 -9.92
CA HIS A 33 19.56 -7.35 -9.41
C HIS A 33 19.62 -8.37 -10.55
N PRO A 34 20.49 -8.13 -11.55
CA PRO A 34 20.64 -9.04 -12.70
C PRO A 34 21.31 -10.35 -12.32
N GLU A 35 22.25 -10.27 -11.39
CA GLU A 35 22.98 -11.46 -10.93
C GLU A 35 22.53 -11.85 -9.52
N MET A 36 21.34 -11.38 -9.13
CA MET A 36 20.80 -11.69 -7.81
C MET A 36 19.35 -12.15 -7.93
N SER A 37 18.64 -12.15 -6.81
CA SER A 37 17.25 -12.56 -6.79
C SER A 37 16.40 -11.56 -6.01
N ASN A 38 15.08 -11.66 -6.18
CA ASN A 38 14.16 -10.76 -5.48
C ASN A 38 14.36 -10.85 -3.97
N LEU A 39 14.95 -11.94 -3.51
CA LEU A 39 15.20 -12.13 -2.09
C LEU A 39 16.25 -11.16 -1.58
N ASP A 40 17.26 -10.90 -2.41
CA ASP A 40 18.33 -9.98 -2.04
C ASP A 40 17.81 -8.56 -1.93
N LEU A 41 17.13 -8.09 -2.98
CA LEU A 41 16.58 -6.75 -2.99
C LEU A 41 15.56 -6.56 -1.88
N THR A 42 14.72 -7.58 -1.67
CA THR A 42 13.69 -7.52 -0.64
C THR A 42 14.32 -7.23 0.73
N LYS A 43 15.42 -7.93 1.03
CA LYS A 43 16.10 -7.74 2.30
C LYS A 43 16.59 -6.29 2.42
N ILE A 44 17.14 -5.77 1.33
CA ILE A 44 17.64 -4.40 1.30
C ILE A 44 16.54 -3.41 1.66
N LEU A 45 15.36 -3.60 1.06
CA LEU A 45 14.23 -2.72 1.31
C LEU A 45 13.73 -2.86 2.74
N SER A 46 13.92 -4.04 3.32
CA SER A 46 13.50 -4.29 4.70
C SER A 46 14.54 -3.78 5.69
N LYS A 47 15.71 -3.42 5.18
CA LYS A 47 16.80 -2.92 5.99
C LYS A 47 16.85 -1.39 5.94
N LYS A 48 16.60 -0.84 4.74
CA LYS A 48 16.61 0.60 4.54
C LYS A 48 15.44 1.26 5.26
N TYR A 49 14.24 0.73 5.01
CA TYR A 49 13.03 1.26 5.62
C TYR A 49 13.19 1.44 7.14
N LYS A 50 13.76 0.44 7.79
CA LYS A 50 13.98 0.51 9.23
C LYS A 50 15.20 1.35 9.57
N GLU A 51 16.09 1.50 8.59
CA GLU A 51 17.31 2.28 8.79
C GLU A 51 17.02 3.77 8.94
N LEU A 52 16.13 4.29 8.09
CA LEU A 52 15.78 5.70 8.14
C LEU A 52 15.41 6.14 9.55
N PRO A 53 15.75 7.39 9.91
CA PRO A 53 15.45 7.95 11.23
C PRO A 53 13.97 8.23 11.44
N GLU A 54 13.13 7.42 10.81
CA GLU A 54 11.69 7.60 10.89
C GLU A 54 11.29 8.90 10.20
N LYS A 55 12.27 9.66 9.73
CA LYS A 55 11.98 10.91 9.06
C LYS A 55 11.50 10.65 7.64
N LYS A 56 11.85 9.48 7.10
CA LYS A 56 11.44 9.11 5.75
C LYS A 56 10.03 8.54 5.77
N LYS A 57 9.65 7.99 6.90
CA LYS A 57 8.31 7.43 7.06
C LYS A 57 7.31 8.52 7.38
N MET A 58 7.75 9.49 8.17
CA MET A 58 6.91 10.62 8.57
C MET A 58 6.19 11.18 7.36
N LYS A 59 6.84 11.08 6.21
CA LYS A 59 6.27 11.57 4.98
C LYS A 59 5.32 10.52 4.40
N TYR A 60 5.80 9.28 4.31
CA TYR A 60 4.99 8.19 3.80
C TYR A 60 3.70 8.05 4.60
N ILE A 61 3.80 8.10 5.93
CA ILE A 61 2.63 7.97 6.79
C ILE A 61 1.58 9.01 6.40
N GLN A 62 2.06 10.17 5.95
CA GLN A 62 1.17 11.24 5.53
C GLN A 62 0.56 10.90 4.19
N ASP A 63 1.25 10.06 3.43
CA ASP A 63 0.76 9.62 2.13
C ASP A 63 -0.20 8.45 2.29
N PHE A 64 0.05 7.64 3.31
CA PHE A 64 -0.79 6.48 3.60
C PHE A 64 -2.06 6.90 4.34
N GLN A 65 -1.95 7.96 5.12
CA GLN A 65 -3.09 8.47 5.89
C GLN A 65 -3.98 9.37 5.02
N ARG A 66 -3.36 10.31 4.33
CA ARG A 66 -4.10 11.23 3.47
C ARG A 66 -5.00 10.46 2.49
N GLU A 67 -4.55 9.29 2.09
CA GLU A 67 -5.31 8.45 1.17
C GLU A 67 -6.51 7.83 1.86
N LYS A 68 -6.31 7.40 3.10
CA LYS A 68 -7.38 6.78 3.87
C LYS A 68 -8.54 7.75 4.13
N GLN A 69 -8.26 9.03 3.97
CA GLN A 69 -9.28 10.06 4.20
C GLN A 69 -9.89 10.57 2.88
N GLU A 70 -9.10 10.58 1.82
CA GLU A 70 -9.58 11.07 0.52
C GLU A 70 -9.94 9.93 -0.42
N PHE A 71 -9.29 8.79 -0.27
CA PHE A 71 -9.54 7.63 -1.14
C PHE A 71 -10.46 6.60 -0.47
N GLU A 72 -10.51 6.60 0.85
CA GLU A 72 -11.34 5.64 1.58
C GLU A 72 -12.65 6.25 2.04
N ARG A 73 -12.57 7.40 2.71
CA ARG A 73 -13.75 8.08 3.24
C ARG A 73 -14.91 8.12 2.24
N ASN A 74 -14.81 8.97 1.22
CA ASN A 74 -15.87 9.11 0.23
C ASN A 74 -15.57 8.33 -1.06
N LEU A 75 -14.37 8.50 -1.59
CA LEU A 75 -13.97 7.82 -2.83
C LEU A 75 -14.43 6.36 -2.86
N ALA A 76 -13.95 5.56 -1.93
CA ALA A 76 -14.32 4.15 -1.87
C ALA A 76 -15.81 3.97 -1.56
N ARG A 77 -16.45 5.04 -1.09
CA ARG A 77 -17.87 5.00 -0.75
C ARG A 77 -18.74 5.46 -1.94
N PHE A 78 -18.10 5.81 -3.05
CA PHE A 78 -18.82 6.28 -4.23
C PHE A 78 -19.64 5.16 -4.86
N ARG A 79 -19.44 3.92 -4.41
CA ARG A 79 -20.17 2.77 -4.94
C ARG A 79 -21.67 3.05 -5.06
N GLU A 80 -22.16 3.95 -4.21
CA GLU A 80 -23.59 4.31 -4.22
C GLU A 80 -24.09 4.56 -5.64
N ASP A 81 -23.33 5.35 -6.40
CA ASP A 81 -23.71 5.68 -7.77
C ASP A 81 -22.71 5.08 -8.75
N HIS A 82 -23.12 4.95 -10.01
CA HIS A 82 -22.26 4.38 -11.04
C HIS A 82 -22.96 4.43 -12.41
N PRO A 83 -22.87 5.59 -13.10
CA PRO A 83 -23.49 5.75 -14.42
C PRO A 83 -23.00 4.72 -15.43
N ASP A 84 -21.70 4.74 -15.72
CA ASP A 84 -21.11 3.81 -16.66
C ASP A 84 -19.72 3.37 -16.19
N LEU A 85 -19.09 2.49 -16.98
CA LEU A 85 -17.76 2.00 -16.64
C LEU A 85 -17.78 1.28 -15.29
N ILE A 86 -17.74 -0.04 -15.32
CA ILE A 86 -17.76 -0.84 -14.10
C ILE A 86 -16.34 -1.26 -13.71
N GLN A 87 -15.48 -1.44 -14.70
CA GLN A 87 -14.11 -1.84 -14.46
C GLN A 87 -13.32 -0.74 -13.75
N ASN A 88 -12.12 -1.06 -13.32
CA ASN A 88 -11.27 -0.08 -12.63
C ASN A 88 -10.64 0.88 -13.63
N ALA A 89 -9.62 0.41 -14.35
CA ALA A 89 -8.93 1.23 -15.33
C ALA A 89 -8.05 0.37 -16.24
N LYS A 90 -7.21 1.03 -17.03
CA LYS A 90 -6.31 0.34 -17.95
C LYS A 90 -7.11 -0.48 -18.97
N LYS A 91 -8.28 0.03 -19.34
CA LYS A 91 -9.14 -0.64 -20.31
C LYS A 91 -10.38 0.19 -20.62
N MET A 1 -16.62 -3.17 -21.67
CA MET A 1 -17.63 -3.15 -20.58
C MET A 1 -17.17 -2.28 -19.41
N LYS A 2 -15.86 -2.21 -19.22
CA LYS A 2 -15.27 -1.43 -18.15
C LYS A 2 -13.89 -0.91 -18.52
N LYS A 3 -13.22 -0.27 -17.58
CA LYS A 3 -11.88 0.27 -17.82
C LYS A 3 -11.08 0.35 -16.52
N LEU A 4 -9.89 -0.22 -16.54
CA LEU A 4 -9.01 -0.22 -15.37
C LEU A 4 -9.61 -1.05 -14.24
N LYS A 5 -9.00 -0.96 -13.07
CA LYS A 5 -9.48 -1.71 -11.90
C LYS A 5 -8.97 -1.09 -10.61
N LYS A 6 -9.43 -1.63 -9.48
CA LYS A 6 -9.04 -1.14 -8.16
C LYS A 6 -9.03 0.38 -8.09
N HIS A 7 -10.17 0.99 -8.43
CA HIS A 7 -10.30 2.44 -8.40
C HIS A 7 -11.74 2.87 -8.67
N PRO A 8 -12.30 2.46 -9.82
CA PRO A 8 -13.66 2.82 -10.20
C PRO A 8 -14.67 1.75 -9.78
N ASP A 9 -14.66 0.61 -10.48
CA ASP A 9 -15.59 -0.48 -10.18
C ASP A 9 -15.47 -0.94 -8.73
N PHE A 10 -14.35 -1.60 -8.43
CA PHE A 10 -14.13 -2.11 -7.07
C PHE A 10 -13.00 -1.34 -6.39
N PRO A 11 -13.33 -0.32 -5.58
CA PRO A 11 -12.34 0.48 -4.86
C PRO A 11 -11.45 -0.39 -3.97
N LYS A 12 -10.53 0.26 -3.25
CA LYS A 12 -9.62 -0.46 -2.36
C LYS A 12 -8.77 0.51 -1.56
N LYS A 13 -8.50 0.15 -0.31
CA LYS A 13 -7.68 0.98 0.57
C LYS A 13 -6.30 1.22 -0.03
N PRO A 14 -5.61 2.29 0.40
CA PRO A 14 -4.28 2.62 -0.12
C PRO A 14 -3.23 1.60 0.33
N LEU A 15 -2.02 1.74 -0.22
CA LEU A 15 -0.93 0.83 0.12
C LEU A 15 -0.23 1.30 1.39
N THR A 16 0.54 0.40 2.00
CA THR A 16 1.26 0.74 3.22
C THR A 16 2.51 1.54 2.89
N PRO A 17 2.92 2.45 3.78
CA PRO A 17 4.11 3.28 3.57
C PRO A 17 5.30 2.47 3.08
N TYR A 18 5.40 1.24 3.57
CA TYR A 18 6.48 0.35 3.17
C TYR A 18 6.19 -0.26 1.80
N PHE A 19 4.90 -0.48 1.52
CA PHE A 19 4.47 -1.05 0.25
C PHE A 19 4.76 -0.09 -0.89
N ARG A 20 4.22 1.13 -0.78
CA ARG A 20 4.42 2.15 -1.81
C ARG A 20 5.90 2.55 -1.91
N PHE A 21 6.73 2.02 -1.01
CA PHE A 21 8.16 2.31 -1.01
C PHE A 21 8.93 1.17 -1.66
N PHE A 22 8.53 -0.05 -1.34
CA PHE A 22 9.17 -1.24 -1.87
C PHE A 22 8.74 -1.45 -3.31
N MET A 23 7.42 -1.49 -3.51
CA MET A 23 6.83 -1.68 -4.81
C MET A 23 7.18 -0.55 -5.79
N GLU A 24 7.30 0.67 -5.27
CA GLU A 24 7.60 1.82 -6.12
C GLU A 24 9.03 1.76 -6.66
N LYS A 25 10.00 1.41 -5.81
CA LYS A 25 11.38 1.34 -6.26
C LYS A 25 11.77 -0.08 -6.69
N ARG A 26 10.81 -1.02 -6.61
CA ARG A 26 11.07 -2.39 -7.02
C ARG A 26 11.54 -2.42 -8.46
N ALA A 27 11.04 -1.48 -9.24
CA ALA A 27 11.41 -1.37 -10.64
C ALA A 27 12.90 -1.08 -10.74
N LYS A 28 13.39 -0.30 -9.80
CA LYS A 28 14.80 0.07 -9.74
C LYS A 28 15.62 -1.03 -9.08
N TYR A 29 14.95 -1.97 -8.44
CA TYR A 29 15.60 -3.07 -7.74
C TYR A 29 15.58 -4.35 -8.57
N ALA A 30 14.50 -4.55 -9.31
CA ALA A 30 14.37 -5.74 -10.15
C ALA A 30 15.30 -5.66 -11.34
N LYS A 31 15.75 -4.44 -11.62
CA LYS A 31 16.66 -4.19 -12.73
C LYS A 31 18.10 -4.23 -12.24
N LEU A 32 18.29 -3.80 -11.00
CA LEU A 32 19.62 -3.77 -10.39
C LEU A 32 19.98 -5.11 -9.75
N HIS A 33 19.07 -6.09 -9.83
CA HIS A 33 19.31 -7.41 -9.26
C HIS A 33 19.38 -8.48 -10.36
N PRO A 34 20.26 -8.30 -11.35
CA PRO A 34 20.42 -9.27 -12.45
C PRO A 34 21.11 -10.55 -11.99
N GLU A 35 22.01 -10.42 -11.02
CA GLU A 35 22.73 -11.56 -10.49
C GLU A 35 22.06 -12.07 -9.22
N MET A 36 20.83 -11.65 -9.01
CA MET A 36 20.05 -12.05 -7.84
C MET A 36 18.70 -12.61 -8.29
N SER A 37 17.67 -12.43 -7.46
CA SER A 37 16.35 -12.94 -7.79
C SER A 37 15.27 -11.99 -7.29
N ASN A 38 15.23 -11.80 -5.98
CA ASN A 38 14.24 -10.93 -5.34
C ASN A 38 14.38 -10.99 -3.82
N LEU A 39 14.93 -12.10 -3.34
CA LEU A 39 15.13 -12.29 -1.91
C LEU A 39 16.20 -11.33 -1.39
N ASP A 40 17.22 -11.11 -2.21
CA ASP A 40 18.30 -10.20 -1.84
C ASP A 40 17.79 -8.78 -1.68
N LEU A 41 17.11 -8.28 -2.71
CA LEU A 41 16.56 -6.93 -2.69
C LEU A 41 15.59 -6.75 -1.52
N THR A 42 14.85 -7.80 -1.20
CA THR A 42 13.88 -7.76 -0.12
C THR A 42 14.54 -7.36 1.20
N LYS A 43 15.76 -7.86 1.43
CA LYS A 43 16.49 -7.55 2.65
C LYS A 43 16.94 -6.09 2.63
N ILE A 44 17.30 -5.62 1.44
CA ILE A 44 17.75 -4.25 1.28
C ILE A 44 16.64 -3.25 1.62
N LEU A 45 15.42 -3.57 1.19
CA LEU A 45 14.27 -2.71 1.45
C LEU A 45 13.72 -2.92 2.85
N SER A 46 13.92 -4.12 3.39
CA SER A 46 13.43 -4.44 4.73
C SER A 46 14.45 -4.01 5.79
N LYS A 47 15.67 -3.71 5.35
CA LYS A 47 16.73 -3.30 6.25
C LYS A 47 16.89 -1.77 6.23
N LYS A 48 16.69 -1.18 5.06
CA LYS A 48 16.82 0.27 4.91
C LYS A 48 15.60 0.99 5.48
N TYR A 49 14.42 0.52 5.13
CA TYR A 49 13.18 1.13 5.60
C TYR A 49 13.22 1.33 7.12
N LYS A 50 13.80 0.37 7.83
CA LYS A 50 13.89 0.45 9.29
C LYS A 50 14.97 1.46 9.69
N GLU A 51 16.11 1.42 9.00
CA GLU A 51 17.20 2.33 9.28
C GLU A 51 16.77 3.78 9.09
N LEU A 52 15.70 4.00 8.35
CA LEU A 52 15.17 5.33 8.09
C LEU A 52 15.11 6.16 9.37
N PRO A 53 15.68 7.39 9.33
CA PRO A 53 15.67 8.30 10.49
C PRO A 53 14.29 8.80 10.87
N GLU A 54 13.27 8.04 10.50
CA GLU A 54 11.89 8.42 10.78
C GLU A 54 11.58 9.79 10.19
N LYS A 55 12.46 10.31 9.34
CA LYS A 55 12.25 11.61 8.74
C LYS A 55 11.48 11.47 7.42
N LYS A 56 11.64 10.33 6.77
CA LYS A 56 10.96 10.06 5.50
C LYS A 56 9.64 9.34 5.73
N LYS A 57 9.63 8.43 6.71
CA LYS A 57 8.43 7.67 7.03
C LYS A 57 7.28 8.61 7.38
N MET A 58 7.57 9.61 8.22
CA MET A 58 6.56 10.59 8.61
C MET A 58 5.82 11.10 7.39
N LYS A 59 6.50 11.05 6.24
CA LYS A 59 5.92 11.49 4.98
C LYS A 59 5.04 10.40 4.39
N TYR A 60 5.56 9.18 4.38
CA TYR A 60 4.82 8.05 3.83
C TYR A 60 3.57 7.77 4.65
N ILE A 61 3.75 7.65 5.97
CA ILE A 61 2.62 7.37 6.85
C ILE A 61 1.57 8.47 6.74
N GLN A 62 2.03 9.71 6.64
CA GLN A 62 1.12 10.83 6.51
C GLN A 62 0.47 10.81 5.14
N ASP A 63 1.19 10.22 4.20
CA ASP A 63 0.71 10.08 2.84
C ASP A 63 -0.19 8.85 2.73
N PHE A 64 0.00 7.92 3.65
CA PHE A 64 -0.77 6.68 3.68
C PHE A 64 -2.08 6.91 4.43
N GLN A 65 -2.00 7.63 5.55
CA GLN A 65 -3.17 7.90 6.37
C GLN A 65 -4.15 8.81 5.66
N ARG A 66 -3.65 9.90 5.07
CA ARG A 66 -4.49 10.85 4.36
C ARG A 66 -5.28 10.16 3.25
N GLU A 67 -4.74 9.07 2.73
CA GLU A 67 -5.39 8.32 1.66
C GLU A 67 -6.50 7.43 2.23
N LYS A 68 -6.17 6.67 3.27
CA LYS A 68 -7.13 5.76 3.90
C LYS A 68 -8.32 6.53 4.46
N GLN A 69 -8.15 7.82 4.67
CA GLN A 69 -9.21 8.66 5.20
C GLN A 69 -10.23 9.01 4.12
N GLU A 70 -9.76 9.11 2.89
CA GLU A 70 -10.63 9.44 1.77
C GLU A 70 -11.03 8.20 0.97
N PHE A 71 -10.12 7.24 0.88
CA PHE A 71 -10.37 6.00 0.14
C PHE A 71 -11.60 5.28 0.70
N GLU A 72 -11.76 5.31 2.01
CA GLU A 72 -12.89 4.65 2.67
C GLU A 72 -14.00 5.64 3.01
N ARG A 73 -13.81 6.91 2.68
CA ARG A 73 -14.81 7.92 2.97
C ARG A 73 -16.04 7.76 2.08
N ASN A 74 -16.05 8.42 0.92
CA ASN A 74 -17.19 8.32 0.01
C ASN A 74 -16.89 7.36 -1.14
N LEU A 75 -15.60 7.13 -1.41
CA LEU A 75 -15.19 6.24 -2.48
C LEU A 75 -15.89 4.88 -2.36
N ALA A 76 -15.59 4.17 -1.28
CA ALA A 76 -16.18 2.85 -1.05
C ALA A 76 -17.70 2.93 -0.97
N ARG A 77 -18.22 4.13 -0.72
CA ARG A 77 -19.67 4.32 -0.61
C ARG A 77 -20.25 4.91 -1.90
N PHE A 78 -19.39 5.13 -2.90
CA PHE A 78 -19.84 5.70 -4.17
C PHE A 78 -20.02 4.63 -5.24
N ARG A 79 -18.91 4.10 -5.74
CA ARG A 79 -18.93 3.09 -6.80
C ARG A 79 -19.32 1.70 -6.26
N GLU A 80 -19.55 1.60 -4.96
CA GLU A 80 -19.92 0.31 -4.35
C GLU A 80 -21.01 -0.39 -5.16
N ASP A 81 -22.25 0.09 -5.01
CA ASP A 81 -23.37 -0.50 -5.72
C ASP A 81 -23.48 -2.00 -5.45
N HIS A 82 -24.53 -2.62 -5.98
CA HIS A 82 -24.75 -4.05 -5.79
C HIS A 82 -23.60 -4.85 -6.38
N PRO A 83 -22.93 -5.69 -5.57
CA PRO A 83 -21.81 -6.51 -6.03
C PRO A 83 -22.25 -7.59 -7.02
N ASP A 84 -22.27 -7.22 -8.29
CA ASP A 84 -22.66 -8.15 -9.35
C ASP A 84 -21.76 -8.03 -10.57
N LEU A 85 -20.50 -7.68 -10.32
CA LEU A 85 -19.52 -7.52 -11.39
C LEU A 85 -18.50 -8.65 -11.37
N ILE A 86 -17.76 -8.78 -12.47
CA ILE A 86 -16.74 -9.83 -12.57
C ILE A 86 -15.42 -9.38 -11.97
N GLN A 87 -14.79 -8.39 -12.59
CA GLN A 87 -13.52 -7.87 -12.11
C GLN A 87 -13.27 -6.45 -12.63
N ASN A 88 -12.93 -6.34 -13.91
CA ASN A 88 -12.68 -5.04 -14.52
C ASN A 88 -12.84 -5.12 -16.04
N ALA A 89 -11.73 -5.30 -16.76
CA ALA A 89 -11.78 -5.38 -18.22
C ALA A 89 -10.39 -5.63 -18.79
N LYS A 90 -10.27 -5.51 -20.11
CA LYS A 90 -8.99 -5.72 -20.79
C LYS A 90 -8.82 -4.73 -21.94
N LYS A 91 -7.57 -4.50 -22.33
CA LYS A 91 -7.27 -3.58 -23.43
C LYS A 91 -7.15 -4.33 -24.75
N MET A 1 -7.73 -10.66 -12.60
CA MET A 1 -7.40 -11.02 -11.19
C MET A 1 -6.58 -9.92 -10.53
N LYS A 2 -6.25 -10.12 -9.25
CA LYS A 2 -5.46 -9.15 -8.50
C LYS A 2 -6.19 -7.80 -8.42
N LYS A 3 -7.51 -7.86 -8.27
CA LYS A 3 -8.32 -6.65 -8.17
C LYS A 3 -9.03 -6.58 -6.82
N LEU A 4 -9.87 -5.58 -6.65
CA LEU A 4 -10.61 -5.39 -5.41
C LEU A 4 -12.09 -5.22 -5.67
N LYS A 5 -12.90 -6.06 -5.03
CA LYS A 5 -14.34 -6.01 -5.19
C LYS A 5 -14.99 -5.13 -4.13
N LYS A 6 -14.95 -5.60 -2.88
CA LYS A 6 -15.53 -4.84 -1.77
C LYS A 6 -15.52 -5.67 -0.49
N HIS A 7 -15.36 -5.00 0.65
CA HIS A 7 -15.34 -5.68 1.94
C HIS A 7 -16.14 -4.90 2.97
N PRO A 8 -17.36 -5.37 3.31
CA PRO A 8 -18.22 -4.71 4.29
C PRO A 8 -17.46 -4.28 5.54
N ASP A 9 -17.40 -2.97 5.76
CA ASP A 9 -16.71 -2.42 6.92
C ASP A 9 -15.22 -2.73 6.87
N PHE A 10 -14.60 -2.44 5.72
CA PHE A 10 -13.17 -2.68 5.55
C PHE A 10 -12.70 -2.20 4.17
N PRO A 11 -12.78 -0.88 3.92
CA PRO A 11 -12.36 -0.30 2.64
C PRO A 11 -10.88 -0.48 2.38
N LYS A 12 -10.55 -1.47 1.57
CA LYS A 12 -9.15 -1.76 1.23
C LYS A 12 -8.80 -1.18 -0.14
N LYS A 13 -7.94 -0.17 -0.15
CA LYS A 13 -7.53 0.48 -1.40
C LYS A 13 -6.09 0.99 -1.32
N PRO A 14 -5.83 2.02 -0.48
CA PRO A 14 -4.49 2.59 -0.33
C PRO A 14 -3.46 1.56 0.13
N LEU A 15 -2.20 1.96 0.14
CA LEU A 15 -1.12 1.06 0.55
C LEU A 15 -0.35 1.66 1.73
N THR A 16 0.57 0.88 2.28
CA THR A 16 1.39 1.33 3.40
C THR A 16 2.71 1.91 2.91
N PRO A 17 3.32 2.82 3.69
CA PRO A 17 4.60 3.45 3.33
C PRO A 17 5.59 2.45 2.78
N TYR A 18 5.86 1.39 3.52
CA TYR A 18 6.79 0.36 3.08
C TYR A 18 6.35 -0.22 1.74
N PHE A 19 5.04 -0.22 1.49
CA PHE A 19 4.50 -0.74 0.25
C PHE A 19 4.76 0.25 -0.89
N ARG A 20 4.25 1.47 -0.75
CA ARG A 20 4.44 2.50 -1.76
C ARG A 20 5.92 2.84 -1.93
N PHE A 21 6.75 2.33 -1.02
CA PHE A 21 8.19 2.56 -1.05
C PHE A 21 8.91 1.38 -1.69
N PHE A 22 8.47 0.19 -1.32
CA PHE A 22 9.05 -1.04 -1.84
C PHE A 22 8.49 -1.35 -3.22
N MET A 23 7.17 -1.27 -3.31
CA MET A 23 6.46 -1.53 -4.55
C MET A 23 6.78 -0.50 -5.63
N GLU A 24 7.26 0.67 -5.20
CA GLU A 24 7.58 1.75 -6.15
C GLU A 24 9.01 1.63 -6.69
N LYS A 25 9.96 1.28 -5.84
CA LYS A 25 11.35 1.15 -6.28
C LYS A 25 11.70 -0.29 -6.64
N ARG A 26 10.75 -1.20 -6.52
CA ARG A 26 10.96 -2.58 -6.85
C ARG A 26 11.56 -2.71 -8.24
N ALA A 27 11.18 -1.77 -9.09
CA ALA A 27 11.70 -1.73 -10.46
C ALA A 27 13.18 -1.41 -10.43
N LYS A 28 13.55 -0.54 -9.49
CA LYS A 28 14.94 -0.13 -9.34
C LYS A 28 15.82 -1.26 -8.82
N TYR A 29 15.20 -2.32 -8.31
CA TYR A 29 15.93 -3.46 -7.79
C TYR A 29 15.94 -4.60 -8.79
N ALA A 30 14.90 -4.69 -9.61
CA ALA A 30 14.80 -5.72 -10.62
C ALA A 30 15.84 -5.46 -11.72
N LYS A 31 16.33 -4.23 -11.75
CA LYS A 31 17.31 -3.82 -12.73
C LYS A 31 18.73 -4.03 -12.22
N LEU A 32 18.89 -3.94 -10.90
CA LEU A 32 20.20 -4.10 -10.27
C LEU A 32 20.38 -5.52 -9.71
N HIS A 33 19.35 -6.35 -9.82
CA HIS A 33 19.43 -7.73 -9.33
C HIS A 33 19.12 -8.72 -10.44
N PRO A 34 19.84 -8.63 -11.57
CA PRO A 34 19.64 -9.53 -12.71
C PRO A 34 20.23 -10.92 -12.43
N GLU A 35 21.27 -10.97 -11.62
CA GLU A 35 21.92 -12.23 -11.27
C GLU A 35 21.52 -12.68 -9.86
N MET A 36 20.45 -12.11 -9.35
CA MET A 36 19.96 -12.45 -8.02
C MET A 36 18.45 -12.66 -8.05
N SER A 37 17.85 -12.81 -6.88
CA SER A 37 16.41 -13.02 -6.77
C SER A 37 15.77 -11.91 -5.96
N ASN A 38 14.51 -11.60 -6.29
CA ASN A 38 13.76 -10.56 -5.58
C ASN A 38 13.89 -10.71 -4.06
N LEU A 39 14.24 -11.92 -3.62
CA LEU A 39 14.40 -12.19 -2.20
C LEU A 39 15.61 -11.47 -1.63
N ASP A 40 16.69 -11.41 -2.42
CA ASP A 40 17.92 -10.76 -2.01
C ASP A 40 17.69 -9.26 -1.81
N LEU A 41 16.99 -8.65 -2.77
CA LEU A 41 16.72 -7.22 -2.70
C LEU A 41 15.71 -6.90 -1.59
N THR A 42 14.90 -7.90 -1.22
CA THR A 42 13.90 -7.71 -0.17
C THR A 42 14.58 -7.46 1.18
N LYS A 43 15.77 -8.02 1.35
CA LYS A 43 16.53 -7.84 2.57
C LYS A 43 17.17 -6.46 2.59
N ILE A 44 17.51 -5.97 1.40
CA ILE A 44 18.13 -4.67 1.24
C ILE A 44 17.15 -3.55 1.58
N LEU A 45 15.92 -3.68 1.09
CA LEU A 45 14.90 -2.67 1.32
C LEU A 45 14.29 -2.78 2.71
N SER A 46 14.37 -3.95 3.31
CA SER A 46 13.83 -4.14 4.66
C SER A 46 14.72 -3.45 5.68
N LYS A 47 15.97 -3.23 5.29
CA LYS A 47 16.95 -2.59 6.14
C LYS A 47 16.88 -1.06 5.98
N LYS A 48 16.84 -0.61 4.72
CA LYS A 48 16.77 0.81 4.43
C LYS A 48 15.59 1.46 5.14
N TYR A 49 14.38 1.02 4.78
CA TYR A 49 13.16 1.55 5.38
C TYR A 49 13.28 1.62 6.89
N LYS A 50 13.85 0.58 7.49
CA LYS A 50 14.02 0.53 8.94
C LYS A 50 15.13 1.49 9.38
N GLU A 51 16.16 1.61 8.54
CA GLU A 51 17.28 2.48 8.85
C GLU A 51 16.83 3.95 8.91
N LEU A 52 15.74 4.26 8.22
CA LEU A 52 15.20 5.61 8.20
C LEU A 52 14.91 6.10 9.61
N PRO A 53 15.34 7.33 9.95
CA PRO A 53 15.12 7.91 11.27
C PRO A 53 13.69 8.33 11.51
N GLU A 54 12.77 7.73 10.78
CA GLU A 54 11.35 8.05 10.90
C GLU A 54 11.13 9.54 10.65
N LYS A 55 12.16 10.22 10.13
CA LYS A 55 12.03 11.65 9.85
C LYS A 55 11.34 11.86 8.50
N LYS A 56 11.48 10.89 7.61
CA LYS A 56 10.86 10.97 6.29
C LYS A 56 9.58 10.15 6.25
N LYS A 57 9.54 9.10 7.07
CA LYS A 57 8.37 8.22 7.14
C LYS A 57 7.13 9.02 7.48
N MET A 58 7.29 10.02 8.35
CA MET A 58 6.19 10.88 8.74
C MET A 58 5.49 11.39 7.48
N LYS A 59 6.24 11.47 6.39
CA LYS A 59 5.71 11.92 5.11
C LYS A 59 4.92 10.79 4.45
N TYR A 60 5.55 9.62 4.35
CA TYR A 60 4.91 8.46 3.75
C TYR A 60 3.67 8.08 4.53
N ILE A 61 3.82 7.91 5.84
CA ILE A 61 2.70 7.56 6.69
C ILE A 61 1.60 8.61 6.56
N GLN A 62 2.01 9.84 6.34
CA GLN A 62 1.07 10.94 6.17
C GLN A 62 0.36 10.79 4.83
N ASP A 63 1.03 10.10 3.90
CA ASP A 63 0.48 9.85 2.59
C ASP A 63 -0.39 8.60 2.64
N PHE A 64 0.00 7.67 3.50
CA PHE A 64 -0.75 6.43 3.69
C PHE A 64 -2.01 6.68 4.50
N GLN A 65 -1.87 7.48 5.55
CA GLN A 65 -3.00 7.80 6.42
C GLN A 65 -4.01 8.68 5.70
N ARG A 66 -3.52 9.68 4.97
CA ARG A 66 -4.38 10.60 4.23
C ARG A 66 -5.36 9.83 3.35
N GLU A 67 -4.96 8.64 2.92
CA GLU A 67 -5.79 7.81 2.07
C GLU A 67 -6.56 6.78 2.89
N LYS A 68 -5.83 5.95 3.63
CA LYS A 68 -6.45 4.93 4.48
C LYS A 68 -7.50 5.53 5.39
N GLN A 69 -7.07 6.46 6.22
CA GLN A 69 -7.96 7.13 7.16
C GLN A 69 -9.24 7.61 6.47
N GLU A 70 -9.09 8.39 5.41
CA GLU A 70 -10.22 8.91 4.66
C GLU A 70 -11.03 7.78 4.03
N PHE A 71 -10.33 6.75 3.55
CA PHE A 71 -10.99 5.62 2.92
C PHE A 71 -11.76 4.80 3.94
N GLU A 72 -11.26 4.76 5.17
CA GLU A 72 -11.91 4.02 6.25
C GLU A 72 -12.73 4.94 7.15
N ARG A 73 -12.73 6.23 6.85
CA ARG A 73 -13.47 7.21 7.66
C ARG A 73 -14.97 7.19 7.33
N ASN A 74 -15.35 7.92 6.29
CA ASN A 74 -16.75 7.99 5.88
C ASN A 74 -17.05 7.03 4.73
N LEU A 75 -16.02 6.69 3.97
CA LEU A 75 -16.17 5.77 2.84
C LEU A 75 -16.78 4.45 3.28
N ALA A 76 -16.67 4.14 4.58
CA ALA A 76 -17.20 2.90 5.12
C ALA A 76 -18.71 2.78 4.86
N ARG A 77 -19.35 3.91 4.57
CA ARG A 77 -20.79 3.92 4.30
C ARG A 77 -21.11 3.35 2.91
N PHE A 78 -20.07 2.93 2.19
CA PHE A 78 -20.25 2.36 0.86
C PHE A 78 -21.11 1.08 0.89
N ARG A 79 -21.33 0.55 2.09
CA ARG A 79 -22.13 -0.67 2.28
C ARG A 79 -23.08 -0.93 1.10
N GLU A 80 -24.09 -0.09 0.97
CA GLU A 80 -25.05 -0.23 -0.11
C GLU A 80 -24.74 0.75 -1.25
N ASP A 81 -25.31 1.96 -1.17
CA ASP A 81 -25.07 2.98 -2.19
C ASP A 81 -25.17 2.41 -3.59
N HIS A 82 -25.99 1.37 -3.76
CA HIS A 82 -26.17 0.73 -5.05
C HIS A 82 -24.84 0.19 -5.58
N PRO A 83 -24.57 -1.11 -5.35
CA PRO A 83 -23.32 -1.74 -5.80
C PRO A 83 -23.01 -1.44 -7.26
N ASP A 84 -21.93 -0.70 -7.48
CA ASP A 84 -21.51 -0.32 -8.83
C ASP A 84 -20.22 0.50 -8.79
N LEU A 85 -20.13 1.39 -7.82
CA LEU A 85 -18.95 2.24 -7.68
C LEU A 85 -18.31 2.04 -6.31
N ILE A 86 -17.41 2.97 -5.94
CA ILE A 86 -16.70 2.92 -4.66
C ILE A 86 -16.22 1.50 -4.33
N GLN A 87 -14.91 1.30 -4.49
CA GLN A 87 -14.28 -0.01 -4.22
C GLN A 87 -14.33 -0.92 -5.44
N ASN A 88 -15.41 -0.83 -6.21
CA ASN A 88 -15.57 -1.64 -7.41
C ASN A 88 -14.86 -1.00 -8.60
N ALA A 89 -13.56 -0.78 -8.45
CA ALA A 89 -12.76 -0.17 -9.51
C ALA A 89 -12.49 -1.18 -10.63
N LYS A 90 -13.00 -0.89 -11.82
CA LYS A 90 -12.81 -1.76 -12.97
C LYS A 90 -12.42 -0.96 -14.20
N LYS A 91 -11.36 -1.41 -14.88
CA LYS A 91 -10.89 -0.72 -16.08
C LYS A 91 -10.99 -1.64 -17.30
N MET A 1 -7.12 -9.11 -10.64
CA MET A 1 -7.44 -10.48 -10.18
C MET A 1 -7.34 -10.59 -8.65
N LYS A 2 -8.02 -11.60 -8.10
CA LYS A 2 -8.00 -11.81 -6.66
C LYS A 2 -8.58 -10.60 -5.92
N LYS A 3 -9.52 -9.92 -6.56
CA LYS A 3 -10.14 -8.75 -5.96
C LYS A 3 -11.23 -8.19 -6.87
N LEU A 4 -12.45 -8.12 -6.35
CA LEU A 4 -13.58 -7.62 -7.12
C LEU A 4 -14.65 -7.03 -6.19
N LYS A 5 -15.40 -6.07 -6.70
CA LYS A 5 -16.46 -5.42 -5.92
C LYS A 5 -15.87 -4.68 -4.72
N LYS A 6 -16.17 -3.39 -4.62
CA LYS A 6 -15.68 -2.57 -3.53
C LYS A 6 -16.80 -2.24 -2.54
N HIS A 7 -17.18 -3.23 -1.73
CA HIS A 7 -18.23 -3.05 -0.75
C HIS A 7 -17.72 -2.27 0.46
N PRO A 8 -18.63 -1.74 1.29
CA PRO A 8 -18.27 -0.98 2.49
C PRO A 8 -17.41 -1.79 3.45
N ASP A 9 -17.70 -3.08 3.55
CA ASP A 9 -16.95 -3.97 4.43
C ASP A 9 -15.53 -4.17 3.91
N PHE A 10 -14.55 -3.91 4.77
CA PHE A 10 -13.15 -4.06 4.39
C PHE A 10 -12.79 -3.10 3.26
N PRO A 11 -12.87 -1.78 3.51
CA PRO A 11 -12.56 -0.76 2.51
C PRO A 11 -11.11 -0.85 2.02
N LYS A 12 -10.94 -0.89 0.70
CA LYS A 12 -9.62 -0.98 0.10
C LYS A 12 -8.81 0.28 0.39
N LYS A 13 -8.07 0.25 1.50
CA LYS A 13 -7.25 1.40 1.89
C LYS A 13 -6.04 1.55 0.96
N PRO A 14 -5.43 2.74 0.92
CA PRO A 14 -4.26 3.01 0.08
C PRO A 14 -3.12 2.02 0.34
N LEU A 15 -2.08 2.12 -0.47
CA LEU A 15 -0.93 1.23 -0.30
C LEU A 15 -0.23 1.50 1.03
N THR A 16 0.37 0.46 1.59
CA THR A 16 1.05 0.58 2.87
C THR A 16 2.24 1.52 2.75
N PRO A 17 2.61 2.22 3.84
CA PRO A 17 3.75 3.13 3.82
C PRO A 17 5.01 2.42 3.38
N TYR A 18 5.02 1.09 3.55
CA TYR A 18 6.16 0.27 3.16
C TYR A 18 5.99 -0.17 1.71
N PHE A 19 4.73 -0.41 1.32
CA PHE A 19 4.43 -0.83 -0.05
C PHE A 19 4.86 0.27 -1.03
N ARG A 20 4.51 1.50 -0.70
CA ARG A 20 4.87 2.64 -1.53
C ARG A 20 6.39 2.81 -1.59
N PHE A 21 7.10 2.04 -0.76
CA PHE A 21 8.55 2.10 -0.71
C PHE A 21 9.17 0.93 -1.49
N PHE A 22 8.64 -0.26 -1.25
CA PHE A 22 9.11 -1.47 -1.91
C PHE A 22 8.45 -1.65 -3.26
N MET A 23 7.13 -1.63 -3.24
CA MET A 23 6.33 -1.80 -4.44
C MET A 23 6.58 -0.69 -5.47
N GLU A 24 7.25 0.38 -5.04
CA GLU A 24 7.52 1.51 -5.93
C GLU A 24 8.95 1.47 -6.49
N LYS A 25 9.93 1.27 -5.60
CA LYS A 25 11.33 1.25 -6.03
C LYS A 25 11.79 -0.16 -6.36
N ARG A 26 10.91 -1.15 -6.21
CA ARG A 26 11.25 -2.53 -6.52
C ARG A 26 11.84 -2.61 -7.92
N ALA A 27 11.34 -1.76 -8.79
CA ALA A 27 11.82 -1.69 -10.16
C ALA A 27 13.32 -1.42 -10.15
N LYS A 28 13.75 -0.63 -9.18
CA LYS A 28 15.15 -0.27 -9.04
C LYS A 28 16.00 -1.49 -8.70
N TYR A 29 15.36 -2.55 -8.21
CA TYR A 29 16.07 -3.78 -7.84
C TYR A 29 15.92 -4.83 -8.94
N ALA A 30 14.79 -4.80 -9.62
CA ALA A 30 14.55 -5.74 -10.71
C ALA A 30 15.49 -5.47 -11.86
N LYS A 31 16.07 -4.27 -11.82
CA LYS A 31 17.01 -3.84 -12.85
C LYS A 31 18.43 -3.85 -12.31
N LEU A 32 18.57 -3.72 -10.99
CA LEU A 32 19.87 -3.70 -10.33
C LEU A 32 20.26 -5.09 -9.83
N HIS A 33 19.40 -6.08 -10.03
CA HIS A 33 19.68 -7.44 -9.59
C HIS A 33 19.58 -8.44 -10.75
N PRO A 34 20.53 -8.39 -11.70
CA PRO A 34 20.54 -9.28 -12.86
C PRO A 34 21.07 -10.67 -12.51
N GLU A 35 22.09 -10.70 -11.64
CA GLU A 35 22.69 -11.96 -11.21
C GLU A 35 22.26 -12.31 -9.79
N MET A 36 21.17 -11.71 -9.35
CA MET A 36 20.65 -11.96 -8.01
C MET A 36 19.17 -12.35 -8.08
N SER A 37 18.48 -12.27 -6.96
CA SER A 37 17.07 -12.62 -6.89
C SER A 37 16.28 -11.58 -6.11
N ASN A 38 14.97 -11.57 -6.30
CA ASN A 38 14.09 -10.64 -5.61
C ASN A 38 14.27 -10.73 -4.09
N LEU A 39 14.84 -11.84 -3.64
CA LEU A 39 15.07 -12.05 -2.22
C LEU A 39 16.22 -11.16 -1.72
N ASP A 40 17.28 -11.08 -2.51
CA ASP A 40 18.44 -10.26 -2.16
C ASP A 40 18.02 -8.80 -2.00
N LEU A 41 17.20 -8.31 -2.91
CA LEU A 41 16.73 -6.93 -2.87
C LEU A 41 15.70 -6.73 -1.75
N THR A 42 14.95 -7.78 -1.45
CA THR A 42 13.92 -7.72 -0.41
C THR A 42 14.55 -7.35 0.94
N LYS A 43 15.64 -8.02 1.29
CA LYS A 43 16.33 -7.76 2.55
C LYS A 43 16.79 -6.32 2.61
N ILE A 44 17.27 -5.82 1.47
CA ILE A 44 17.77 -4.46 1.38
C ILE A 44 16.67 -3.45 1.71
N LEU A 45 15.49 -3.67 1.15
CA LEU A 45 14.36 -2.78 1.36
C LEU A 45 13.81 -2.89 2.79
N SER A 46 13.95 -4.07 3.38
CA SER A 46 13.48 -4.29 4.74
C SER A 46 14.49 -3.77 5.76
N LYS A 47 15.69 -3.45 5.28
CA LYS A 47 16.75 -2.95 6.14
C LYS A 47 16.75 -1.42 6.14
N LYS A 48 16.52 -0.82 4.97
CA LYS A 48 16.49 0.62 4.84
C LYS A 48 15.28 1.21 5.54
N TYR A 49 14.11 0.61 5.30
CA TYR A 49 12.87 1.07 5.91
C TYR A 49 13.03 1.35 7.40
N LYS A 50 13.91 0.60 8.05
CA LYS A 50 14.16 0.78 9.47
C LYS A 50 15.37 1.70 9.69
N GLU A 51 16.33 1.62 8.78
CA GLU A 51 17.54 2.44 8.86
C GLU A 51 17.20 3.92 8.81
N LEU A 52 16.24 4.28 7.96
CA LEU A 52 15.83 5.68 7.82
C LEU A 52 15.61 6.35 9.17
N PRO A 53 15.94 7.65 9.27
CA PRO A 53 15.78 8.43 10.51
C PRO A 53 14.33 8.69 10.88
N GLU A 54 13.45 7.79 10.45
CA GLU A 54 12.02 7.94 10.72
C GLU A 54 11.51 9.24 10.09
N LYS A 55 12.36 9.89 9.29
CA LYS A 55 11.96 11.13 8.64
C LYS A 55 11.21 10.84 7.34
N LYS A 56 11.43 9.64 6.81
CA LYS A 56 10.77 9.23 5.57
C LYS A 56 9.39 8.67 5.87
N LYS A 57 9.29 7.89 6.94
CA LYS A 57 8.03 7.30 7.37
C LYS A 57 6.97 8.37 7.50
N MET A 58 7.35 9.48 8.12
CA MET A 58 6.44 10.61 8.31
C MET A 58 5.76 10.98 6.99
N LYS A 59 6.38 10.59 5.88
CA LYS A 59 5.84 10.88 4.56
C LYS A 59 4.93 9.73 4.09
N TYR A 60 5.45 8.51 4.19
CA TYR A 60 4.70 7.33 3.77
C TYR A 60 3.39 7.22 4.55
N ILE A 61 3.50 7.19 5.87
CA ILE A 61 2.32 7.09 6.72
C ILE A 61 1.37 8.25 6.44
N GLN A 62 1.93 9.34 5.93
CA GLN A 62 1.14 10.51 5.59
C GLN A 62 0.38 10.27 4.29
N ASP A 63 0.77 9.23 3.55
CA ASP A 63 0.08 8.91 2.31
C ASP A 63 -1.15 8.09 2.65
N PHE A 64 -1.07 7.43 3.79
CA PHE A 64 -2.15 6.60 4.28
C PHE A 64 -3.20 7.43 5.00
N GLN A 65 -2.78 8.05 6.09
CA GLN A 65 -3.65 8.86 6.91
C GLN A 65 -4.31 9.98 6.11
N ARG A 66 -3.57 10.56 5.16
CA ARG A 66 -4.12 11.65 4.34
C ARG A 66 -5.06 11.13 3.25
N GLU A 67 -4.88 9.87 2.86
CA GLU A 67 -5.73 9.27 1.83
C GLU A 67 -6.93 8.57 2.45
N LYS A 68 -6.72 7.92 3.59
CA LYS A 68 -7.79 7.20 4.27
C LYS A 68 -8.95 8.12 4.62
N GLN A 69 -8.69 9.42 4.63
CA GLN A 69 -9.72 10.41 4.95
C GLN A 69 -10.60 10.69 3.74
N GLU A 70 -10.00 10.67 2.55
CA GLU A 70 -10.73 10.94 1.32
C GLU A 70 -11.19 9.63 0.66
N PHE A 71 -10.45 8.57 0.90
CA PHE A 71 -10.78 7.27 0.33
C PHE A 71 -12.17 6.80 0.77
N GLU A 72 -12.36 6.71 2.08
CA GLU A 72 -13.64 6.28 2.64
C GLU A 72 -14.79 7.16 2.14
N ARG A 73 -14.46 8.37 1.71
CA ARG A 73 -15.46 9.31 1.22
C ARG A 73 -16.32 8.70 0.12
N ASN A 74 -15.68 8.22 -0.94
CA ASN A 74 -16.39 7.61 -2.06
C ASN A 74 -16.36 6.08 -1.98
N LEU A 75 -15.34 5.55 -1.34
CA LEU A 75 -15.19 4.10 -1.21
C LEU A 75 -16.42 3.49 -0.53
N ALA A 76 -16.86 4.10 0.56
CA ALA A 76 -18.02 3.59 1.30
C ALA A 76 -19.31 3.77 0.49
N ARG A 77 -19.44 4.91 -0.18
CA ARG A 77 -20.62 5.20 -0.98
C ARG A 77 -20.49 4.63 -2.39
N PHE A 78 -19.36 3.99 -2.68
CA PHE A 78 -19.11 3.42 -3.99
C PHE A 78 -20.25 2.51 -4.44
N ARG A 79 -20.43 1.40 -3.74
CA ARG A 79 -21.50 0.45 -4.07
C ARG A 79 -22.83 0.89 -3.48
N GLU A 80 -23.24 0.31 -2.35
CA GLU A 80 -24.50 0.65 -1.72
C GLU A 80 -24.28 1.61 -0.54
N ASP A 81 -24.18 1.06 0.67
CA ASP A 81 -23.97 1.85 1.87
C ASP A 81 -24.05 0.99 3.12
N HIS A 82 -25.10 0.16 3.20
CA HIS A 82 -25.31 -0.71 4.34
C HIS A 82 -24.12 -1.66 4.53
N PRO A 83 -23.98 -2.24 5.72
CA PRO A 83 -22.88 -3.17 6.03
C PRO A 83 -22.74 -4.27 4.98
N ASP A 84 -21.80 -5.18 5.22
CA ASP A 84 -21.56 -6.30 4.30
C ASP A 84 -22.83 -7.11 4.10
N LEU A 85 -22.81 -8.00 3.10
CA LEU A 85 -23.95 -8.85 2.81
C LEU A 85 -23.50 -10.28 2.48
N ILE A 86 -22.85 -10.43 1.33
CA ILE A 86 -22.37 -11.74 0.90
C ILE A 86 -20.84 -11.79 0.95
N GLN A 87 -20.20 -10.74 0.47
CA GLN A 87 -18.74 -10.67 0.45
C GLN A 87 -18.26 -9.34 -0.08
N ASN A 88 -16.96 -9.24 -0.37
CA ASN A 88 -16.38 -8.01 -0.89
C ASN A 88 -15.12 -8.30 -1.69
N ALA A 89 -15.10 -9.44 -2.37
CA ALA A 89 -13.94 -9.83 -3.17
C ALA A 89 -14.25 -11.08 -4.01
N LYS A 90 -13.95 -11.01 -5.29
CA LYS A 90 -14.20 -12.12 -6.20
C LYS A 90 -13.26 -12.09 -7.39
N LYS A 91 -13.41 -13.04 -8.30
CA LYS A 91 -12.56 -13.12 -9.47
C LYS A 91 -13.02 -12.13 -10.54
N MET A 1 -7.94 -14.28 -5.04
CA MET A 1 -8.19 -14.89 -3.71
C MET A 1 -8.48 -13.81 -2.66
N LYS A 2 -9.50 -13.00 -2.93
CA LYS A 2 -9.89 -11.93 -2.02
C LYS A 2 -11.30 -11.45 -2.32
N LYS A 3 -11.93 -10.84 -1.32
CA LYS A 3 -13.28 -10.32 -1.47
C LYS A 3 -13.27 -8.83 -1.85
N LEU A 4 -14.15 -8.46 -2.78
CA LEU A 4 -14.22 -7.07 -3.22
C LEU A 4 -15.35 -6.90 -4.23
N LYS A 5 -16.10 -5.80 -4.09
CA LYS A 5 -17.21 -5.52 -5.00
C LYS A 5 -17.56 -4.03 -4.99
N LYS A 6 -16.57 -3.20 -4.69
CA LYS A 6 -16.78 -1.75 -4.66
C LYS A 6 -17.88 -1.39 -3.65
N HIS A 7 -18.62 -0.31 -3.92
CA HIS A 7 -19.69 0.13 -3.03
C HIS A 7 -19.12 0.81 -1.79
N PRO A 8 -19.83 1.81 -1.24
CA PRO A 8 -19.39 2.55 -0.06
C PRO A 8 -19.53 1.73 1.22
N ASP A 9 -18.40 1.37 1.81
CA ASP A 9 -18.40 0.59 3.05
C ASP A 9 -16.98 0.18 3.41
N PHE A 10 -16.25 -0.35 2.43
CA PHE A 10 -14.88 -0.78 2.64
C PHE A 10 -14.13 -0.89 1.30
N PRO A 11 -13.98 0.25 0.59
CA PRO A 11 -13.29 0.28 -0.70
C PRO A 11 -11.88 -0.33 -0.62
N LYS A 12 -11.12 -0.18 -1.70
CA LYS A 12 -9.76 -0.70 -1.77
C LYS A 12 -8.80 0.21 -0.99
N LYS A 13 -8.33 -0.28 0.15
CA LYS A 13 -7.40 0.47 0.98
C LYS A 13 -5.98 0.37 0.45
N PRO A 14 -5.17 1.43 0.63
CA PRO A 14 -3.78 1.46 0.16
C PRO A 14 -2.87 0.56 0.99
N LEU A 15 -1.59 0.54 0.66
CA LEU A 15 -0.61 -0.28 1.37
C LEU A 15 0.14 0.56 2.40
N THR A 16 0.90 -0.10 3.26
CA THR A 16 1.67 0.59 4.28
C THR A 16 2.86 1.32 3.66
N PRO A 17 3.54 2.18 4.44
CA PRO A 17 4.69 2.93 3.94
C PRO A 17 5.80 2.01 3.48
N TYR A 18 5.87 0.82 4.08
CA TYR A 18 6.87 -0.17 3.71
C TYR A 18 6.57 -0.72 2.32
N PHE A 19 5.30 -0.79 1.99
CA PHE A 19 4.86 -1.31 0.69
C PHE A 19 5.03 -0.24 -0.39
N ARG A 20 4.47 0.95 -0.14
CA ARG A 20 4.57 2.05 -1.10
C ARG A 20 6.03 2.49 -1.26
N PHE A 21 6.91 1.96 -0.43
CA PHE A 21 8.32 2.29 -0.47
C PHE A 21 9.11 1.21 -1.20
N PHE A 22 8.77 -0.05 -0.91
CA PHE A 22 9.42 -1.18 -1.53
C PHE A 22 8.82 -1.41 -2.91
N MET A 23 7.50 -1.38 -2.95
CA MET A 23 6.76 -1.58 -4.18
C MET A 23 6.93 -0.39 -5.14
N GLU A 24 7.50 0.70 -4.63
CA GLU A 24 7.71 1.90 -5.45
C GLU A 24 9.06 1.85 -6.16
N LYS A 25 10.12 1.63 -5.40
CA LYS A 25 11.46 1.59 -5.97
C LYS A 25 11.79 0.19 -6.52
N ARG A 26 10.84 -0.74 -6.42
CA ARG A 26 11.06 -2.08 -6.94
C ARG A 26 11.51 -1.99 -8.39
N ALA A 27 11.08 -0.93 -9.05
CA ALA A 27 11.45 -0.69 -10.44
C ALA A 27 12.94 -0.46 -10.53
N LYS A 28 13.47 0.20 -9.50
CA LYS A 28 14.90 0.50 -9.43
C LYS A 28 15.66 -0.68 -8.84
N TYR A 29 14.94 -1.62 -8.23
CA TYR A 29 15.55 -2.79 -7.64
C TYR A 29 15.44 -4.01 -8.54
N ALA A 30 14.40 -4.04 -9.37
CA ALA A 30 14.18 -5.13 -10.30
C ALA A 30 15.14 -5.00 -11.46
N LYS A 31 15.57 -3.77 -11.70
CA LYS A 31 16.50 -3.46 -12.78
C LYS A 31 17.93 -3.54 -12.26
N LEU A 32 18.09 -3.35 -10.95
CA LEU A 32 19.40 -3.39 -10.32
C LEU A 32 19.73 -4.78 -9.77
N HIS A 33 18.79 -5.72 -9.91
CA HIS A 33 19.00 -7.09 -9.43
C HIS A 33 18.70 -8.12 -10.52
N PRO A 34 19.49 -8.11 -11.61
CA PRO A 34 19.32 -9.05 -12.71
C PRO A 34 19.95 -10.41 -12.42
N GLU A 35 21.05 -10.41 -11.67
CA GLU A 35 21.75 -11.64 -11.32
C GLU A 35 21.41 -12.05 -9.88
N MET A 36 20.34 -11.49 -9.35
CA MET A 36 19.89 -11.78 -8.00
C MET A 36 18.41 -12.17 -8.01
N SER A 37 17.80 -12.13 -6.84
CA SER A 37 16.38 -12.46 -6.73
C SER A 37 15.64 -11.37 -5.97
N ASN A 38 14.33 -11.29 -6.19
CA ASN A 38 13.50 -10.30 -5.51
C ASN A 38 13.63 -10.41 -3.99
N LEU A 39 14.14 -11.55 -3.54
CA LEU A 39 14.31 -11.79 -2.11
C LEU A 39 15.56 -11.07 -1.60
N ASP A 40 16.64 -11.15 -2.38
CA ASP A 40 17.89 -10.51 -2.01
C ASP A 40 17.70 -9.01 -1.89
N LEU A 41 16.78 -8.47 -2.68
CA LEU A 41 16.51 -7.05 -2.66
C LEU A 41 15.46 -6.71 -1.60
N THR A 42 14.58 -7.67 -1.31
CA THR A 42 13.54 -7.48 -0.31
C THR A 42 14.16 -7.13 1.05
N LYS A 43 15.19 -7.87 1.42
CA LYS A 43 15.88 -7.64 2.69
C LYS A 43 16.45 -6.23 2.71
N ILE A 44 16.99 -5.80 1.57
CA ILE A 44 17.57 -4.46 1.45
C ILE A 44 16.56 -3.39 1.82
N LEU A 45 15.33 -3.54 1.35
CA LEU A 45 14.28 -2.57 1.62
C LEU A 45 13.61 -2.81 2.97
N SER A 46 13.76 -4.02 3.50
CA SER A 46 13.17 -4.37 4.80
C SER A 46 14.09 -3.95 5.93
N LYS A 47 15.36 -3.72 5.61
CA LYS A 47 16.35 -3.34 6.60
C LYS A 47 16.60 -1.84 6.56
N LYS A 48 16.65 -1.27 5.35
CA LYS A 48 16.89 0.16 5.19
C LYS A 48 15.64 0.96 5.54
N TYR A 49 14.47 0.42 5.22
CA TYR A 49 13.21 1.08 5.50
C TYR A 49 13.14 1.52 6.97
N LYS A 50 13.43 0.60 7.88
CA LYS A 50 13.40 0.91 9.31
C LYS A 50 14.56 1.82 9.68
N GLU A 51 15.73 1.55 9.09
CA GLU A 51 16.91 2.37 9.34
C GLU A 51 16.58 3.85 9.29
N LEU A 52 15.59 4.19 8.46
CA LEU A 52 15.15 5.57 8.32
C LEU A 52 14.93 6.21 9.69
N PRO A 53 15.43 7.45 9.88
CA PRO A 53 15.26 8.16 11.15
C PRO A 53 13.84 8.64 11.37
N GLU A 54 12.91 8.02 10.65
CA GLU A 54 11.51 8.37 10.74
C GLU A 54 11.21 9.65 9.97
N LYS A 55 12.26 10.33 9.51
CA LYS A 55 12.10 11.56 8.76
C LYS A 55 11.56 11.28 7.36
N LYS A 56 11.97 10.16 6.79
CA LYS A 56 11.53 9.77 5.46
C LYS A 56 10.16 9.09 5.50
N LYS A 57 9.87 8.44 6.63
CA LYS A 57 8.60 7.75 6.80
C LYS A 57 7.47 8.75 7.00
N MET A 58 7.76 9.82 7.74
CA MET A 58 6.77 10.86 7.99
C MET A 58 6.08 11.26 6.69
N LYS A 59 6.79 11.09 5.59
CA LYS A 59 6.25 11.43 4.27
C LYS A 59 5.42 10.26 3.74
N TYR A 60 5.96 9.06 3.85
CA TYR A 60 5.28 7.86 3.39
C TYR A 60 3.99 7.63 4.16
N ILE A 61 4.07 7.66 5.49
CA ILE A 61 2.89 7.46 6.31
C ILE A 61 1.87 8.56 6.02
N GLN A 62 2.37 9.73 5.65
CA GLN A 62 1.53 10.85 5.31
C GLN A 62 0.87 10.59 3.97
N ASP A 63 1.52 9.75 3.17
CA ASP A 63 1.00 9.38 1.86
C ASP A 63 0.07 8.19 2.00
N PHE A 64 0.39 7.33 2.97
CA PHE A 64 -0.40 6.14 3.23
C PHE A 64 -1.70 6.53 3.95
N GLN A 65 -1.59 7.55 4.80
CA GLN A 65 -2.74 8.02 5.56
C GLN A 65 -3.72 8.78 4.67
N ARG A 66 -3.21 9.79 3.96
CA ARG A 66 -4.04 10.60 3.08
C ARG A 66 -4.73 9.73 2.03
N GLU A 67 -4.14 8.59 1.71
CA GLU A 67 -4.69 7.68 0.72
C GLU A 67 -5.83 6.86 1.31
N LYS A 68 -5.72 6.53 2.60
CA LYS A 68 -6.74 5.74 3.28
C LYS A 68 -7.96 6.59 3.63
N GLN A 69 -7.82 7.91 3.52
CA GLN A 69 -8.91 8.82 3.83
C GLN A 69 -9.61 9.29 2.57
N GLU A 70 -8.87 9.34 1.46
CA GLU A 70 -9.42 9.79 0.19
C GLU A 70 -10.09 8.63 -0.54
N PHE A 71 -9.60 7.42 -0.31
CA PHE A 71 -10.16 6.24 -0.96
C PHE A 71 -11.63 6.07 -0.62
N GLU A 72 -12.01 6.42 0.60
CA GLU A 72 -13.40 6.31 1.04
C GLU A 72 -14.10 7.67 1.00
N ARG A 73 -13.39 8.71 0.57
CA ARG A 73 -13.95 10.05 0.50
C ARG A 73 -14.84 10.21 -0.73
N ASN A 74 -14.34 9.83 -1.90
CA ASN A 74 -15.09 9.95 -3.14
C ASN A 74 -15.76 8.63 -3.53
N LEU A 75 -14.95 7.60 -3.75
CA LEU A 75 -15.47 6.29 -4.14
C LEU A 75 -16.67 5.88 -3.29
N ALA A 76 -16.69 6.35 -2.04
CA ALA A 76 -17.78 6.03 -1.13
C ALA A 76 -18.95 6.99 -1.29
N ARG A 77 -18.66 8.29 -1.20
CA ARG A 77 -19.68 9.32 -1.33
C ARG A 77 -20.23 9.38 -2.75
N PHE A 78 -19.55 8.71 -3.68
CA PHE A 78 -19.98 8.69 -5.07
C PHE A 78 -21.41 8.19 -5.22
N ARG A 79 -21.74 7.13 -4.49
CA ARG A 79 -23.09 6.56 -4.56
C ARG A 79 -23.94 7.01 -3.36
N GLU A 80 -24.08 6.15 -2.35
CA GLU A 80 -24.88 6.48 -1.18
C GLU A 80 -24.00 6.92 -0.01
N ASP A 81 -23.21 6.00 0.52
CA ASP A 81 -22.32 6.29 1.65
C ASP A 81 -23.11 6.40 2.95
N HIS A 82 -23.42 5.26 3.54
CA HIS A 82 -24.17 5.23 4.80
C HIS A 82 -23.74 4.05 5.66
N PRO A 83 -24.04 4.10 6.97
CA PRO A 83 -23.67 3.03 7.91
C PRO A 83 -24.14 1.67 7.44
N ASP A 84 -23.30 0.65 7.65
CA ASP A 84 -23.63 -0.71 7.24
C ASP A 84 -22.77 -1.73 7.98
N LEU A 85 -23.02 -3.01 7.73
CA LEU A 85 -22.27 -4.08 8.38
C LEU A 85 -22.05 -5.24 7.42
N ILE A 86 -21.69 -4.92 6.17
CA ILE A 86 -21.44 -5.94 5.16
C ILE A 86 -20.01 -5.88 4.65
N GLN A 87 -19.24 -4.88 5.11
CA GLN A 87 -17.85 -4.73 4.69
C GLN A 87 -17.76 -4.41 3.20
N ASN A 88 -17.92 -5.42 2.37
CA ASN A 88 -17.86 -5.24 0.92
C ASN A 88 -18.68 -6.31 0.19
N ALA A 89 -18.22 -7.56 0.28
CA ALA A 89 -18.90 -8.67 -0.37
C ALA A 89 -18.67 -9.98 0.38
N LYS A 90 -19.16 -10.04 1.61
CA LYS A 90 -19.01 -11.24 2.43
C LYS A 90 -20.28 -11.52 3.23
N LYS A 91 -21.10 -12.44 2.72
CA LYS A 91 -22.34 -12.80 3.37
C LYS A 91 -22.08 -13.71 4.58
N MET A 1 -13.09 -15.92 -12.42
CA MET A 1 -13.75 -17.24 -12.27
C MET A 1 -13.77 -17.70 -10.82
N LYS A 2 -12.70 -17.39 -10.10
CA LYS A 2 -12.59 -17.77 -8.69
C LYS A 2 -11.78 -16.74 -7.91
N LYS A 3 -11.99 -15.46 -8.24
CA LYS A 3 -11.28 -14.37 -7.56
C LYS A 3 -12.09 -13.08 -7.63
N LEU A 4 -12.72 -12.73 -6.53
CA LEU A 4 -13.53 -11.51 -6.46
C LEU A 4 -12.95 -10.52 -5.45
N LYS A 5 -12.33 -9.47 -5.96
CA LYS A 5 -11.73 -8.44 -5.10
C LYS A 5 -12.79 -7.48 -4.59
N LYS A 6 -12.39 -6.56 -3.72
CA LYS A 6 -13.31 -5.56 -3.14
C LYS A 6 -14.63 -6.20 -2.74
N HIS A 7 -14.72 -6.64 -1.48
CA HIS A 7 -15.93 -7.26 -0.97
C HIS A 7 -16.18 -6.86 0.48
N PRO A 8 -17.39 -7.18 1.01
CA PRO A 8 -17.75 -6.84 2.39
C PRO A 8 -16.80 -7.48 3.41
N ASP A 9 -16.02 -8.46 2.98
CA ASP A 9 -15.07 -9.14 3.85
C ASP A 9 -14.27 -8.14 4.68
N PHE A 10 -13.41 -7.38 4.01
CA PHE A 10 -12.58 -6.38 4.69
C PHE A 10 -12.26 -5.21 3.76
N PRO A 11 -12.02 -4.02 4.34
CA PRO A 11 -11.70 -2.81 3.57
C PRO A 11 -10.26 -2.81 3.07
N LYS A 12 -10.09 -3.03 1.76
CA LYS A 12 -8.77 -3.04 1.16
C LYS A 12 -8.17 -1.63 1.14
N LYS A 13 -7.89 -1.11 2.33
CA LYS A 13 -7.32 0.23 2.46
C LYS A 13 -6.12 0.42 1.54
N PRO A 14 -5.71 1.68 1.33
CA PRO A 14 -4.56 2.01 0.46
C PRO A 14 -3.31 1.24 0.85
N LEU A 15 -2.25 1.39 0.06
CA LEU A 15 -0.99 0.71 0.32
C LEU A 15 -0.30 1.29 1.55
N THR A 16 0.74 0.62 2.01
CA THR A 16 1.49 1.06 3.17
C THR A 16 2.82 1.70 2.76
N PRO A 17 3.37 2.61 3.59
CA PRO A 17 4.63 3.29 3.31
C PRO A 17 5.69 2.32 2.80
N TYR A 18 5.85 1.21 3.48
CA TYR A 18 6.83 0.20 3.08
C TYR A 18 6.52 -0.30 1.67
N PHE A 19 5.23 -0.39 1.36
CA PHE A 19 4.79 -0.84 0.04
C PHE A 19 5.05 0.26 -0.97
N ARG A 20 4.64 1.48 -0.64
CA ARG A 20 4.85 2.62 -1.53
C ARG A 20 6.35 2.90 -1.69
N PHE A 21 7.15 2.27 -0.86
CA PHE A 21 8.61 2.45 -0.89
C PHE A 21 9.28 1.30 -1.66
N PHE A 22 8.83 0.09 -1.40
CA PHE A 22 9.36 -1.10 -2.04
C PHE A 22 8.71 -1.31 -3.39
N MET A 23 7.38 -1.27 -3.38
CA MET A 23 6.60 -1.45 -4.59
C MET A 23 6.82 -0.33 -5.60
N GLU A 24 7.47 0.76 -5.18
CA GLU A 24 7.72 1.90 -6.07
C GLU A 24 9.14 1.87 -6.64
N LYS A 25 10.11 1.54 -5.81
CA LYS A 25 11.51 1.52 -6.26
C LYS A 25 11.98 0.10 -6.59
N ARG A 26 11.11 -0.89 -6.39
CA ARG A 26 11.44 -2.27 -6.68
C ARG A 26 12.00 -2.38 -8.08
N ALA A 27 11.42 -1.60 -8.99
CA ALA A 27 11.85 -1.57 -10.37
C ALA A 27 13.34 -1.24 -10.45
N LYS A 28 13.76 -0.39 -9.52
CA LYS A 28 15.16 0.04 -9.45
C LYS A 28 16.08 -1.11 -9.04
N TYR A 29 15.50 -2.15 -8.45
CA TYR A 29 16.27 -3.31 -8.02
C TYR A 29 16.16 -4.46 -9.01
N ALA A 30 15.00 -4.55 -9.66
CA ALA A 30 14.77 -5.60 -10.65
C ALA A 30 15.69 -5.38 -11.85
N LYS A 31 16.17 -4.14 -11.98
CA LYS A 31 17.04 -3.76 -13.06
C LYS A 31 18.51 -3.88 -12.67
N LEU A 32 18.78 -3.69 -11.37
CA LEU A 32 20.15 -3.77 -10.86
C LEU A 32 20.42 -5.09 -10.15
N HIS A 33 19.40 -5.94 -10.04
CA HIS A 33 19.57 -7.24 -9.37
C HIS A 33 19.01 -8.38 -10.22
N PRO A 34 19.45 -8.49 -11.48
CA PRO A 34 18.98 -9.54 -12.38
C PRO A 34 19.75 -10.85 -12.22
N GLU A 35 20.74 -10.86 -11.32
CA GLU A 35 21.54 -12.06 -11.08
C GLU A 35 21.20 -12.69 -9.74
N MET A 36 20.03 -12.36 -9.20
CA MET A 36 19.60 -12.91 -7.93
C MET A 36 18.17 -13.45 -8.04
N SER A 37 17.47 -13.55 -6.91
CA SER A 37 16.11 -14.07 -6.91
C SER A 37 15.11 -13.01 -6.43
N ASN A 38 15.57 -11.76 -6.34
CA ASN A 38 14.71 -10.65 -5.89
C ASN A 38 14.55 -10.65 -4.37
N LEU A 39 14.92 -11.76 -3.75
CA LEU A 39 14.83 -11.88 -2.31
C LEU A 39 16.01 -11.17 -1.65
N ASP A 40 17.14 -11.18 -2.33
CA ASP A 40 18.34 -10.54 -1.82
C ASP A 40 18.15 -9.02 -1.81
N LEU A 41 17.38 -8.52 -2.78
CA LEU A 41 17.11 -7.10 -2.88
C LEU A 41 15.97 -6.71 -1.93
N THR A 42 15.05 -7.65 -1.72
CA THR A 42 13.92 -7.41 -0.83
C THR A 42 14.42 -7.08 0.58
N LYS A 43 15.43 -7.81 1.02
CA LYS A 43 16.02 -7.59 2.34
C LYS A 43 16.59 -6.18 2.42
N ILE A 44 17.23 -5.75 1.34
CA ILE A 44 17.81 -4.42 1.27
C ILE A 44 16.79 -3.36 1.64
N LEU A 45 15.57 -3.52 1.14
CA LEU A 45 14.49 -2.59 1.42
C LEU A 45 13.90 -2.81 2.81
N SER A 46 14.13 -3.99 3.37
CA SER A 46 13.61 -4.32 4.69
C SER A 46 14.54 -3.78 5.77
N LYS A 47 15.75 -3.39 5.37
CA LYS A 47 16.73 -2.86 6.29
C LYS A 47 16.77 -1.33 6.23
N LYS A 48 16.44 -0.79 5.06
CA LYS A 48 16.44 0.65 4.86
C LYS A 48 15.20 1.29 5.47
N TYR A 49 14.03 0.84 5.01
CA TYR A 49 12.75 1.35 5.49
C TYR A 49 12.74 1.49 7.02
N LYS A 50 13.49 0.64 7.71
CA LYS A 50 13.54 0.68 9.17
C LYS A 50 14.60 1.65 9.65
N GLU A 51 15.79 1.56 9.07
CA GLU A 51 16.90 2.45 9.45
C GLU A 51 16.47 3.91 9.41
N LEU A 52 15.44 4.21 8.60
CA LEU A 52 14.95 5.58 8.48
C LEU A 52 14.69 6.20 9.84
N PRO A 53 15.15 7.45 10.05
CA PRO A 53 14.97 8.17 11.32
C PRO A 53 13.53 8.58 11.57
N GLU A 54 12.60 7.88 10.95
CA GLU A 54 11.18 8.19 11.10
C GLU A 54 10.92 9.64 10.68
N LYS A 55 11.91 10.27 10.04
CA LYS A 55 11.76 11.65 9.60
C LYS A 55 11.19 11.72 8.20
N LYS A 56 11.48 10.70 7.39
CA LYS A 56 11.01 10.66 6.01
C LYS A 56 9.70 9.87 5.89
N LYS A 57 9.66 8.70 6.52
CA LYS A 57 8.47 7.86 6.50
C LYS A 57 7.28 8.63 7.08
N MET A 58 7.57 9.51 8.03
CA MET A 58 6.53 10.33 8.63
C MET A 58 5.68 10.94 7.51
N LYS A 59 6.32 11.14 6.37
CA LYS A 59 5.67 11.67 5.19
C LYS A 59 4.90 10.55 4.50
N TYR A 60 5.58 9.41 4.33
CA TYR A 60 4.98 8.25 3.69
C TYR A 60 3.73 7.82 4.45
N ILE A 61 3.86 7.65 5.77
CA ILE A 61 2.73 7.25 6.59
C ILE A 61 1.60 8.25 6.42
N GLN A 62 1.96 9.52 6.27
CA GLN A 62 1.00 10.58 6.07
C GLN A 62 0.38 10.44 4.69
N ASP A 63 1.14 9.83 3.78
CA ASP A 63 0.68 9.60 2.43
C ASP A 63 -0.26 8.40 2.41
N PHE A 64 -0.04 7.48 3.36
CA PHE A 64 -0.85 6.29 3.48
C PHE A 64 -2.12 6.59 4.30
N GLN A 65 -2.02 7.58 5.17
CA GLN A 65 -3.15 7.96 6.02
C GLN A 65 -4.03 9.00 5.34
N ARG A 66 -3.42 9.99 4.70
CA ARG A 66 -4.16 11.05 4.02
C ARG A 66 -5.08 10.47 2.94
N GLU A 67 -4.69 9.34 2.37
CA GLU A 67 -5.49 8.70 1.33
C GLU A 67 -6.43 7.65 1.92
N LYS A 68 -6.10 7.17 3.11
CA LYS A 68 -6.91 6.16 3.78
C LYS A 68 -8.26 6.73 4.23
N GLN A 69 -8.37 8.06 4.20
CA GLN A 69 -9.60 8.73 4.60
C GLN A 69 -10.54 8.89 3.41
N GLU A 70 -9.99 9.27 2.27
CA GLU A 70 -10.78 9.46 1.06
C GLU A 70 -10.99 8.13 0.33
N PHE A 71 -10.11 7.17 0.58
CA PHE A 71 -10.19 5.87 -0.05
C PHE A 71 -11.23 4.99 0.65
N GLU A 72 -11.43 5.22 1.94
CA GLU A 72 -12.39 4.46 2.72
C GLU A 72 -13.82 4.99 2.53
N ARG A 73 -13.97 6.02 1.71
CA ARG A 73 -15.28 6.61 1.45
C ARG A 73 -16.24 5.58 0.88
N ASN A 74 -15.88 5.00 -0.27
CA ASN A 74 -16.72 4.00 -0.91
C ASN A 74 -16.21 2.58 -0.64
N LEU A 75 -15.09 2.46 0.06
CA LEU A 75 -14.52 1.16 0.38
C LEU A 75 -14.90 0.71 1.79
N ALA A 76 -15.68 1.54 2.49
CA ALA A 76 -16.10 1.22 3.85
C ALA A 76 -17.24 0.21 3.86
N ARG A 77 -17.66 -0.24 2.68
CA ARG A 77 -18.74 -1.20 2.56
C ARG A 77 -18.43 -2.50 3.33
N PHE A 78 -17.17 -2.71 3.66
CA PHE A 78 -16.75 -3.90 4.39
C PHE A 78 -17.69 -4.20 5.55
N ARG A 79 -18.28 -3.15 6.11
CA ARG A 79 -19.20 -3.30 7.24
C ARG A 79 -20.38 -4.21 6.88
N GLU A 80 -20.65 -4.35 5.58
CA GLU A 80 -21.75 -5.18 5.11
C GLU A 80 -21.75 -6.54 5.81
N ASP A 81 -20.65 -7.27 5.66
CA ASP A 81 -20.53 -8.59 6.28
C ASP A 81 -19.58 -8.56 7.46
N HIS A 82 -20.10 -8.88 8.65
CA HIS A 82 -19.30 -8.90 9.86
C HIS A 82 -18.37 -10.11 9.89
N PRO A 83 -18.94 -11.33 9.88
CA PRO A 83 -18.16 -12.56 9.91
C PRO A 83 -17.46 -12.83 8.58
N ASP A 84 -16.75 -13.95 8.51
CA ASP A 84 -16.02 -14.33 7.30
C ASP A 84 -15.95 -15.84 7.14
N LEU A 85 -16.33 -16.33 5.97
CA LEU A 85 -16.31 -17.76 5.70
C LEU A 85 -16.04 -18.03 4.22
N ILE A 86 -15.38 -17.08 3.56
CA ILE A 86 -15.06 -17.22 2.14
C ILE A 86 -13.78 -16.45 1.81
N GLN A 87 -13.77 -15.16 2.10
CA GLN A 87 -12.62 -14.31 1.84
C GLN A 87 -12.37 -14.17 0.34
N ASN A 88 -12.95 -13.13 -0.26
CA ASN A 88 -12.80 -12.86 -1.69
C ASN A 88 -13.59 -13.85 -2.53
N ALA A 89 -13.34 -15.15 -2.31
CA ALA A 89 -14.02 -16.20 -3.05
C ALA A 89 -15.54 -16.05 -2.96
N LYS A 90 -16.27 -17.00 -3.52
CA LYS A 90 -17.72 -16.98 -3.49
C LYS A 90 -18.28 -18.35 -3.10
N LYS A 91 -17.76 -19.39 -3.73
CA LYS A 91 -18.20 -20.76 -3.44
C LYS A 91 -17.05 -21.75 -3.59
N MET A 1 -3.24 -12.48 10.89
CA MET A 1 -4.72 -12.36 10.97
C MET A 1 -5.23 -11.20 10.12
N LYS A 2 -6.44 -11.34 9.60
CA LYS A 2 -7.04 -10.30 8.76
C LYS A 2 -8.56 -10.46 8.71
N LYS A 3 -9.26 -9.56 9.38
CA LYS A 3 -10.72 -9.60 9.41
C LYS A 3 -11.32 -8.39 8.71
N LEU A 4 -10.59 -7.87 7.71
CA LEU A 4 -11.05 -6.71 6.96
C LEU A 4 -11.33 -7.09 5.51
N LYS A 5 -12.00 -6.20 4.79
CA LYS A 5 -12.34 -6.46 3.39
C LYS A 5 -12.94 -5.22 2.73
N LYS A 6 -13.93 -4.62 3.38
CA LYS A 6 -14.58 -3.43 2.84
C LYS A 6 -15.62 -2.87 3.82
N HIS A 7 -16.68 -2.27 3.30
CA HIS A 7 -17.74 -1.69 4.13
C HIS A 7 -17.29 -0.39 4.78
N PRO A 8 -18.22 0.54 5.03
CA PRO A 8 -17.92 1.84 5.65
C PRO A 8 -17.30 1.68 7.03
N ASP A 9 -17.61 0.59 7.71
CA ASP A 9 -17.07 0.33 9.03
C ASP A 9 -15.58 0.09 8.97
N PHE A 10 -14.81 1.16 8.83
CA PHE A 10 -13.35 1.06 8.75
C PHE A 10 -12.95 0.22 7.54
N PRO A 11 -13.14 0.76 6.33
CA PRO A 11 -12.79 0.07 5.08
C PRO A 11 -11.28 -0.09 4.90
N LYS A 12 -10.87 -0.48 3.71
CA LYS A 12 -9.46 -0.66 3.40
C LYS A 12 -9.23 -0.69 1.90
N LYS A 13 -8.03 -0.31 1.47
CA LYS A 13 -7.69 -0.31 0.06
C LYS A 13 -6.22 0.08 -0.15
N PRO A 14 -5.79 1.26 0.32
CA PRO A 14 -4.40 1.70 0.18
C PRO A 14 -3.43 0.73 0.82
N LEU A 15 -2.13 0.97 0.61
CA LEU A 15 -1.11 0.10 1.18
C LEU A 15 -0.37 0.82 2.31
N THR A 16 0.44 0.07 3.05
CA THR A 16 1.21 0.63 4.14
C THR A 16 2.42 1.39 3.62
N PRO A 17 3.03 2.25 4.45
CA PRO A 17 4.21 3.01 4.04
C PRO A 17 5.33 2.10 3.58
N TYR A 18 5.45 0.95 4.23
CA TYR A 18 6.47 -0.03 3.88
C TYR A 18 6.13 -0.66 2.53
N PHE A 19 4.84 -0.76 2.24
CA PHE A 19 4.38 -1.34 0.97
C PHE A 19 4.69 -0.38 -0.18
N ARG A 20 4.17 0.84 -0.08
CA ARG A 20 4.41 1.85 -1.11
C ARG A 20 5.91 2.13 -1.23
N PHE A 21 6.65 1.82 -0.18
CA PHE A 21 8.10 2.02 -0.15
C PHE A 21 8.81 0.88 -0.86
N PHE A 22 8.27 -0.32 -0.70
CA PHE A 22 8.83 -1.51 -1.31
C PHE A 22 8.36 -1.61 -2.76
N MET A 23 7.06 -1.45 -2.93
CA MET A 23 6.43 -1.52 -4.25
C MET A 23 6.98 -0.45 -5.19
N GLU A 24 7.44 0.68 -4.63
CA GLU A 24 7.96 1.77 -5.44
C GLU A 24 9.45 1.56 -5.76
N LYS A 25 10.18 1.00 -4.81
CA LYS A 25 11.62 0.77 -5.01
C LYS A 25 11.88 -0.58 -5.67
N ARG A 26 10.81 -1.35 -5.88
CA ARG A 26 10.94 -2.65 -6.52
C ARG A 26 11.42 -2.47 -7.95
N ALA A 27 10.88 -1.47 -8.61
CA ALA A 27 11.26 -1.17 -9.99
C ALA A 27 12.76 -0.96 -10.11
N LYS A 28 13.32 -0.31 -9.10
CA LYS A 28 14.76 -0.02 -9.08
C LYS A 28 15.57 -1.27 -8.70
N TYR A 29 14.89 -2.30 -8.21
CA TYR A 29 15.55 -3.53 -7.80
C TYR A 29 15.42 -4.61 -8.87
N ALA A 30 14.29 -4.60 -9.58
CA ALA A 30 14.05 -5.58 -10.63
C ALA A 30 14.97 -5.30 -11.81
N LYS A 31 15.55 -4.11 -11.81
CA LYS A 31 16.46 -3.70 -12.87
C LYS A 31 17.90 -3.64 -12.36
N LEU A 32 18.05 -3.39 -11.07
CA LEU A 32 19.37 -3.30 -10.45
C LEU A 32 19.85 -4.65 -9.92
N HIS A 33 19.01 -5.68 -10.03
CA HIS A 33 19.39 -7.00 -9.54
C HIS A 33 19.44 -8.02 -10.69
N PRO A 34 20.29 -7.75 -11.71
CA PRO A 34 20.43 -8.64 -12.86
C PRO A 34 21.15 -9.94 -12.49
N GLU A 35 22.03 -9.86 -11.51
CA GLU A 35 22.78 -11.03 -11.06
C GLU A 35 22.31 -11.46 -9.66
N MET A 36 21.09 -11.06 -9.30
CA MET A 36 20.53 -11.41 -8.01
C MET A 36 19.06 -11.80 -8.16
N SER A 37 18.35 -11.86 -7.04
CA SER A 37 16.94 -12.22 -7.05
C SER A 37 16.13 -11.24 -6.20
N ASN A 38 14.81 -11.29 -6.36
CA ASN A 38 13.92 -10.42 -5.61
C ASN A 38 14.11 -10.59 -4.11
N LEU A 39 14.70 -11.71 -3.71
CA LEU A 39 14.96 -11.98 -2.31
C LEU A 39 16.04 -11.07 -1.76
N ASP A 40 17.07 -10.83 -2.57
CA ASP A 40 18.17 -9.96 -2.17
C ASP A 40 17.68 -8.54 -1.93
N LEU A 41 16.95 -8.00 -2.92
CA LEU A 41 16.43 -6.65 -2.83
C LEU A 41 15.39 -6.53 -1.70
N THR A 42 14.68 -7.62 -1.44
CA THR A 42 13.67 -7.62 -0.38
C THR A 42 14.28 -7.24 0.95
N LYS A 43 15.46 -7.80 1.25
CA LYS A 43 16.15 -7.51 2.49
C LYS A 43 16.50 -6.03 2.57
N ILE A 44 16.90 -5.48 1.42
CA ILE A 44 17.27 -4.07 1.33
C ILE A 44 16.11 -3.18 1.76
N LEU A 45 14.91 -3.50 1.27
CA LEU A 45 13.73 -2.73 1.58
C LEU A 45 13.27 -2.96 3.02
N SER A 46 13.50 -4.17 3.52
CA SER A 46 13.12 -4.51 4.89
C SER A 46 14.07 -3.88 5.88
N LYS A 47 15.25 -3.52 5.41
CA LYS A 47 16.27 -2.91 6.24
C LYS A 47 16.17 -1.39 6.20
N LYS A 48 16.07 -0.85 4.99
CA LYS A 48 15.96 0.60 4.81
C LYS A 48 14.80 1.19 5.59
N TYR A 49 13.62 0.60 5.41
CA TYR A 49 12.42 1.08 6.10
C TYR A 49 12.65 1.24 7.60
N LYS A 50 13.60 0.50 8.15
CA LYS A 50 13.89 0.56 9.57
C LYS A 50 15.17 1.36 9.82
N GLU A 51 16.10 1.27 8.88
CA GLU A 51 17.38 1.96 8.99
C GLU A 51 17.23 3.47 8.80
N LEU A 52 16.12 3.90 8.19
CA LEU A 52 15.89 5.32 7.96
C LEU A 52 15.71 6.07 9.27
N PRO A 53 16.18 7.32 9.31
CA PRO A 53 16.10 8.18 10.51
C PRO A 53 14.67 8.54 10.87
N GLU A 54 13.73 7.70 10.48
CA GLU A 54 12.32 7.95 10.74
C GLU A 54 11.91 9.32 10.19
N LYS A 55 12.76 9.89 9.32
CA LYS A 55 12.45 11.18 8.72
C LYS A 55 11.90 11.03 7.31
N LYS A 56 11.92 9.82 6.78
CA LYS A 56 11.40 9.55 5.43
C LYS A 56 10.02 8.94 5.53
N LYS A 57 9.88 8.04 6.49
CA LYS A 57 8.62 7.34 6.73
C LYS A 57 7.50 8.35 6.94
N MET A 58 7.78 9.38 7.75
CA MET A 58 6.80 10.42 8.02
C MET A 58 6.17 10.91 6.73
N LYS A 59 6.94 10.82 5.65
CA LYS A 59 6.48 11.22 4.34
C LYS A 59 5.54 10.16 3.78
N TYR A 60 5.97 8.91 3.89
CA TYR A 60 5.18 7.78 3.41
C TYR A 60 3.88 7.66 4.20
N ILE A 61 4.00 7.67 5.52
CA ILE A 61 2.81 7.57 6.37
C ILE A 61 1.81 8.66 6.01
N GLN A 62 2.34 9.79 5.56
CA GLN A 62 1.51 10.92 5.16
C GLN A 62 0.82 10.60 3.84
N ASP A 63 1.47 9.74 3.05
CA ASP A 63 0.93 9.33 1.76
C ASP A 63 -0.09 8.22 1.98
N PHE A 64 0.07 7.49 3.08
CA PHE A 64 -0.83 6.39 3.42
C PHE A 64 -2.08 6.92 4.12
N GLN A 65 -1.92 7.96 4.93
CA GLN A 65 -3.03 8.54 5.68
C GLN A 65 -3.81 9.55 4.85
N ARG A 66 -3.11 10.28 3.98
CA ARG A 66 -3.76 11.30 3.15
C ARG A 66 -4.67 10.69 2.09
N GLU A 67 -4.49 9.38 1.82
CA GLU A 67 -5.31 8.71 0.83
C GLU A 67 -6.53 8.07 1.50
N LYS A 68 -6.38 7.71 2.76
CA LYS A 68 -7.48 7.09 3.51
C LYS A 68 -8.57 8.12 3.83
N GLN A 69 -8.28 9.39 3.59
CA GLN A 69 -9.24 10.45 3.85
C GLN A 69 -10.10 10.71 2.62
N GLU A 70 -9.49 10.65 1.44
CA GLU A 70 -10.21 10.87 0.20
C GLU A 70 -10.90 9.59 -0.26
N PHE A 71 -10.30 8.45 0.07
CA PHE A 71 -10.87 7.16 -0.31
C PHE A 71 -12.06 6.81 0.58
N GLU A 72 -11.89 6.99 1.88
CA GLU A 72 -12.95 6.70 2.84
C GLU A 72 -13.94 7.85 2.94
N ARG A 73 -13.72 8.91 2.17
CA ARG A 73 -14.60 10.08 2.18
C ARG A 73 -16.04 9.68 1.84
N ASN A 74 -16.31 9.50 0.55
CA ASN A 74 -17.64 9.12 0.10
C ASN A 74 -17.72 7.63 -0.18
N LEU A 75 -16.61 7.04 -0.61
CA LEU A 75 -16.56 5.61 -0.90
C LEU A 75 -17.06 4.78 0.28
N ALA A 76 -16.87 5.30 1.48
CA ALA A 76 -17.31 4.60 2.69
C ALA A 76 -18.83 4.48 2.75
N ARG A 77 -19.50 5.62 2.84
CA ARG A 77 -20.96 5.65 2.90
C ARG A 77 -21.58 5.48 1.51
N PHE A 78 -20.74 5.38 0.49
CA PHE A 78 -21.22 5.22 -0.89
C PHE A 78 -22.10 3.98 -1.02
N ARG A 79 -21.87 2.99 -0.16
CA ARG A 79 -22.65 1.75 -0.20
C ARG A 79 -23.94 1.90 0.61
N GLU A 80 -23.90 1.52 1.88
CA GLU A 80 -25.08 1.61 2.74
C GLU A 80 -25.01 2.84 3.63
N ASP A 81 -24.34 2.71 4.77
CA ASP A 81 -24.20 3.81 5.72
C ASP A 81 -23.51 3.35 7.00
N HIS A 82 -24.09 2.33 7.65
CA HIS A 82 -23.53 1.80 8.88
C HIS A 82 -24.02 0.37 9.11
N PRO A 83 -23.10 -0.62 9.08
CA PRO A 83 -23.47 -2.03 9.29
C PRO A 83 -23.83 -2.33 10.74
N ASP A 84 -24.15 -3.59 11.02
CA ASP A 84 -24.51 -4.01 12.37
C ASP A 84 -23.69 -5.22 12.82
N LEU A 85 -23.44 -6.13 11.88
CA LEU A 85 -22.67 -7.33 12.17
C LEU A 85 -21.30 -7.28 11.50
N ILE A 86 -20.57 -8.40 11.55
CA ILE A 86 -19.24 -8.50 10.96
C ILE A 86 -18.36 -7.31 11.33
N GLN A 87 -17.40 -7.55 12.23
CA GLN A 87 -16.49 -6.51 12.67
C GLN A 87 -15.67 -5.98 11.50
N ASN A 88 -14.61 -5.23 11.81
CA ASN A 88 -13.75 -4.66 10.79
C ASN A 88 -12.55 -3.96 11.42
N ALA A 89 -11.41 -4.64 11.44
CA ALA A 89 -10.20 -4.08 12.01
C ALA A 89 -10.36 -3.84 13.52
N LYS A 90 -9.26 -3.55 14.20
CA LYS A 90 -9.27 -3.31 15.63
C LYS A 90 -7.90 -2.87 16.13
N LYS A 91 -7.87 -1.75 16.85
CA LYS A 91 -6.62 -1.23 17.38
C LYS A 91 -6.68 -1.13 18.90
N MET A 1 -3.80 0.25 -11.05
CA MET A 1 -4.18 -1.15 -10.74
C MET A 1 -4.72 -1.28 -9.31
N LYS A 2 -6.00 -1.61 -9.19
CA LYS A 2 -6.62 -1.76 -7.88
C LYS A 2 -7.07 -3.20 -7.66
N LYS A 3 -7.36 -3.54 -6.42
CA LYS A 3 -7.79 -4.88 -6.07
C LYS A 3 -9.32 -4.95 -5.92
N LEU A 4 -9.82 -6.10 -5.52
CA LEU A 4 -11.26 -6.29 -5.34
C LEU A 4 -11.60 -6.52 -3.87
N LYS A 5 -12.82 -6.97 -3.61
CA LYS A 5 -13.27 -7.23 -2.24
C LYS A 5 -13.48 -5.93 -1.48
N LYS A 6 -14.55 -5.22 -1.80
CA LYS A 6 -14.86 -3.95 -1.15
C LYS A 6 -16.32 -3.91 -0.70
N HIS A 7 -16.54 -3.65 0.58
CA HIS A 7 -17.89 -3.58 1.13
C HIS A 7 -18.26 -2.15 1.49
N PRO A 8 -19.55 -1.90 1.76
CA PRO A 8 -20.04 -0.55 2.13
C PRO A 8 -19.54 -0.11 3.50
N ASP A 9 -18.96 -1.04 4.25
CA ASP A 9 -18.45 -0.73 5.59
C ASP A 9 -17.05 -1.30 5.78
N PHE A 10 -16.30 -1.40 4.70
CA PHE A 10 -14.93 -1.92 4.76
C PHE A 10 -14.19 -1.66 3.46
N PRO A 11 -13.51 -0.51 3.36
CA PRO A 11 -12.75 -0.15 2.15
C PRO A 11 -11.38 -0.81 2.09
N LYS A 12 -10.69 -0.64 0.97
CA LYS A 12 -9.37 -1.22 0.77
C LYS A 12 -8.84 -0.86 -0.61
N LYS A 13 -8.01 0.18 -0.68
CA LYS A 13 -7.44 0.63 -1.94
C LYS A 13 -5.99 1.08 -1.78
N PRO A 14 -5.74 2.16 -1.00
CA PRO A 14 -4.38 2.67 -0.78
C PRO A 14 -3.42 1.58 -0.34
N LEU A 15 -2.14 1.94 -0.23
CA LEU A 15 -1.11 1.00 0.19
C LEU A 15 -0.43 1.46 1.47
N THR A 16 0.52 0.67 1.95
CA THR A 16 1.24 1.00 3.17
C THR A 16 2.51 1.79 2.86
N PRO A 17 3.14 2.39 3.88
CA PRO A 17 4.36 3.17 3.69
C PRO A 17 5.49 2.32 3.13
N TYR A 18 5.54 1.07 3.57
CA TYR A 18 6.55 0.13 3.11
C TYR A 18 6.25 -0.31 1.68
N PHE A 19 4.95 -0.38 1.37
CA PHE A 19 4.51 -0.79 0.04
C PHE A 19 4.91 0.26 -1.00
N ARG A 20 4.48 1.51 -0.77
CA ARG A 20 4.82 2.60 -1.67
C ARG A 20 6.33 2.74 -1.83
N PHE A 21 7.08 2.19 -0.86
CA PHE A 21 8.53 2.23 -0.88
C PHE A 21 9.10 1.05 -1.65
N PHE A 22 8.54 -0.13 -1.39
CA PHE A 22 8.99 -1.36 -2.04
C PHE A 22 8.46 -1.43 -3.46
N MET A 23 7.15 -1.29 -3.57
CA MET A 23 6.47 -1.33 -4.85
C MET A 23 7.05 -0.27 -5.81
N GLU A 24 7.71 0.74 -5.25
CA GLU A 24 8.29 1.80 -6.05
C GLU A 24 9.64 1.40 -6.64
N LYS A 25 10.57 1.00 -5.78
CA LYS A 25 11.90 0.61 -6.22
C LYS A 25 11.93 -0.78 -6.84
N ARG A 26 10.82 -1.50 -6.75
CA ARG A 26 10.72 -2.83 -7.32
C ARG A 26 11.13 -2.82 -8.78
N ALA A 27 10.90 -1.68 -9.43
CA ALA A 27 11.27 -1.51 -10.82
C ALA A 27 12.76 -1.29 -10.95
N LYS A 28 13.32 -0.59 -9.96
CA LYS A 28 14.74 -0.29 -9.94
C LYS A 28 15.55 -1.38 -9.23
N TYR A 29 14.87 -2.36 -8.65
CA TYR A 29 15.55 -3.45 -7.95
C TYR A 29 15.63 -4.69 -8.83
N ALA A 30 14.64 -4.86 -9.70
CA ALA A 30 14.62 -6.01 -10.60
C ALA A 30 15.53 -5.78 -11.80
N LYS A 31 15.86 -4.52 -12.05
CA LYS A 31 16.73 -4.17 -13.17
C LYS A 31 18.20 -4.21 -12.76
N LEU A 32 18.46 -4.00 -11.47
CA LEU A 32 19.83 -4.00 -10.96
C LEU A 32 20.16 -5.31 -10.25
N HIS A 33 19.19 -6.21 -10.15
CA HIS A 33 19.40 -7.49 -9.49
C HIS A 33 19.04 -8.66 -10.41
N PRO A 34 19.69 -8.72 -11.59
CA PRO A 34 19.43 -9.79 -12.57
C PRO A 34 20.09 -11.10 -12.17
N GLU A 35 21.06 -11.03 -11.26
CA GLU A 35 21.76 -12.22 -10.81
C GLU A 35 21.37 -12.58 -9.37
N MET A 36 20.22 -12.07 -8.93
CA MET A 36 19.74 -12.33 -7.59
C MET A 36 18.45 -13.15 -7.64
N SER A 37 17.72 -13.18 -6.52
CA SER A 37 16.48 -13.95 -6.44
C SER A 37 15.32 -13.09 -5.93
N ASN A 38 15.53 -11.78 -5.90
CA ASN A 38 14.50 -10.84 -5.42
C ASN A 38 14.49 -10.75 -3.89
N LEU A 39 15.08 -11.75 -3.24
CA LEU A 39 15.16 -11.77 -1.79
C LEU A 39 16.23 -10.81 -1.30
N ASP A 40 17.31 -10.71 -2.07
CA ASP A 40 18.40 -9.81 -1.73
C ASP A 40 17.93 -8.37 -1.73
N LEU A 41 17.26 -7.98 -2.81
CA LEU A 41 16.73 -6.62 -2.93
C LEU A 41 15.68 -6.34 -1.86
N THR A 42 14.81 -7.33 -1.62
CA THR A 42 13.77 -7.19 -0.61
C THR A 42 14.37 -6.81 0.75
N LYS A 43 15.50 -7.43 1.07
CA LYS A 43 16.19 -7.16 2.33
C LYS A 43 16.63 -5.69 2.37
N ILE A 44 17.08 -5.20 1.22
CA ILE A 44 17.53 -3.81 1.09
C ILE A 44 16.45 -2.86 1.55
N LEU A 45 15.23 -3.06 1.06
CA LEU A 45 14.11 -2.21 1.42
C LEU A 45 13.70 -2.41 2.88
N SER A 46 13.98 -3.59 3.41
CA SER A 46 13.65 -3.90 4.79
C SER A 46 14.74 -3.41 5.74
N LYS A 47 15.85 -2.94 5.16
CA LYS A 47 16.96 -2.44 5.95
C LYS A 47 16.94 -0.91 5.99
N LYS A 48 16.49 -0.30 4.91
CA LYS A 48 16.41 1.16 4.82
C LYS A 48 15.21 1.68 5.59
N TYR A 49 14.04 1.09 5.34
CA TYR A 49 12.81 1.48 5.98
C TYR A 49 12.98 1.65 7.50
N LYS A 50 13.85 0.83 8.08
CA LYS A 50 14.11 0.90 9.51
C LYS A 50 15.33 1.77 9.82
N GLU A 51 16.29 1.77 8.90
CA GLU A 51 17.51 2.55 9.08
C GLU A 51 17.21 4.05 9.13
N LEU A 52 16.17 4.47 8.42
CA LEU A 52 15.78 5.86 8.39
C LEU A 52 15.45 6.39 9.78
N PRO A 53 15.79 7.65 10.05
CA PRO A 53 15.54 8.30 11.35
C PRO A 53 14.06 8.55 11.60
N GLU A 54 13.23 7.78 10.94
CA GLU A 54 11.78 7.93 11.06
C GLU A 54 11.37 9.35 10.68
N LYS A 55 12.29 10.10 10.06
CA LYS A 55 11.99 11.46 9.65
C LYS A 55 11.43 11.48 8.23
N LYS A 56 11.60 10.37 7.51
CA LYS A 56 11.12 10.25 6.14
C LYS A 56 9.81 9.47 6.08
N LYS A 57 9.64 8.55 7.03
CA LYS A 57 8.44 7.73 7.10
C LYS A 57 7.26 8.55 7.62
N MET A 58 7.57 9.53 8.47
CA MET A 58 6.55 10.41 9.02
C MET A 58 5.67 10.94 7.88
N LYS A 59 6.28 11.01 6.69
CA LYS A 59 5.59 11.47 5.50
C LYS A 59 4.85 10.30 4.86
N TYR A 60 5.57 9.19 4.68
CA TYR A 60 5.01 7.98 4.09
C TYR A 60 3.72 7.60 4.81
N ILE A 61 3.83 7.44 6.12
CA ILE A 61 2.68 7.07 6.93
C ILE A 61 1.59 8.13 6.84
N GLN A 62 2.02 9.40 6.83
CA GLN A 62 1.10 10.51 6.71
C GLN A 62 0.47 10.49 5.32
N ASP A 63 1.17 9.83 4.38
CA ASP A 63 0.69 9.72 3.03
C ASP A 63 -0.23 8.51 2.90
N PHE A 64 -0.02 7.53 3.77
CA PHE A 64 -0.82 6.31 3.78
C PHE A 64 -2.12 6.53 4.55
N GLN A 65 -2.05 7.31 5.61
CA GLN A 65 -3.20 7.61 6.44
C GLN A 65 -4.16 8.59 5.76
N ARG A 66 -3.59 9.63 5.16
CA ARG A 66 -4.40 10.64 4.47
C ARG A 66 -5.14 10.05 3.28
N GLU A 67 -4.60 8.96 2.73
CA GLU A 67 -5.20 8.30 1.58
C GLU A 67 -6.13 7.16 2.02
N LYS A 68 -6.12 6.84 3.31
CA LYS A 68 -6.96 5.78 3.83
C LYS A 68 -8.22 6.33 4.50
N GLN A 69 -8.17 7.59 4.89
CA GLN A 69 -9.31 8.23 5.55
C GLN A 69 -10.10 9.10 4.57
N GLU A 70 -9.51 10.21 4.16
CA GLU A 70 -10.16 11.13 3.23
C GLU A 70 -10.58 10.42 1.94
N PHE A 71 -9.92 9.31 1.64
CA PHE A 71 -10.23 8.55 0.43
C PHE A 71 -11.54 7.78 0.58
N GLU A 72 -11.55 6.79 1.45
CA GLU A 72 -12.73 5.97 1.69
C GLU A 72 -13.89 6.81 2.26
N ARG A 73 -13.57 8.01 2.74
CA ARG A 73 -14.58 8.89 3.32
C ARG A 73 -15.85 8.94 2.47
N ASN A 74 -15.82 9.71 1.40
CA ASN A 74 -16.97 9.84 0.51
C ASN A 74 -16.85 8.89 -0.69
N LEU A 75 -15.77 8.13 -0.75
CA LEU A 75 -15.55 7.20 -1.85
C LEU A 75 -16.29 5.88 -1.62
N ALA A 76 -15.89 5.16 -0.57
CA ALA A 76 -16.51 3.88 -0.25
C ALA A 76 -17.53 4.01 0.88
N ARG A 77 -17.12 4.65 1.97
CA ARG A 77 -17.99 4.83 3.13
C ARG A 77 -19.31 5.50 2.74
N PHE A 78 -19.32 6.20 1.61
CA PHE A 78 -20.53 6.88 1.15
C PHE A 78 -21.71 5.90 1.04
N ARG A 79 -21.91 5.31 -0.15
CA ARG A 79 -23.00 4.37 -0.34
C ARG A 79 -22.50 2.92 -0.28
N GLU A 80 -22.31 2.30 -1.45
CA GLU A 80 -21.83 0.92 -1.52
C GLU A 80 -20.34 0.89 -1.85
N ASP A 81 -20.02 1.01 -3.14
CA ASP A 81 -18.63 0.99 -3.59
C ASP A 81 -18.57 1.00 -5.12
N HIS A 82 -19.30 0.06 -5.73
CA HIS A 82 -19.35 -0.04 -7.18
C HIS A 82 -20.25 -1.20 -7.61
N PRO A 83 -21.53 -0.90 -7.95
CA PRO A 83 -22.49 -1.93 -8.37
C PRO A 83 -22.16 -2.49 -9.75
N ASP A 84 -21.00 -3.11 -9.87
CA ASP A 84 -20.57 -3.70 -11.13
C ASP A 84 -19.19 -4.34 -11.00
N LEU A 85 -18.93 -4.93 -9.84
CA LEU A 85 -17.64 -5.58 -9.58
C LEU A 85 -17.83 -7.01 -9.08
N ILE A 86 -18.99 -7.30 -8.49
CA ILE A 86 -19.30 -8.62 -7.97
C ILE A 86 -18.55 -8.92 -6.66
N GLN A 87 -17.65 -8.03 -6.26
CA GLN A 87 -16.88 -8.21 -5.04
C GLN A 87 -16.22 -9.59 -4.99
N ASN A 88 -15.43 -9.82 -3.94
CA ASN A 88 -14.73 -11.09 -3.78
C ASN A 88 -13.87 -11.42 -4.98
N ALA A 89 -12.59 -11.08 -4.91
CA ALA A 89 -11.66 -11.35 -6.01
C ALA A 89 -11.53 -12.85 -6.25
N LYS A 90 -11.24 -13.22 -7.50
CA LYS A 90 -11.08 -14.63 -7.84
C LYS A 90 -12.36 -15.41 -7.57
N LYS A 91 -12.32 -16.71 -7.82
CA LYS A 91 -13.48 -17.57 -7.59
C LYS A 91 -13.92 -17.51 -6.14
N MET A 1 -9.25 -6.98 -12.41
CA MET A 1 -9.93 -6.63 -13.69
C MET A 1 -11.43 -6.50 -13.49
N LYS A 2 -11.98 -7.31 -12.59
CA LYS A 2 -13.40 -7.29 -12.30
C LYS A 2 -13.69 -7.82 -10.90
N LYS A 3 -14.23 -6.95 -10.05
CA LYS A 3 -14.55 -7.32 -8.68
C LYS A 3 -13.30 -7.72 -7.92
N LEU A 4 -12.95 -6.95 -6.90
CA LEU A 4 -11.77 -7.21 -6.09
C LEU A 4 -12.16 -7.58 -4.66
N LYS A 5 -11.20 -8.10 -3.91
CA LYS A 5 -11.44 -8.49 -2.53
C LYS A 5 -11.71 -7.28 -1.65
N LYS A 6 -12.96 -7.10 -1.25
CA LYS A 6 -13.35 -5.98 -0.41
C LYS A 6 -14.82 -6.06 -0.03
N HIS A 7 -15.10 -6.53 1.19
CA HIS A 7 -16.46 -6.66 1.67
C HIS A 7 -16.86 -5.45 2.52
N PRO A 8 -18.15 -5.35 2.90
CA PRO A 8 -18.65 -4.24 3.71
C PRO A 8 -17.82 -4.04 4.99
N ASP A 9 -17.80 -2.81 5.48
CA ASP A 9 -17.06 -2.48 6.69
C ASP A 9 -15.56 -2.73 6.48
N PHE A 10 -14.74 -1.99 7.22
CA PHE A 10 -13.30 -2.12 7.12
C PHE A 10 -12.83 -1.84 5.69
N PRO A 11 -12.76 -0.55 5.30
CA PRO A 11 -12.33 -0.15 3.96
C PRO A 11 -10.83 -0.35 3.76
N LYS A 12 -10.48 -1.33 2.93
CA LYS A 12 -9.08 -1.62 2.64
C LYS A 12 -8.79 -1.45 1.15
N LYS A 13 -7.77 -0.68 0.83
CA LYS A 13 -7.40 -0.45 -0.56
C LYS A 13 -5.97 0.11 -0.67
N PRO A 14 -5.73 1.33 -0.14
CA PRO A 14 -4.41 1.95 -0.21
C PRO A 14 -3.31 1.02 0.30
N LEU A 15 -2.06 1.45 0.15
CA LEU A 15 -0.92 0.67 0.59
C LEU A 15 -0.26 1.30 1.81
N THR A 16 0.78 0.65 2.32
CA THR A 16 1.50 1.16 3.48
C THR A 16 2.82 1.78 3.05
N PRO A 17 3.36 2.72 3.85
CA PRO A 17 4.62 3.39 3.57
C PRO A 17 5.71 2.43 3.09
N TYR A 18 5.94 1.37 3.86
CA TYR A 18 6.94 0.38 3.50
C TYR A 18 6.64 -0.21 2.13
N PHE A 19 5.35 -0.33 1.81
CA PHE A 19 4.93 -0.87 0.52
C PHE A 19 5.24 0.11 -0.59
N ARG A 20 4.77 1.35 -0.43
CA ARG A 20 5.01 2.39 -1.42
C ARG A 20 6.51 2.62 -1.60
N PHE A 21 7.28 2.22 -0.58
CA PHE A 21 8.73 2.37 -0.60
C PHE A 21 9.39 1.19 -1.30
N PHE A 22 8.84 0.00 -1.08
CA PHE A 22 9.35 -1.21 -1.67
C PHE A 22 8.93 -1.29 -3.13
N MET A 23 7.65 -0.99 -3.35
CA MET A 23 7.08 -0.99 -4.67
C MET A 23 7.67 0.14 -5.53
N GLU A 24 8.18 1.18 -4.87
CA GLU A 24 8.76 2.32 -5.56
C GLU A 24 10.12 1.98 -6.16
N LYS A 25 11.02 1.45 -5.33
CA LYS A 25 12.36 1.11 -5.78
C LYS A 25 12.42 -0.23 -6.47
N ARG A 26 11.31 -0.95 -6.51
CA ARG A 26 11.27 -2.25 -7.17
C ARG A 26 11.73 -2.10 -8.61
N ALA A 27 11.46 -0.94 -9.19
CA ALA A 27 11.86 -0.63 -10.54
C ALA A 27 13.38 -0.54 -10.61
N LYS A 28 13.96 0.00 -9.54
CA LYS A 28 15.40 0.16 -9.45
C LYS A 28 16.07 -1.12 -8.96
N TYR A 29 15.27 -2.05 -8.46
CA TYR A 29 15.80 -3.33 -7.96
C TYR A 29 15.62 -4.44 -8.97
N ALA A 30 14.49 -4.41 -9.67
CA ALA A 30 14.19 -5.41 -10.69
C ALA A 30 15.29 -5.42 -11.73
N LYS A 31 15.99 -4.28 -11.80
CA LYS A 31 17.10 -4.11 -12.71
C LYS A 31 18.41 -4.41 -11.98
N LEU A 32 18.35 -4.28 -10.66
CA LEU A 32 19.50 -4.52 -9.79
C LEU A 32 19.88 -6.00 -9.73
N HIS A 33 18.89 -6.88 -9.83
CA HIS A 33 19.15 -8.31 -9.77
C HIS A 33 19.07 -8.98 -11.14
N PRO A 34 20.12 -8.84 -11.96
CA PRO A 34 20.16 -9.44 -13.29
C PRO A 34 20.31 -10.96 -13.20
N GLU A 35 20.81 -11.43 -12.06
CA GLU A 35 21.00 -12.87 -11.85
C GLU A 35 20.81 -13.23 -10.37
N MET A 36 20.09 -12.38 -9.63
CA MET A 36 19.84 -12.64 -8.21
C MET A 36 18.37 -12.96 -7.99
N SER A 37 17.94 -12.92 -6.73
CA SER A 37 16.56 -13.21 -6.39
C SER A 37 15.94 -12.04 -5.62
N ASN A 38 14.62 -11.95 -5.69
CA ASN A 38 13.88 -10.88 -5.00
C ASN A 38 14.24 -10.84 -3.52
N LEU A 39 14.79 -11.94 -3.01
CA LEU A 39 15.16 -12.01 -1.60
C LEU A 39 16.35 -11.11 -1.31
N ASP A 40 17.28 -11.04 -2.27
CA ASP A 40 18.46 -10.21 -2.11
C ASP A 40 18.10 -8.74 -2.07
N LEU A 41 17.16 -8.34 -2.93
CA LEU A 41 16.70 -6.95 -2.97
C LEU A 41 15.70 -6.67 -1.86
N THR A 42 14.76 -7.59 -1.65
CA THR A 42 13.75 -7.43 -0.62
C THR A 42 14.41 -7.05 0.71
N LYS A 43 15.58 -7.63 0.97
CA LYS A 43 16.32 -7.33 2.19
C LYS A 43 16.78 -5.88 2.17
N ILE A 44 17.19 -5.42 0.99
CA ILE A 44 17.65 -4.05 0.82
C ILE A 44 16.60 -3.05 1.30
N LEU A 45 15.34 -3.30 0.94
CA LEU A 45 14.24 -2.42 1.32
C LEU A 45 13.77 -2.71 2.74
N SER A 46 14.03 -3.91 3.23
CA SER A 46 13.62 -4.28 4.58
C SER A 46 14.53 -3.64 5.62
N LYS A 47 15.74 -3.33 5.20
CA LYS A 47 16.72 -2.71 6.06
C LYS A 47 16.57 -1.19 6.04
N LYS A 48 16.45 -0.62 4.85
CA LYS A 48 16.30 0.82 4.69
C LYS A 48 15.10 1.33 5.48
N TYR A 49 13.91 0.86 5.13
CA TYR A 49 12.69 1.28 5.80
C TYR A 49 12.83 1.23 7.31
N LYS A 50 13.52 0.21 7.81
CA LYS A 50 13.72 0.06 9.24
C LYS A 50 14.76 1.06 9.75
N GLU A 51 15.83 1.23 8.98
CA GLU A 51 16.90 2.15 9.34
C GLU A 51 16.44 3.60 9.20
N LEU A 52 15.35 3.82 8.46
CA LEU A 52 14.82 5.16 8.25
C LEU A 52 14.64 5.89 9.58
N PRO A 53 15.20 7.12 9.70
CA PRO A 53 15.10 7.92 10.91
C PRO A 53 13.71 8.48 11.16
N GLU A 54 12.72 7.87 10.53
CA GLU A 54 11.33 8.32 10.65
C GLU A 54 11.21 9.79 10.22
N LYS A 55 12.25 10.31 9.57
CA LYS A 55 12.23 11.70 9.12
C LYS A 55 11.46 11.81 7.80
N LYS A 56 11.55 10.77 6.98
CA LYS A 56 10.86 10.74 5.69
C LYS A 56 9.57 9.94 5.78
N LYS A 57 9.51 9.03 6.75
CA LYS A 57 8.33 8.20 6.94
C LYS A 57 7.13 9.06 7.27
N MET A 58 7.35 10.09 8.08
CA MET A 58 6.28 11.01 8.46
C MET A 58 5.51 11.45 7.23
N LYS A 59 6.18 11.43 6.08
CA LYS A 59 5.57 11.80 4.82
C LYS A 59 4.79 10.62 4.25
N TYR A 60 5.44 9.47 4.19
CA TYR A 60 4.82 8.26 3.68
C TYR A 60 3.58 7.89 4.49
N ILE A 61 3.76 7.80 5.81
CA ILE A 61 2.64 7.46 6.69
C ILE A 61 1.54 8.50 6.55
N GLN A 62 1.95 9.75 6.29
CA GLN A 62 1.00 10.83 6.10
C GLN A 62 0.27 10.64 4.79
N ASP A 63 0.87 9.85 3.90
CA ASP A 63 0.27 9.57 2.60
C ASP A 63 -0.61 8.33 2.72
N PHE A 64 -0.24 7.45 3.64
CA PHE A 64 -0.97 6.22 3.88
C PHE A 64 -2.16 6.46 4.81
N GLN A 65 -2.11 7.57 5.56
CA GLN A 65 -3.18 7.91 6.49
C GLN A 65 -4.14 8.95 5.91
N ARG A 66 -3.62 9.81 5.04
CA ARG A 66 -4.43 10.86 4.43
C ARG A 66 -5.34 10.29 3.33
N GLU A 67 -5.00 9.12 2.81
CA GLU A 67 -5.79 8.50 1.76
C GLU A 67 -6.71 7.43 2.35
N LYS A 68 -6.27 6.81 3.44
CA LYS A 68 -7.06 5.78 4.10
C LYS A 68 -8.28 6.37 4.79
N GLN A 69 -8.30 7.70 4.91
CA GLN A 69 -9.40 8.39 5.56
C GLN A 69 -10.50 8.72 4.54
N GLU A 70 -10.10 9.21 3.38
CA GLU A 70 -11.04 9.56 2.32
C GLU A 70 -11.72 8.30 1.77
N PHE A 71 -10.99 7.19 1.80
CA PHE A 71 -11.52 5.92 1.31
C PHE A 71 -12.50 5.32 2.30
N GLU A 72 -12.39 5.72 3.57
CA GLU A 72 -13.26 5.22 4.62
C GLU A 72 -14.40 6.20 4.92
N ARG A 73 -14.43 7.32 4.20
CA ARG A 73 -15.47 8.33 4.39
C ARG A 73 -16.86 7.73 4.23
N ASN A 74 -17.29 7.56 2.99
CA ASN A 74 -18.61 7.01 2.71
C ASN A 74 -18.55 5.50 2.49
N LEU A 75 -17.43 5.02 1.98
CA LEU A 75 -17.25 3.60 1.72
C LEU A 75 -17.59 2.77 2.96
N ALA A 76 -17.44 3.37 4.13
CA ALA A 76 -17.72 2.68 5.39
C ALA A 76 -19.18 2.83 5.78
N ARG A 77 -19.79 3.95 5.37
CA ARG A 77 -21.18 4.22 5.69
C ARG A 77 -22.09 3.06 5.28
N PHE A 78 -21.64 2.28 4.30
CA PHE A 78 -22.40 1.13 3.82
C PHE A 78 -22.73 0.16 4.96
N ARG A 79 -21.94 0.22 6.02
CA ARG A 79 -22.15 -0.66 7.17
C ARG A 79 -23.57 -0.53 7.71
N GLU A 80 -24.18 0.63 7.50
CA GLU A 80 -25.55 0.86 7.96
C GLU A 80 -26.56 0.50 6.88
N ASP A 81 -26.17 0.68 5.62
CA ASP A 81 -27.05 0.36 4.50
C ASP A 81 -27.25 -1.15 4.37
N HIS A 82 -27.96 -1.56 3.32
CA HIS A 82 -28.21 -2.97 3.09
C HIS A 82 -26.92 -3.76 2.98
N PRO A 83 -27.00 -5.10 2.96
CA PRO A 83 -25.82 -5.97 2.87
C PRO A 83 -24.94 -5.61 1.69
N ASP A 84 -23.93 -6.44 1.43
CA ASP A 84 -23.01 -6.22 0.32
C ASP A 84 -23.76 -6.12 -1.00
N LEU A 85 -23.84 -4.90 -1.53
CA LEU A 85 -24.54 -4.66 -2.78
C LEU A 85 -23.60 -4.02 -3.81
N ILE A 86 -22.89 -2.98 -3.38
CA ILE A 86 -21.96 -2.28 -4.26
C ILE A 86 -20.70 -1.89 -3.51
N GLN A 87 -20.27 -2.75 -2.60
CA GLN A 87 -19.06 -2.48 -1.81
C GLN A 87 -17.91 -3.35 -2.29
N ASN A 88 -17.89 -3.64 -3.59
CA ASN A 88 -16.83 -4.45 -4.17
C ASN A 88 -16.27 -3.79 -5.43
N ALA A 89 -17.11 -3.70 -6.47
CA ALA A 89 -16.70 -3.10 -7.73
C ALA A 89 -17.87 -3.03 -8.70
N LYS A 90 -18.75 -2.06 -8.50
CA LYS A 90 -19.91 -1.89 -9.36
C LYS A 90 -20.17 -0.41 -9.64
N LYS A 91 -19.54 0.12 -10.68
CA LYS A 91 -19.70 1.51 -11.05
C LYS A 91 -19.26 2.43 -9.92
N MET A 1 -18.72 8.29 -10.54
CA MET A 1 -19.39 7.16 -9.84
C MET A 1 -19.50 5.92 -10.73
N LYS A 2 -20.09 6.10 -11.90
CA LYS A 2 -20.26 5.01 -12.85
C LYS A 2 -18.91 4.49 -13.32
N LYS A 3 -18.85 3.21 -13.66
CA LYS A 3 -17.62 2.59 -14.13
C LYS A 3 -16.51 2.72 -13.09
N LEU A 4 -16.90 2.89 -11.82
CA LEU A 4 -15.95 3.02 -10.74
C LEU A 4 -16.67 3.26 -9.41
N LYS A 5 -17.73 2.49 -9.16
CA LYS A 5 -18.50 2.63 -7.94
C LYS A 5 -17.62 2.40 -6.71
N LYS A 6 -17.25 1.14 -6.47
CA LYS A 6 -16.41 0.78 -5.33
C LYS A 6 -16.91 1.44 -4.04
N HIS A 7 -18.21 1.70 -3.99
CA HIS A 7 -18.81 2.33 -2.82
C HIS A 7 -19.48 1.31 -1.90
N PRO A 8 -20.44 0.52 -2.43
CA PRO A 8 -21.15 -0.48 -1.64
C PRO A 8 -20.39 -1.79 -1.54
N ASP A 9 -19.87 -2.27 -2.67
CA ASP A 9 -19.12 -3.52 -2.70
C ASP A 9 -17.70 -3.29 -3.19
N PHE A 10 -16.83 -4.28 -2.96
CA PHE A 10 -15.44 -4.18 -3.39
C PHE A 10 -14.75 -2.99 -2.72
N PRO A 11 -14.74 -2.96 -1.37
CA PRO A 11 -14.11 -1.88 -0.61
C PRO A 11 -12.59 -1.93 -0.69
N LYS A 12 -12.01 -1.09 -1.54
CA LYS A 12 -10.55 -1.05 -1.71
C LYS A 12 -9.89 -0.38 -0.51
N LYS A 13 -8.58 -0.56 -0.40
CA LYS A 13 -7.82 0.02 0.70
C LYS A 13 -6.35 0.17 0.31
N PRO A 14 -5.84 1.42 0.23
CA PRO A 14 -4.44 1.69 -0.14
C PRO A 14 -3.46 0.76 0.55
N LEU A 15 -2.21 0.79 0.10
CA LEU A 15 -1.16 -0.04 0.67
C LEU A 15 -0.58 0.64 1.92
N THR A 16 0.72 0.51 2.13
CA THR A 16 1.37 1.13 3.28
C THR A 16 2.64 1.87 2.87
N PRO A 17 3.00 2.93 3.61
CA PRO A 17 4.19 3.74 3.33
C PRO A 17 5.40 2.89 2.97
N TYR A 18 5.69 1.90 3.80
CA TYR A 18 6.82 1.00 3.55
C TYR A 18 6.66 0.30 2.20
N PHE A 19 5.41 0.13 1.77
CA PHE A 19 5.11 -0.53 0.50
C PHE A 19 5.41 0.41 -0.67
N ARG A 20 4.82 1.60 -0.64
CA ARG A 20 5.03 2.58 -1.71
C ARG A 20 6.52 2.87 -1.87
N PHE A 21 7.31 2.52 -0.88
CA PHE A 21 8.75 2.73 -0.90
C PHE A 21 9.45 1.60 -1.67
N PHE A 22 9.03 0.38 -1.37
CA PHE A 22 9.59 -0.79 -2.00
C PHE A 22 8.96 -1.01 -3.38
N MET A 23 7.65 -0.88 -3.43
CA MET A 23 6.90 -1.05 -4.66
C MET A 23 7.25 0.01 -5.71
N GLU A 24 7.77 1.16 -5.26
CA GLU A 24 8.11 2.23 -6.17
C GLU A 24 9.54 2.12 -6.71
N LYS A 25 10.48 1.76 -5.84
CA LYS A 25 11.88 1.64 -6.27
C LYS A 25 12.28 0.19 -6.55
N ARG A 26 11.35 -0.75 -6.36
CA ARG A 26 11.63 -2.16 -6.63
C ARG A 26 12.22 -2.30 -8.02
N ALA A 27 11.71 -1.49 -8.93
CA ALA A 27 12.19 -1.50 -10.31
C ALA A 27 13.69 -1.34 -10.33
N LYS A 28 14.18 -0.56 -9.38
CA LYS A 28 15.61 -0.28 -9.27
C LYS A 28 16.38 -1.56 -8.90
N TYR A 29 15.69 -2.54 -8.36
CA TYR A 29 16.30 -3.80 -7.98
C TYR A 29 16.04 -4.88 -9.02
N ALA A 30 14.90 -4.78 -9.69
CA ALA A 30 14.55 -5.74 -10.73
C ALA A 30 15.52 -5.61 -11.89
N LYS A 31 16.20 -4.47 -11.92
CA LYS A 31 17.18 -4.18 -12.96
C LYS A 31 18.59 -4.45 -12.45
N LEU A 32 18.77 -4.32 -11.14
CA LEU A 32 20.07 -4.54 -10.51
C LEU A 32 20.20 -5.96 -9.96
N HIS A 33 19.14 -6.76 -10.11
CA HIS A 33 19.15 -8.14 -9.63
C HIS A 33 18.71 -9.11 -10.72
N PRO A 34 19.50 -9.25 -11.80
CA PRO A 34 19.19 -10.14 -12.92
C PRO A 34 19.53 -11.59 -12.61
N GLU A 35 20.67 -11.81 -11.95
CA GLU A 35 21.11 -13.15 -11.60
C GLU A 35 20.87 -13.44 -10.12
N MET A 36 20.01 -12.64 -9.52
CA MET A 36 19.67 -12.80 -8.11
C MET A 36 18.18 -13.03 -7.92
N SER A 37 17.70 -12.90 -6.71
CA SER A 37 16.29 -13.10 -6.41
C SER A 37 15.71 -11.88 -5.69
N ASN A 38 14.40 -11.74 -5.73
CA ASN A 38 13.72 -10.62 -5.08
C ASN A 38 14.09 -10.56 -3.59
N LEU A 39 14.57 -11.67 -3.06
CA LEU A 39 14.95 -11.74 -1.65
C LEU A 39 16.18 -10.88 -1.38
N ASP A 40 17.15 -10.94 -2.29
CA ASP A 40 18.38 -10.17 -2.16
C ASP A 40 18.07 -8.68 -2.16
N LEU A 41 17.05 -8.28 -2.91
CA LEU A 41 16.65 -6.89 -3.00
C LEU A 41 15.64 -6.54 -1.91
N THR A 42 14.73 -7.48 -1.62
CA THR A 42 13.72 -7.26 -0.59
C THR A 42 14.38 -6.94 0.74
N LYS A 43 15.47 -7.63 1.05
CA LYS A 43 16.19 -7.41 2.29
C LYS A 43 16.78 -5.99 2.31
N ILE A 44 17.31 -5.58 1.16
CA ILE A 44 17.89 -4.24 1.03
C ILE A 44 16.88 -3.16 1.36
N LEU A 45 15.66 -3.34 0.87
CA LEU A 45 14.59 -2.37 1.10
C LEU A 45 14.01 -2.50 2.49
N SER A 46 14.09 -3.69 3.06
CA SER A 46 13.58 -3.93 4.41
C SER A 46 14.58 -3.44 5.45
N LYS A 47 15.79 -3.12 4.99
CA LYS A 47 16.84 -2.63 5.85
C LYS A 47 16.95 -1.11 5.76
N LYS A 48 16.80 -0.59 4.54
CA LYS A 48 16.87 0.84 4.30
C LYS A 48 15.73 1.56 5.02
N TYR A 49 14.50 1.14 4.76
CA TYR A 49 13.33 1.74 5.37
C TYR A 49 13.49 1.84 6.89
N LYS A 50 13.67 0.69 7.53
CA LYS A 50 13.84 0.65 8.98
C LYS A 50 14.95 1.61 9.42
N GLU A 51 16.02 1.64 8.65
CA GLU A 51 17.16 2.52 8.95
C GLU A 51 16.70 3.97 9.02
N LEU A 52 15.61 4.29 8.32
CA LEU A 52 15.07 5.65 8.31
C LEU A 52 14.82 6.14 9.73
N PRO A 53 15.22 7.39 10.02
CA PRO A 53 15.03 8.00 11.34
C PRO A 53 13.58 8.36 11.63
N GLU A 54 12.67 7.68 10.98
CA GLU A 54 11.24 7.95 11.13
C GLU A 54 10.91 9.38 10.68
N LYS A 55 11.90 10.09 10.14
CA LYS A 55 11.68 11.45 9.69
C LYS A 55 11.12 11.46 8.27
N LYS A 56 11.44 10.42 7.51
CA LYS A 56 10.95 10.30 6.13
C LYS A 56 9.76 9.35 6.05
N LYS A 57 9.38 8.77 7.18
CA LYS A 57 8.23 7.86 7.21
C LYS A 57 7.00 8.58 7.70
N MET A 58 7.21 9.54 8.60
CA MET A 58 6.11 10.34 9.13
C MET A 58 5.38 11.02 7.97
N LYS A 59 6.08 11.19 6.87
CA LYS A 59 5.53 11.80 5.67
C LYS A 59 4.76 10.77 4.86
N TYR A 60 5.40 9.64 4.57
CA TYR A 60 4.75 8.57 3.82
C TYR A 60 3.49 8.11 4.54
N ILE A 61 3.67 7.67 5.78
CA ILE A 61 2.56 7.19 6.59
C ILE A 61 1.44 8.20 6.66
N GLN A 62 1.79 9.48 6.64
CA GLN A 62 0.80 10.54 6.68
C GLN A 62 0.26 10.79 5.28
N ASP A 63 1.08 10.52 4.27
CA ASP A 63 0.66 10.69 2.89
C ASP A 63 -0.11 9.46 2.47
N PHE A 64 -0.07 8.46 3.33
CA PHE A 64 -0.74 7.21 3.10
C PHE A 64 -2.05 7.15 3.86
N GLN A 65 -1.95 7.23 5.18
CA GLN A 65 -3.13 7.18 6.02
C GLN A 65 -4.14 8.22 5.55
N ARG A 66 -3.64 9.34 5.03
CA ARG A 66 -4.51 10.39 4.53
C ARG A 66 -5.39 9.87 3.39
N GLU A 67 -4.92 8.80 2.74
CA GLU A 67 -5.67 8.21 1.63
C GLU A 67 -6.72 7.24 2.17
N LYS A 68 -6.28 6.29 3.00
CA LYS A 68 -7.19 5.31 3.58
C LYS A 68 -8.29 6.01 4.36
N GLN A 69 -7.95 7.13 4.98
CA GLN A 69 -8.90 7.90 5.74
C GLN A 69 -9.99 8.45 4.83
N GLU A 70 -9.57 9.06 3.73
CA GLU A 70 -10.51 9.61 2.76
C GLU A 70 -11.13 8.50 1.91
N PHE A 71 -10.52 7.32 1.95
CA PHE A 71 -11.04 6.18 1.17
C PHE A 71 -12.27 5.57 1.83
N GLU A 72 -12.65 6.09 3.00
CA GLU A 72 -13.81 5.60 3.72
C GLU A 72 -15.02 5.51 2.81
N ARG A 73 -15.05 6.36 1.78
CA ARG A 73 -16.14 6.36 0.83
C ARG A 73 -16.31 5.00 0.18
N ASN A 74 -15.19 4.30 0.01
CA ASN A 74 -15.20 2.97 -0.58
C ASN A 74 -15.37 1.89 0.48
N LEU A 75 -14.95 2.22 1.71
CA LEU A 75 -15.06 1.29 2.83
C LEU A 75 -16.48 1.30 3.40
N ALA A 76 -17.36 2.11 2.81
CA ALA A 76 -18.74 2.21 3.26
C ALA A 76 -19.42 0.85 3.36
N ARG A 77 -18.82 -0.16 2.72
CA ARG A 77 -19.36 -1.53 2.73
C ARG A 77 -19.97 -1.90 4.08
N PHE A 78 -19.40 -1.36 5.15
CA PHE A 78 -19.88 -1.63 6.51
C PHE A 78 -21.39 -1.41 6.61
N ARG A 79 -21.92 -0.53 5.76
CA ARG A 79 -23.34 -0.24 5.75
C ARG A 79 -24.06 -1.00 4.65
N GLU A 80 -23.31 -1.44 3.64
CA GLU A 80 -23.87 -2.18 2.51
C GLU A 80 -24.76 -3.32 3.00
N ASP A 81 -24.16 -4.26 3.73
CA ASP A 81 -24.89 -5.41 4.27
C ASP A 81 -25.28 -6.36 3.14
N HIS A 82 -26.19 -5.91 2.28
CA HIS A 82 -26.66 -6.72 1.16
C HIS A 82 -25.82 -6.46 -0.09
N PRO A 83 -25.75 -7.44 -1.00
CA PRO A 83 -24.98 -7.32 -2.25
C PRO A 83 -25.61 -6.34 -3.22
N ASP A 84 -24.79 -5.73 -4.07
CA ASP A 84 -25.27 -4.78 -5.05
C ASP A 84 -24.13 -4.28 -5.94
N LEU A 85 -23.32 -5.21 -6.44
CA LEU A 85 -22.20 -4.87 -7.30
C LEU A 85 -21.70 -6.10 -8.05
N ILE A 86 -21.92 -6.11 -9.37
CA ILE A 86 -21.49 -7.21 -10.20
C ILE A 86 -20.35 -6.80 -11.13
N GLN A 87 -20.34 -5.54 -11.53
CA GLN A 87 -19.29 -5.02 -12.40
C GLN A 87 -18.10 -4.54 -11.60
N ASN A 88 -17.01 -4.21 -12.29
CA ASN A 88 -15.80 -3.73 -11.64
C ASN A 88 -14.81 -3.18 -12.66
N ALA A 89 -15.04 -1.93 -13.09
CA ALA A 89 -14.18 -1.30 -14.07
C ALA A 89 -12.86 -0.86 -13.42
N LYS A 90 -11.91 -0.48 -14.26
CA LYS A 90 -10.60 -0.03 -13.79
C LYS A 90 -10.09 1.16 -14.59
N LYS A 91 -10.46 2.36 -14.14
CA LYS A 91 -10.05 3.58 -14.83
C LYS A 91 -8.55 3.83 -14.64
N MET A 1 -24.73 -11.50 13.56
CA MET A 1 -23.28 -11.71 13.88
C MET A 1 -22.40 -11.18 12.75
N LYS A 2 -21.09 -11.25 12.96
CA LYS A 2 -20.14 -10.79 11.96
C LYS A 2 -20.32 -9.30 11.69
N LYS A 3 -19.63 -8.47 12.47
CA LYS A 3 -19.72 -7.03 12.30
C LYS A 3 -18.33 -6.41 12.12
N LEU A 4 -18.28 -5.27 11.44
CA LEU A 4 -17.01 -4.59 11.19
C LEU A 4 -16.06 -5.47 10.40
N LYS A 5 -15.86 -5.12 9.13
CA LYS A 5 -14.98 -5.89 8.25
C LYS A 5 -14.19 -4.97 7.33
N LYS A 6 -13.44 -5.58 6.40
CA LYS A 6 -12.64 -4.82 5.45
C LYS A 6 -12.69 -5.47 4.07
N HIS A 7 -13.78 -5.24 3.36
CA HIS A 7 -13.95 -5.80 2.02
C HIS A 7 -14.36 -4.71 1.02
N PRO A 8 -14.44 -5.06 -0.28
CA PRO A 8 -14.82 -4.11 -1.33
C PRO A 8 -16.27 -3.65 -1.20
N ASP A 9 -16.56 -2.98 -0.09
CA ASP A 9 -17.91 -2.47 0.16
C ASP A 9 -17.86 -1.08 0.75
N PHE A 10 -17.00 -0.89 1.75
CA PHE A 10 -16.87 0.40 2.41
C PHE A 10 -15.41 0.87 2.39
N PRO A 11 -14.48 0.12 3.01
CA PRO A 11 -13.07 0.48 3.06
C PRO A 11 -12.23 -0.28 2.02
N LYS A 12 -10.93 -0.43 2.31
CA LYS A 12 -10.02 -1.12 1.40
C LYS A 12 -9.75 -0.31 0.14
N LYS A 13 -8.50 0.08 -0.05
CA LYS A 13 -8.11 0.85 -1.23
C LYS A 13 -6.63 1.25 -1.17
N PRO A 14 -6.24 2.07 -0.17
CA PRO A 14 -4.86 2.52 -0.01
C PRO A 14 -3.93 1.44 0.52
N LEU A 15 -2.63 1.72 0.50
CA LEU A 15 -1.62 0.79 0.99
C LEU A 15 -0.77 1.43 2.08
N THR A 16 0.26 0.72 2.52
CA THR A 16 1.14 1.23 3.58
C THR A 16 2.44 1.78 3.00
N PRO A 17 3.12 2.65 3.77
CA PRO A 17 4.39 3.25 3.36
C PRO A 17 5.37 2.23 2.79
N TYR A 18 5.53 1.12 3.49
CA TYR A 18 6.42 0.06 3.05
C TYR A 18 6.04 -0.43 1.65
N PHE A 19 4.76 -0.32 1.33
CA PHE A 19 4.25 -0.74 0.03
C PHE A 19 4.55 0.32 -1.02
N ARG A 20 4.10 1.55 -0.77
CA ARG A 20 4.33 2.65 -1.70
C ARG A 20 5.84 2.91 -1.88
N PHE A 21 6.65 2.29 -1.04
CA PHE A 21 8.10 2.44 -1.09
C PHE A 21 8.74 1.24 -1.80
N PHE A 22 8.31 0.05 -1.41
CA PHE A 22 8.83 -1.18 -1.99
C PHE A 22 8.17 -1.42 -3.34
N MET A 23 6.85 -1.37 -3.33
CA MET A 23 6.05 -1.58 -4.52
C MET A 23 6.30 -0.52 -5.60
N GLU A 24 6.88 0.61 -5.19
CA GLU A 24 7.15 1.70 -6.13
C GLU A 24 8.51 1.57 -6.81
N LYS A 25 9.54 1.20 -6.04
CA LYS A 25 10.88 1.08 -6.61
C LYS A 25 11.24 -0.37 -6.94
N ARG A 26 10.30 -1.29 -6.69
CA ARG A 26 10.50 -2.69 -6.97
C ARG A 26 11.05 -2.88 -8.37
N ALA A 27 10.65 -1.97 -9.26
CA ALA A 27 11.11 -2.00 -10.64
C ALA A 27 12.58 -1.62 -10.69
N LYS A 28 12.95 -0.70 -9.82
CA LYS A 28 14.33 -0.22 -9.75
C LYS A 28 15.24 -1.21 -9.02
N TYR A 29 14.65 -2.26 -8.45
CA TYR A 29 15.43 -3.26 -7.72
C TYR A 29 15.66 -4.50 -8.59
N ALA A 30 14.71 -4.77 -9.48
CA ALA A 30 14.82 -5.91 -10.38
C ALA A 30 15.85 -5.62 -11.47
N LYS A 31 16.10 -4.34 -11.70
CA LYS A 31 17.06 -3.92 -12.71
C LYS A 31 18.48 -3.90 -12.14
N LEU A 32 18.57 -3.69 -10.83
CA LEU A 32 19.86 -3.64 -10.15
C LEU A 32 20.26 -5.01 -9.62
N HIS A 33 19.40 -6.02 -9.83
CA HIS A 33 19.69 -7.37 -9.37
C HIS A 33 19.46 -8.39 -10.49
N PRO A 34 20.32 -8.36 -11.53
CA PRO A 34 20.21 -9.27 -12.67
C PRO A 34 20.78 -10.65 -12.34
N GLU A 35 21.85 -10.68 -11.56
CA GLU A 35 22.49 -11.93 -11.18
C GLU A 35 22.18 -12.29 -9.73
N MET A 36 21.11 -11.69 -9.20
CA MET A 36 20.69 -11.95 -7.83
C MET A 36 19.23 -12.36 -7.78
N SER A 37 18.63 -12.30 -6.60
CA SER A 37 17.23 -12.67 -6.44
C SER A 37 16.46 -11.57 -5.72
N ASN A 38 15.14 -11.60 -5.87
CA ASN A 38 14.27 -10.61 -5.23
C ASN A 38 14.50 -10.57 -3.71
N LEU A 39 15.09 -11.63 -3.19
CA LEU A 39 15.36 -11.70 -1.75
C LEU A 39 16.49 -10.75 -1.37
N ASP A 40 17.55 -10.72 -2.18
CA ASP A 40 18.69 -9.86 -1.93
C ASP A 40 18.23 -8.40 -1.86
N LEU A 41 17.38 -8.02 -2.79
CA LEU A 41 16.86 -6.65 -2.84
C LEU A 41 15.79 -6.43 -1.76
N THR A 42 14.95 -7.43 -1.54
CA THR A 42 13.89 -7.32 -0.54
C THR A 42 14.48 -6.95 0.82
N LYS A 43 15.61 -7.56 1.15
CA LYS A 43 16.29 -7.28 2.42
C LYS A 43 16.68 -5.82 2.48
N ILE A 44 17.16 -5.30 1.35
CA ILE A 44 17.58 -3.91 1.25
C ILE A 44 16.49 -2.96 1.72
N LEU A 45 15.26 -3.22 1.29
CA LEU A 45 14.12 -2.39 1.65
C LEU A 45 13.64 -2.68 3.07
N SER A 46 13.87 -3.90 3.54
CA SER A 46 13.47 -4.28 4.89
C SER A 46 14.49 -3.78 5.90
N LYS A 47 15.71 -3.54 5.42
CA LYS A 47 16.79 -3.07 6.26
C LYS A 47 16.78 -1.54 6.33
N LYS A 48 16.60 -0.91 5.17
CA LYS A 48 16.57 0.55 5.10
C LYS A 48 15.31 1.09 5.77
N TYR A 49 14.15 0.60 5.34
CA TYR A 49 12.88 1.03 5.89
C TYR A 49 12.92 1.12 7.41
N LYS A 50 13.47 0.09 8.04
CA LYS A 50 13.58 0.06 9.50
C LYS A 50 14.67 1.02 9.98
N GLU A 51 15.86 0.87 9.41
CA GLU A 51 16.99 1.72 9.78
C GLU A 51 16.65 3.20 9.59
N LEU A 52 15.68 3.47 8.71
CA LEU A 52 15.26 4.84 8.44
C LEU A 52 14.92 5.57 9.74
N PRO A 53 15.52 6.77 9.95
CA PRO A 53 15.26 7.56 11.16
C PRO A 53 13.84 8.09 11.23
N GLU A 54 12.94 7.45 10.51
CA GLU A 54 11.54 7.87 10.46
C GLU A 54 11.44 9.34 10.04
N LYS A 55 12.52 9.88 9.50
CA LYS A 55 12.53 11.27 9.07
C LYS A 55 11.92 11.39 7.66
N LYS A 56 12.06 10.33 6.86
CA LYS A 56 11.52 10.32 5.51
C LYS A 56 10.19 9.56 5.47
N LYS A 57 9.98 8.70 6.46
CA LYS A 57 8.75 7.91 6.53
C LYS A 57 7.58 8.80 6.86
N MET A 58 7.82 9.82 7.68
CA MET A 58 6.77 10.77 8.04
C MET A 58 6.05 11.23 6.78
N LYS A 59 6.80 11.20 5.67
CA LYS A 59 6.26 11.56 4.37
C LYS A 59 5.45 10.41 3.80
N TYR A 60 6.00 9.21 3.94
CA TYR A 60 5.32 8.02 3.44
C TYR A 60 4.06 7.72 4.26
N ILE A 61 4.22 7.67 5.58
CA ILE A 61 3.10 7.39 6.46
C ILE A 61 2.00 8.43 6.28
N GLN A 62 2.39 9.67 6.08
CA GLN A 62 1.41 10.73 5.86
C GLN A 62 0.72 10.50 4.54
N ASP A 63 1.42 9.82 3.63
CA ASP A 63 0.88 9.50 2.33
C ASP A 63 -0.08 8.33 2.43
N PHE A 64 0.10 7.53 3.48
CA PHE A 64 -0.74 6.37 3.71
C PHE A 64 -1.93 6.73 4.60
N GLN A 65 -1.71 7.64 5.53
CA GLN A 65 -2.76 8.08 6.46
C GLN A 65 -3.70 9.08 5.80
N ARG A 66 -3.14 10.00 5.03
CA ARG A 66 -3.93 11.03 4.36
C ARG A 66 -5.03 10.40 3.49
N GLU A 67 -4.83 9.14 3.09
CA GLU A 67 -5.79 8.44 2.26
C GLU A 67 -6.66 7.51 3.10
N LYS A 68 -6.03 6.72 3.95
CA LYS A 68 -6.76 5.78 4.81
C LYS A 68 -7.82 6.48 5.65
N GLN A 69 -7.67 7.78 5.82
CA GLN A 69 -8.61 8.56 6.62
C GLN A 69 -9.61 9.32 5.75
N GLU A 70 -9.20 9.67 4.53
CA GLU A 70 -10.07 10.42 3.63
C GLU A 70 -10.72 9.53 2.58
N PHE A 71 -10.23 8.29 2.44
CA PHE A 71 -10.78 7.37 1.45
C PHE A 71 -12.07 6.72 1.95
N GLU A 72 -12.15 6.48 3.25
CA GLU A 72 -13.33 5.86 3.84
C GLU A 72 -14.59 6.67 3.55
N ARG A 73 -14.43 7.95 3.22
CA ARG A 73 -15.55 8.82 2.91
C ARG A 73 -16.17 8.48 1.56
N ASN A 74 -15.33 8.34 0.54
CA ASN A 74 -15.80 8.03 -0.80
C ASN A 74 -15.96 6.52 -0.99
N LEU A 75 -14.93 5.77 -0.62
CA LEU A 75 -14.95 4.31 -0.76
C LEU A 75 -16.22 3.72 -0.13
N ALA A 76 -16.79 4.43 0.83
CA ALA A 76 -18.00 3.97 1.50
C ALA A 76 -19.12 3.67 0.50
N ARG A 77 -19.44 4.65 -0.34
CA ARG A 77 -20.49 4.49 -1.34
C ARG A 77 -19.92 4.18 -2.73
N PHE A 78 -18.59 4.10 -2.82
CA PHE A 78 -17.94 3.82 -4.09
C PHE A 78 -18.07 2.34 -4.47
N ARG A 79 -17.55 1.47 -3.62
CA ARG A 79 -17.61 0.03 -3.85
C ARG A 79 -19.01 -0.53 -3.54
N GLU A 80 -19.84 0.29 -2.91
CA GLU A 80 -21.19 -0.13 -2.56
C GLU A 80 -21.97 -0.57 -3.80
N ASP A 81 -22.29 0.39 -4.67
CA ASP A 81 -23.03 0.11 -5.90
C ASP A 81 -24.34 -0.62 -5.60
N HIS A 82 -25.39 0.15 -5.31
CA HIS A 82 -26.69 -0.42 -5.01
C HIS A 82 -26.62 -1.34 -3.80
N PRO A 83 -27.77 -1.68 -3.20
CA PRO A 83 -27.83 -2.55 -2.02
C PRO A 83 -27.12 -3.88 -2.26
N ASP A 84 -25.94 -4.03 -1.65
CA ASP A 84 -25.17 -5.26 -1.79
C ASP A 84 -24.67 -5.74 -0.42
N LEU A 85 -24.66 -7.06 -0.24
CA LEU A 85 -24.22 -7.65 1.02
C LEU A 85 -25.07 -7.15 2.18
N ILE A 86 -24.64 -7.45 3.39
CA ILE A 86 -25.37 -7.04 4.59
C ILE A 86 -24.88 -5.68 5.09
N GLN A 87 -23.56 -5.53 5.21
CA GLN A 87 -22.97 -4.28 5.67
C GLN A 87 -21.50 -4.46 5.99
N ASN A 88 -20.80 -3.35 6.23
CA ASN A 88 -19.38 -3.39 6.55
C ASN A 88 -19.14 -2.86 7.97
N ALA A 89 -19.91 -1.84 8.35
CA ALA A 89 -19.77 -1.24 9.68
C ALA A 89 -21.06 -0.52 10.08
N LYS A 90 -21.56 -0.84 11.26
CA LYS A 90 -22.79 -0.23 11.76
C LYS A 90 -22.47 1.00 12.62
N LYS A 91 -21.61 1.86 12.10
CA LYS A 91 -21.22 3.08 12.82
C LYS A 91 -21.33 4.30 11.91
N MET A 1 -23.75 -11.11 13.83
CA MET A 1 -22.27 -10.96 13.96
C MET A 1 -21.56 -11.61 12.78
N LYS A 2 -22.23 -11.63 11.62
CA LYS A 2 -21.65 -12.21 10.41
C LYS A 2 -21.11 -11.13 9.49
N LYS A 3 -19.99 -11.42 8.82
CA LYS A 3 -19.38 -10.47 7.91
C LYS A 3 -19.03 -9.18 8.63
N LEU A 4 -17.73 -8.99 8.90
CA LEU A 4 -17.28 -7.79 9.60
C LEU A 4 -15.82 -7.48 9.25
N LYS A 5 -15.18 -6.65 10.08
CA LYS A 5 -13.79 -6.26 9.87
C LYS A 5 -13.65 -5.30 8.69
N LYS A 6 -13.76 -5.84 7.48
CA LYS A 6 -13.64 -5.03 6.27
C LYS A 6 -15.00 -4.52 5.81
N HIS A 7 -15.14 -3.18 5.79
CA HIS A 7 -16.36 -2.47 5.37
C HIS A 7 -17.03 -1.74 6.53
N PRO A 8 -17.24 -2.41 7.68
CA PRO A 8 -17.87 -1.80 8.84
C PRO A 8 -16.87 -1.11 9.75
N ASP A 9 -16.89 0.23 9.75
CA ASP A 9 -16.00 1.02 10.59
C ASP A 9 -14.54 0.61 10.36
N PHE A 10 -14.18 0.38 9.11
CA PHE A 10 -12.83 -0.01 8.75
C PHE A 10 -12.51 0.39 7.31
N PRO A 11 -12.41 1.70 7.04
CA PRO A 11 -12.10 2.20 5.69
C PRO A 11 -10.66 1.93 5.29
N LYS A 12 -10.36 0.67 4.99
CA LYS A 12 -9.02 0.27 4.58
C LYS A 12 -8.99 -0.12 3.12
N LYS A 13 -7.84 0.11 2.47
CA LYS A 13 -7.67 -0.22 1.06
C LYS A 13 -6.28 0.17 0.56
N PRO A 14 -5.91 1.45 0.68
CA PRO A 14 -4.59 1.94 0.24
C PRO A 14 -3.45 1.06 0.73
N LEU A 15 -2.24 1.36 0.28
CA LEU A 15 -1.07 0.60 0.68
C LEU A 15 -0.38 1.24 1.88
N THR A 16 0.61 0.55 2.43
CA THR A 16 1.36 1.05 3.57
C THR A 16 2.59 1.82 3.12
N PRO A 17 3.24 2.56 4.03
CA PRO A 17 4.45 3.33 3.70
C PRO A 17 5.58 2.44 3.18
N TYR A 18 5.72 1.27 3.79
CA TYR A 18 6.75 0.32 3.40
C TYR A 18 6.43 -0.28 2.03
N PHE A 19 5.14 -0.47 1.77
CA PHE A 19 4.69 -1.04 0.50
C PHE A 19 4.92 -0.05 -0.65
N ARG A 20 4.46 1.18 -0.47
CA ARG A 20 4.63 2.21 -1.48
C ARG A 20 6.10 2.60 -1.63
N PHE A 21 6.95 2.06 -0.76
CA PHE A 21 8.37 2.33 -0.78
C PHE A 21 9.13 1.19 -1.45
N PHE A 22 8.70 -0.03 -1.16
CA PHE A 22 9.31 -1.22 -1.71
C PHE A 22 8.71 -1.51 -3.08
N MET A 23 7.39 -1.57 -3.11
CA MET A 23 6.66 -1.85 -4.33
C MET A 23 6.91 -0.77 -5.38
N GLU A 24 7.47 0.36 -4.96
CA GLU A 24 7.74 1.47 -5.87
C GLU A 24 9.15 1.38 -6.46
N LYS A 25 10.15 1.22 -5.60
CA LYS A 25 11.53 1.16 -6.07
C LYS A 25 11.95 -0.27 -6.44
N ARG A 26 11.09 -1.25 -6.16
CA ARG A 26 11.41 -2.64 -6.50
C ARG A 26 11.78 -2.73 -7.96
N ALA A 27 11.12 -1.92 -8.77
CA ALA A 27 11.38 -1.86 -10.19
C ALA A 27 12.80 -1.42 -10.43
N LYS A 28 13.26 -0.49 -9.60
CA LYS A 28 14.62 0.02 -9.68
C LYS A 28 15.60 -1.01 -9.13
N TYR A 29 15.07 -2.03 -8.47
CA TYR A 29 15.88 -3.09 -7.88
C TYR A 29 15.90 -4.34 -8.77
N ALA A 30 14.77 -4.60 -9.42
CA ALA A 30 14.65 -5.76 -10.29
C ALA A 30 15.46 -5.55 -11.57
N LYS A 31 15.75 -4.29 -11.85
CA LYS A 31 16.51 -3.93 -13.03
C LYS A 31 18.02 -3.97 -12.75
N LEU A 32 18.38 -3.69 -11.49
CA LEU A 32 19.77 -3.68 -11.08
C LEU A 32 20.17 -4.99 -10.42
N HIS A 33 19.22 -5.91 -10.27
CA HIS A 33 19.49 -7.20 -9.64
C HIS A 33 19.21 -8.36 -10.60
N PRO A 34 19.83 -8.34 -11.80
CA PRO A 34 19.65 -9.39 -12.80
C PRO A 34 20.37 -10.68 -12.41
N GLU A 35 21.35 -10.57 -11.53
CA GLU A 35 22.12 -11.73 -11.08
C GLU A 35 21.69 -12.17 -9.69
N MET A 36 20.52 -11.72 -9.27
CA MET A 36 19.98 -12.08 -7.96
C MET A 36 18.70 -12.91 -8.12
N SER A 37 17.95 -13.06 -7.03
CA SER A 37 16.72 -13.83 -7.07
C SER A 37 15.52 -13.00 -6.60
N ASN A 38 15.73 -11.69 -6.48
CA ASN A 38 14.66 -10.77 -6.04
C ASN A 38 14.50 -10.81 -4.53
N LEU A 39 14.93 -11.90 -3.91
CA LEU A 39 14.83 -12.05 -2.47
C LEU A 39 16.02 -11.36 -1.80
N ASP A 40 17.16 -11.42 -2.48
CA ASP A 40 18.38 -10.79 -1.97
C ASP A 40 18.21 -9.28 -1.91
N LEU A 41 17.45 -8.75 -2.86
CA LEU A 41 17.18 -7.31 -2.92
C LEU A 41 16.07 -6.92 -1.97
N THR A 42 15.15 -7.85 -1.73
CA THR A 42 14.03 -7.61 -0.83
C THR A 42 14.53 -7.26 0.57
N LYS A 43 15.49 -8.02 1.06
CA LYS A 43 16.05 -7.78 2.38
C LYS A 43 16.68 -6.39 2.45
N ILE A 44 17.28 -5.99 1.34
CA ILE A 44 17.91 -4.68 1.24
C ILE A 44 16.93 -3.56 1.60
N LEU A 45 15.72 -3.64 1.05
CA LEU A 45 14.71 -2.63 1.31
C LEU A 45 14.06 -2.81 2.68
N SER A 46 14.24 -3.98 3.27
CA SER A 46 13.68 -4.25 4.59
C SER A 46 14.57 -3.66 5.68
N LYS A 47 15.82 -3.40 5.31
CA LYS A 47 16.79 -2.83 6.22
C LYS A 47 16.77 -1.30 6.12
N LYS A 48 16.64 -0.80 4.90
CA LYS A 48 16.61 0.63 4.66
C LYS A 48 15.40 1.27 5.35
N TYR A 49 14.21 0.78 5.01
CA TYR A 49 12.97 1.28 5.59
C TYR A 49 13.06 1.33 7.12
N LYS A 50 13.80 0.38 7.69
CA LYS A 50 13.96 0.31 9.13
C LYS A 50 14.98 1.35 9.60
N GLU A 51 16.04 1.53 8.82
CA GLU A 51 17.08 2.49 9.16
C GLU A 51 16.54 3.91 9.15
N LEU A 52 15.40 4.10 8.49
CA LEU A 52 14.78 5.43 8.41
C LEU A 52 14.66 6.07 9.79
N PRO A 53 15.15 7.32 9.93
CA PRO A 53 15.12 8.06 11.19
C PRO A 53 13.72 8.52 11.58
N GLU A 54 12.71 7.86 11.04
CA GLU A 54 11.32 8.22 11.30
C GLU A 54 11.06 9.68 10.94
N LYS A 55 12.00 10.30 10.23
CA LYS A 55 11.84 11.69 9.83
C LYS A 55 11.20 11.79 8.45
N LYS A 56 11.43 10.78 7.62
CA LYS A 56 10.87 10.75 6.28
C LYS A 56 9.57 9.92 6.25
N LYS A 57 9.49 8.94 7.15
CA LYS A 57 8.31 8.09 7.24
C LYS A 57 7.08 8.94 7.51
N MET A 58 7.25 9.94 8.37
CA MET A 58 6.17 10.85 8.70
C MET A 58 5.48 11.33 7.43
N LYS A 59 6.24 11.35 6.34
CA LYS A 59 5.73 11.77 5.04
C LYS A 59 4.97 10.61 4.38
N TYR A 60 5.62 9.44 4.35
CA TYR A 60 5.00 8.26 3.76
C TYR A 60 3.71 7.92 4.49
N ILE A 61 3.79 7.82 5.81
CA ILE A 61 2.61 7.51 6.61
C ILE A 61 1.54 8.57 6.39
N GLN A 62 1.99 9.81 6.21
CA GLN A 62 1.09 10.92 5.95
C GLN A 62 0.48 10.75 4.57
N ASP A 63 1.23 10.07 3.70
CA ASP A 63 0.78 9.80 2.35
C ASP A 63 -0.17 8.60 2.35
N PHE A 64 0.08 7.68 3.29
CA PHE A 64 -0.73 6.47 3.42
C PHE A 64 -2.04 6.79 4.16
N GLN A 65 -1.99 7.79 5.02
CA GLN A 65 -3.16 8.17 5.81
C GLN A 65 -4.01 9.21 5.08
N ARG A 66 -3.37 10.18 4.44
CA ARG A 66 -4.08 11.23 3.72
C ARG A 66 -4.94 10.64 2.59
N GLU A 67 -4.53 9.50 2.07
CA GLU A 67 -5.27 8.85 0.99
C GLU A 67 -6.39 7.99 1.55
N LYS A 68 -6.18 7.46 2.77
CA LYS A 68 -7.17 6.63 3.43
C LYS A 68 -8.41 7.43 3.80
N GLN A 69 -8.27 8.74 3.84
CA GLN A 69 -9.38 9.63 4.18
C GLN A 69 -10.00 10.24 2.92
N GLU A 70 -9.34 10.08 1.78
CA GLU A 70 -9.84 10.61 0.53
C GLU A 70 -10.75 9.60 -0.17
N PHE A 71 -10.34 8.33 -0.15
CA PHE A 71 -11.11 7.27 -0.78
C PHE A 71 -12.31 6.87 0.08
N GLU A 72 -12.42 7.47 1.27
CA GLU A 72 -13.52 7.17 2.17
C GLU A 72 -14.85 7.71 1.65
N ARG A 73 -14.82 8.42 0.52
CA ARG A 73 -16.03 9.00 -0.07
C ARG A 73 -17.17 7.98 -0.09
N ASN A 74 -16.92 6.83 -0.71
CA ASN A 74 -17.93 5.77 -0.80
C ASN A 74 -17.68 4.69 0.25
N LEU A 75 -16.43 4.57 0.70
CA LEU A 75 -16.07 3.57 1.70
C LEU A 75 -16.55 3.97 3.09
N ALA A 76 -17.07 5.19 3.22
CA ALA A 76 -17.56 5.68 4.51
C ALA A 76 -19.05 5.38 4.69
N ARG A 77 -19.81 5.54 3.62
CA ARG A 77 -21.25 5.29 3.65
C ARG A 77 -21.56 3.80 3.80
N PHE A 78 -20.53 2.97 3.61
CA PHE A 78 -20.70 1.51 3.72
C PHE A 78 -20.76 1.07 5.18
N ARG A 79 -20.57 2.01 6.11
CA ARG A 79 -20.60 1.69 7.53
C ARG A 79 -22.00 1.27 7.97
N GLU A 80 -23.02 1.77 7.26
CA GLU A 80 -24.40 1.44 7.59
C GLU A 80 -24.63 -0.07 7.59
N ASP A 81 -24.75 -0.64 6.39
CA ASP A 81 -24.97 -2.09 6.26
C ASP A 81 -25.02 -2.49 4.79
N HIS A 82 -24.63 -3.73 4.51
CA HIS A 82 -24.63 -4.25 3.15
C HIS A 82 -24.19 -5.70 3.11
N PRO A 83 -25.10 -6.65 3.39
CA PRO A 83 -24.79 -8.08 3.39
C PRO A 83 -24.12 -8.52 2.09
N ASP A 84 -22.79 -8.53 2.09
CA ASP A 84 -22.03 -8.94 0.91
C ASP A 84 -21.75 -10.43 0.93
N LEU A 85 -21.87 -11.05 2.10
CA LEU A 85 -21.63 -12.48 2.24
C LEU A 85 -20.15 -12.80 2.03
N ILE A 86 -19.62 -13.71 2.87
CA ILE A 86 -18.22 -14.11 2.80
C ILE A 86 -17.30 -12.91 2.59
N GLN A 87 -17.56 -11.84 3.33
CA GLN A 87 -16.76 -10.62 3.23
C GLN A 87 -15.34 -10.87 3.72
N ASN A 88 -15.20 -11.12 5.02
CA ASN A 88 -13.89 -11.37 5.61
C ASN A 88 -13.78 -12.82 6.09
N ALA A 89 -14.90 -13.39 6.52
CA ALA A 89 -14.93 -14.77 7.00
C ALA A 89 -14.02 -14.94 8.22
N LYS A 90 -14.38 -15.89 9.07
CA LYS A 90 -13.59 -16.15 10.28
C LYS A 90 -13.84 -17.57 10.80
N LYS A 91 -12.86 -18.44 10.63
CA LYS A 91 -12.96 -19.83 11.07
C LYS A 91 -14.32 -20.44 10.70
N MET A 1 -25.13 3.32 5.70
CA MET A 1 -25.33 3.35 7.16
C MET A 1 -24.41 2.35 7.87
N LYS A 2 -24.52 2.30 9.20
CA LYS A 2 -23.71 1.39 10.01
C LYS A 2 -22.30 1.21 9.44
N LYS A 3 -21.37 2.02 9.91
CA LYS A 3 -19.99 1.94 9.45
C LYS A 3 -19.88 2.34 7.98
N LEU A 4 -18.74 2.91 7.60
CA LEU A 4 -18.53 3.34 6.22
C LEU A 4 -17.08 3.15 5.80
N LYS A 5 -16.54 1.97 6.06
CA LYS A 5 -15.15 1.66 5.70
C LYS A 5 -15.02 0.21 5.25
N LYS A 6 -14.01 -0.05 4.42
CA LYS A 6 -13.78 -1.40 3.90
C LYS A 6 -14.95 -1.88 3.08
N HIS A 7 -14.66 -2.65 2.03
CA HIS A 7 -15.72 -3.18 1.16
C HIS A 7 -16.17 -4.56 1.63
N PRO A 8 -15.29 -5.58 1.53
CA PRO A 8 -15.63 -6.94 1.95
C PRO A 8 -15.52 -7.11 3.47
N ASP A 9 -14.47 -6.53 4.04
CA ASP A 9 -14.24 -6.61 5.48
C ASP A 9 -12.98 -5.83 5.85
N PHE A 10 -11.91 -6.04 5.10
CA PHE A 10 -10.66 -5.36 5.33
C PHE A 10 -10.29 -4.48 4.14
N PRO A 11 -9.56 -3.38 4.37
CA PRO A 11 -9.15 -2.46 3.31
C PRO A 11 -7.88 -2.92 2.61
N LYS A 12 -7.88 -2.82 1.28
CA LYS A 12 -6.72 -3.23 0.50
C LYS A 12 -6.58 -2.40 -0.77
N LYS A 13 -6.91 -1.11 -0.68
CA LYS A 13 -6.81 -0.21 -1.82
C LYS A 13 -5.44 0.45 -1.87
N PRO A 14 -5.03 1.14 -0.79
CA PRO A 14 -3.74 1.81 -0.71
C PRO A 14 -2.64 0.88 -0.23
N LEU A 15 -1.49 1.45 0.11
CA LEU A 15 -0.37 0.65 0.58
C LEU A 15 0.26 1.32 1.81
N THR A 16 1.12 0.57 2.50
CA THR A 16 1.79 1.09 3.69
C THR A 16 3.03 1.89 3.29
N PRO A 17 3.49 2.79 4.17
CA PRO A 17 4.67 3.62 3.91
C PRO A 17 5.83 2.81 3.34
N TYR A 18 5.98 1.60 3.85
CA TYR A 18 7.04 0.72 3.40
C TYR A 18 6.75 0.20 1.99
N PHE A 19 5.45 0.03 1.70
CA PHE A 19 5.02 -0.45 0.39
C PHE A 19 5.30 0.59 -0.68
N ARG A 20 4.80 1.81 -0.48
CA ARG A 20 5.03 2.89 -1.43
C ARG A 20 6.51 3.21 -1.56
N PHE A 21 7.32 2.63 -0.68
CA PHE A 21 8.77 2.83 -0.68
C PHE A 21 9.46 1.66 -1.36
N PHE A 22 9.03 0.45 -1.01
CA PHE A 22 9.59 -0.76 -1.57
C PHE A 22 8.96 -1.06 -2.92
N MET A 23 7.64 -1.05 -2.93
CA MET A 23 6.87 -1.30 -4.14
C MET A 23 7.15 -0.24 -5.21
N GLU A 24 7.68 0.90 -4.80
CA GLU A 24 7.98 1.98 -5.74
C GLU A 24 9.37 1.84 -6.34
N LYS A 25 10.36 1.49 -5.51
CA LYS A 25 11.72 1.35 -6.00
C LYS A 25 12.05 -0.11 -6.34
N ARG A 26 11.12 -1.02 -6.07
CA ARG A 26 11.33 -2.43 -6.37
C ARG A 26 11.67 -2.60 -7.84
N ALA A 27 11.00 -1.81 -8.65
CA ALA A 27 11.22 -1.82 -10.09
C ALA A 27 12.68 -1.51 -10.39
N LYS A 28 13.23 -0.59 -9.60
CA LYS A 28 14.63 -0.20 -9.74
C LYS A 28 15.54 -1.35 -9.32
N TYR A 29 14.97 -2.31 -8.61
CA TYR A 29 15.72 -3.47 -8.14
C TYR A 29 15.47 -4.69 -9.02
N ALA A 30 14.26 -4.79 -9.55
CA ALA A 30 13.91 -5.90 -10.42
C ALA A 30 14.66 -5.80 -11.74
N LYS A 31 15.18 -4.61 -12.00
CA LYS A 31 15.93 -4.34 -13.21
C LYS A 31 17.42 -4.31 -12.92
N LEU A 32 17.77 -3.88 -11.71
CA LEU A 32 19.16 -3.77 -11.30
C LEU A 32 19.63 -5.05 -10.59
N HIS A 33 18.72 -6.02 -10.43
CA HIS A 33 19.06 -7.28 -9.76
C HIS A 33 18.71 -8.47 -10.65
N PRO A 34 19.45 -8.67 -11.76
CA PRO A 34 19.22 -9.77 -12.68
C PRO A 34 19.92 -11.05 -12.24
N GLU A 35 20.92 -10.91 -11.38
CA GLU A 35 21.66 -12.05 -10.87
C GLU A 35 21.18 -12.44 -9.48
N MET A 36 19.99 -11.96 -9.13
CA MET A 36 19.40 -12.24 -7.83
C MET A 36 18.08 -13.00 -8.00
N SER A 37 17.30 -13.07 -6.94
CA SER A 37 16.01 -13.77 -6.98
C SER A 37 14.88 -12.90 -6.44
N ASN A 38 15.15 -11.60 -6.28
CA ASN A 38 14.16 -10.66 -5.75
C ASN A 38 14.09 -10.70 -4.23
N LEU A 39 14.62 -11.76 -3.65
CA LEU A 39 14.62 -11.92 -2.20
C LEU A 39 15.80 -11.16 -1.59
N ASP A 40 16.92 -11.16 -2.30
CA ASP A 40 18.11 -10.46 -1.86
C ASP A 40 17.85 -8.96 -1.79
N LEU A 41 17.18 -8.44 -2.80
CA LEU A 41 16.85 -7.02 -2.84
C LEU A 41 15.82 -6.67 -1.77
N THR A 42 14.89 -7.59 -1.53
CA THR A 42 13.86 -7.39 -0.53
C THR A 42 14.48 -7.06 0.84
N LYS A 43 15.54 -7.78 1.19
CA LYS A 43 16.23 -7.56 2.45
C LYS A 43 16.82 -6.14 2.47
N ILE A 44 17.32 -5.70 1.33
CA ILE A 44 17.92 -4.38 1.20
C ILE A 44 16.93 -3.29 1.61
N LEU A 45 15.69 -3.43 1.16
CA LEU A 45 14.65 -2.46 1.46
C LEU A 45 14.07 -2.67 2.85
N SER A 46 14.26 -3.86 3.41
CA SER A 46 13.76 -4.18 4.74
C SER A 46 14.69 -3.61 5.80
N LYS A 47 15.89 -3.23 5.37
CA LYS A 47 16.89 -2.66 6.26
C LYS A 47 16.91 -1.15 6.14
N LYS A 48 16.76 -0.65 4.93
CA LYS A 48 16.76 0.79 4.67
C LYS A 48 15.59 1.46 5.38
N TYR A 49 14.39 0.92 5.17
CA TYR A 49 13.19 1.46 5.78
C TYR A 49 13.26 1.41 7.30
N LYS A 50 13.99 0.44 7.82
CA LYS A 50 14.12 0.27 9.26
C LYS A 50 15.10 1.29 9.83
N GLU A 51 16.24 1.46 9.17
CA GLU A 51 17.25 2.40 9.61
C GLU A 51 16.74 3.85 9.52
N LEU A 52 15.68 4.06 8.75
CA LEU A 52 15.10 5.38 8.58
C LEU A 52 14.88 6.07 9.93
N PRO A 53 15.40 7.31 10.09
CA PRO A 53 15.26 8.06 11.34
C PRO A 53 13.84 8.57 11.57
N GLU A 54 12.87 7.94 10.93
CA GLU A 54 11.49 8.34 11.04
C GLU A 54 11.31 9.81 10.66
N LYS A 55 12.33 10.39 10.04
CA LYS A 55 12.27 11.79 9.63
C LYS A 55 11.55 11.93 8.29
N LYS A 56 11.68 10.90 7.46
CA LYS A 56 11.03 10.88 6.15
C LYS A 56 9.76 10.05 6.19
N LYS A 57 9.71 9.09 7.10
CA LYS A 57 8.55 8.23 7.25
C LYS A 57 7.32 9.04 7.59
N MET A 58 7.49 10.00 8.52
CA MET A 58 6.39 10.87 8.93
C MET A 58 5.64 11.36 7.70
N LYS A 59 6.35 11.48 6.59
CA LYS A 59 5.76 11.92 5.33
C LYS A 59 4.97 10.78 4.70
N TYR A 60 5.59 9.61 4.66
CA TYR A 60 4.97 8.43 4.07
C TYR A 60 3.73 8.01 4.85
N ILE A 61 3.81 8.08 6.18
CA ILE A 61 2.68 7.69 7.01
C ILE A 61 1.47 8.55 6.68
N GLN A 62 1.72 9.81 6.35
CA GLN A 62 0.66 10.73 5.99
C GLN A 62 0.17 10.43 4.59
N ASP A 63 0.95 9.65 3.85
CA ASP A 63 0.59 9.26 2.49
C ASP A 63 -0.24 8.00 2.50
N PHE A 64 0.03 7.13 3.46
CA PHE A 64 -0.69 5.88 3.61
C PHE A 64 -2.01 6.08 4.35
N GLN A 65 -2.14 7.21 5.05
CA GLN A 65 -3.35 7.51 5.80
C GLN A 65 -4.29 8.40 4.99
N ARG A 66 -3.73 9.39 4.30
CA ARG A 66 -4.52 10.31 3.49
C ARG A 66 -5.30 9.57 2.42
N GLU A 67 -4.81 8.41 2.00
CA GLU A 67 -5.47 7.60 0.98
C GLU A 67 -6.65 6.85 1.59
N LYS A 68 -6.51 6.48 2.85
CA LYS A 68 -7.56 5.73 3.56
C LYS A 68 -8.85 6.54 3.63
N GLN A 69 -8.76 7.84 3.41
CA GLN A 69 -9.93 8.71 3.45
C GLN A 69 -10.43 9.03 2.05
N GLU A 70 -9.66 8.65 1.04
CA GLU A 70 -10.03 8.92 -0.34
C GLU A 70 -10.64 7.69 -1.03
N PHE A 71 -10.02 6.52 -0.81
CA PHE A 71 -10.51 5.30 -1.42
C PHE A 71 -11.74 4.74 -0.69
N GLU A 72 -11.66 4.67 0.63
CA GLU A 72 -12.76 4.16 1.44
C GLU A 72 -14.05 4.94 1.19
N ARG A 73 -13.93 6.14 0.63
CA ARG A 73 -15.08 6.98 0.35
C ARG A 73 -16.20 6.18 -0.33
N ASN A 74 -16.00 5.83 -1.60
CA ASN A 74 -16.99 5.07 -2.35
C ASN A 74 -16.62 3.59 -2.43
N LEU A 75 -15.38 3.26 -2.10
CA LEU A 75 -14.91 1.88 -2.15
C LEU A 75 -15.46 1.05 -0.99
N ALA A 76 -15.52 1.66 0.20
CA ALA A 76 -16.02 0.97 1.38
C ALA A 76 -17.52 0.69 1.27
N ARG A 77 -18.25 1.65 0.69
CA ARG A 77 -19.70 1.52 0.53
C ARG A 77 -20.07 0.62 -0.64
N PHE A 78 -19.07 0.08 -1.34
CA PHE A 78 -19.30 -0.80 -2.50
C PHE A 78 -20.61 -1.58 -2.37
N ARG A 79 -20.59 -2.66 -1.59
CA ARG A 79 -21.80 -3.47 -1.42
C ARG A 79 -22.48 -3.16 -0.08
N GLU A 80 -22.27 -4.00 0.93
CA GLU A 80 -22.87 -3.77 2.24
C GLU A 80 -21.86 -3.16 3.22
N ASP A 81 -21.16 -4.01 3.96
CA ASP A 81 -20.17 -3.56 4.93
C ASP A 81 -19.76 -4.72 5.85
N HIS A 82 -18.96 -4.41 6.87
CA HIS A 82 -18.51 -5.43 7.82
C HIS A 82 -17.58 -4.83 8.87
N PRO A 83 -17.92 -4.98 10.16
CA PRO A 83 -17.12 -4.45 11.26
C PRO A 83 -15.89 -5.31 11.54
N ASP A 84 -15.24 -5.06 12.68
CA ASP A 84 -14.05 -5.82 13.07
C ASP A 84 -13.57 -5.41 14.45
N LEU A 85 -13.19 -4.14 14.60
CA LEU A 85 -12.71 -3.63 15.87
C LEU A 85 -12.46 -2.12 15.80
N ILE A 86 -11.35 -1.75 15.16
CA ILE A 86 -11.00 -0.34 15.01
C ILE A 86 -10.53 -0.04 13.60
N GLN A 87 -11.45 -0.17 12.64
CA GLN A 87 -11.12 0.09 11.24
C GLN A 87 -11.92 1.27 10.70
N ASN A 88 -13.18 1.36 11.11
CA ASN A 88 -14.04 2.46 10.66
C ASN A 88 -14.01 3.63 11.66
N ALA A 89 -14.95 3.63 12.61
CA ALA A 89 -15.01 4.69 13.61
C ALA A 89 -15.16 6.06 12.95
N LYS A 90 -15.47 7.07 13.75
CA LYS A 90 -15.64 8.42 13.25
C LYS A 90 -16.72 8.48 12.16
N LYS A 91 -17.68 7.56 12.25
CA LYS A 91 -18.77 7.51 11.28
C LYS A 91 -19.74 6.39 11.61
N MET A 1 -14.87 13.93 -21.58
CA MET A 1 -14.82 13.20 -22.88
C MET A 1 -13.67 12.21 -22.93
N LYS A 2 -12.46 12.72 -22.76
CA LYS A 2 -11.26 11.89 -22.77
C LYS A 2 -10.66 11.77 -21.38
N LYS A 3 -9.45 11.22 -21.30
CA LYS A 3 -8.77 11.06 -20.02
C LYS A 3 -9.56 10.13 -19.10
N LEU A 4 -8.98 8.97 -18.80
CA LEU A 4 -9.64 8.00 -17.94
C LEU A 4 -8.69 7.50 -16.85
N LYS A 5 -8.71 8.16 -15.71
CA LYS A 5 -7.85 7.78 -14.59
C LYS A 5 -8.57 8.00 -13.26
N LYS A 6 -8.42 7.05 -12.35
CA LYS A 6 -9.06 7.14 -11.04
C LYS A 6 -10.58 7.22 -11.18
N HIS A 7 -11.10 6.69 -12.28
CA HIS A 7 -12.52 6.70 -12.54
C HIS A 7 -13.22 5.54 -11.81
N PRO A 8 -14.57 5.50 -11.82
CA PRO A 8 -15.33 4.44 -11.16
C PRO A 8 -15.08 3.07 -11.78
N ASP A 9 -13.86 2.57 -11.61
CA ASP A 9 -13.49 1.25 -12.15
C ASP A 9 -12.96 0.36 -11.04
N PHE A 10 -13.64 0.38 -9.90
CA PHE A 10 -13.25 -0.42 -8.74
C PHE A 10 -11.83 -0.08 -8.26
N PRO A 11 -11.47 1.22 -8.21
CA PRO A 11 -10.16 1.66 -7.76
C PRO A 11 -10.14 1.99 -6.26
N LYS A 12 -9.22 2.87 -5.85
CA LYS A 12 -9.10 3.29 -4.46
C LYS A 12 -8.36 2.25 -3.63
N LYS A 13 -8.33 2.47 -2.32
CA LYS A 13 -7.66 1.57 -1.39
C LYS A 13 -6.15 1.62 -1.58
N PRO A 14 -5.45 2.44 -0.78
CA PRO A 14 -3.99 2.58 -0.87
C PRO A 14 -3.26 1.44 -0.15
N LEU A 15 -1.96 1.61 0.03
CA LEU A 15 -1.14 0.61 0.70
C LEU A 15 -0.37 1.25 1.86
N THR A 16 0.35 0.42 2.62
CA THR A 16 1.12 0.90 3.75
C THR A 16 2.42 1.55 3.28
N PRO A 17 2.95 2.49 4.06
CA PRO A 17 4.19 3.20 3.74
C PRO A 17 5.25 2.27 3.15
N TYR A 18 5.62 1.24 3.92
CA TYR A 18 6.60 0.27 3.46
C TYR A 18 6.15 -0.37 2.15
N PHE A 19 4.87 -0.75 2.09
CA PHE A 19 4.31 -1.37 0.89
C PHE A 19 4.55 -0.48 -0.32
N ARG A 20 3.89 0.68 -0.35
CA ARG A 20 4.05 1.62 -1.46
C ARG A 20 5.53 1.94 -1.68
N PHE A 21 6.33 1.77 -0.63
CA PHE A 21 7.75 2.03 -0.68
C PHE A 21 8.48 0.84 -1.31
N PHE A 22 7.99 -0.35 -1.02
CA PHE A 22 8.56 -1.57 -1.54
C PHE A 22 8.07 -1.83 -2.96
N MET A 23 6.75 -1.87 -3.11
CA MET A 23 6.13 -2.10 -4.41
C MET A 23 6.61 -1.09 -5.45
N GLU A 24 6.88 0.14 -5.01
CA GLU A 24 7.34 1.18 -5.93
C GLU A 24 8.80 0.95 -6.35
N LYS A 25 9.65 0.67 -5.37
CA LYS A 25 11.06 0.42 -5.64
C LYS A 25 11.25 -0.94 -6.29
N ARG A 26 10.27 -1.82 -6.11
CA ARG A 26 10.31 -3.16 -6.68
C ARG A 26 10.70 -3.11 -8.15
N ALA A 27 10.15 -2.13 -8.86
CA ALA A 27 10.46 -1.96 -10.27
C ALA A 27 11.90 -1.52 -10.45
N LYS A 28 12.36 -0.70 -9.51
CA LYS A 28 13.72 -0.19 -9.53
C LYS A 28 14.70 -1.21 -8.97
N TYR A 29 14.19 -2.32 -8.44
CA TYR A 29 15.04 -3.36 -7.87
C TYR A 29 15.20 -4.51 -8.85
N ALA A 30 14.18 -4.76 -9.65
CA ALA A 30 14.23 -5.81 -10.65
C ALA A 30 15.40 -5.54 -11.58
N LYS A 31 15.75 -4.28 -11.67
CA LYS A 31 16.86 -3.83 -12.48
C LYS A 31 18.15 -3.88 -11.67
N LEU A 32 17.98 -3.78 -10.35
CA LEU A 32 19.09 -3.80 -9.41
C LEU A 32 19.77 -5.16 -9.36
N HIS A 33 19.00 -6.23 -9.54
CA HIS A 33 19.57 -7.57 -9.49
C HIS A 33 19.66 -8.21 -10.88
N PRO A 34 20.78 -7.97 -11.60
CA PRO A 34 20.99 -8.54 -12.93
C PRO A 34 21.36 -10.01 -12.85
N GLU A 35 21.84 -10.44 -11.68
CA GLU A 35 22.23 -11.82 -11.47
C GLU A 35 21.94 -12.27 -10.04
N MET A 36 20.93 -11.66 -9.43
CA MET A 36 20.53 -12.00 -8.07
C MET A 36 19.06 -12.40 -8.04
N SER A 37 18.50 -12.46 -6.83
CA SER A 37 17.10 -12.83 -6.67
C SER A 37 16.33 -11.74 -5.94
N ASN A 38 15.01 -11.72 -6.14
CA ASN A 38 14.15 -10.73 -5.50
C ASN A 38 14.31 -10.75 -3.99
N LEU A 39 14.86 -11.84 -3.46
CA LEU A 39 15.06 -11.97 -2.03
C LEU A 39 16.22 -11.08 -1.57
N ASP A 40 17.28 -11.04 -2.36
CA ASP A 40 18.44 -10.22 -2.05
C ASP A 40 18.04 -8.76 -1.92
N LEU A 41 17.23 -8.30 -2.86
CA LEU A 41 16.76 -6.91 -2.86
C LEU A 41 15.73 -6.69 -1.75
N THR A 42 15.01 -7.75 -1.38
CA THR A 42 14.01 -7.66 -0.32
C THR A 42 14.67 -7.26 0.99
N LYS A 43 15.91 -7.70 1.18
CA LYS A 43 16.65 -7.37 2.39
C LYS A 43 17.06 -5.90 2.34
N ILE A 44 17.34 -5.43 1.13
CA ILE A 44 17.75 -4.03 0.93
C ILE A 44 16.66 -3.08 1.44
N LEU A 45 15.41 -3.40 1.11
CA LEU A 45 14.29 -2.56 1.52
C LEU A 45 13.94 -2.74 2.99
N SER A 46 14.29 -3.90 3.55
CA SER A 46 14.01 -4.17 4.95
C SER A 46 15.10 -3.58 5.84
N LYS A 47 16.21 -3.19 5.22
CA LYS A 47 17.33 -2.61 5.94
C LYS A 47 17.30 -1.08 5.81
N LYS A 48 17.10 -0.60 4.60
CA LYS A 48 17.06 0.84 4.34
C LYS A 48 15.86 1.48 5.01
N TYR A 49 14.68 0.89 4.84
CA TYR A 49 13.46 1.41 5.43
C TYR A 49 13.67 1.73 6.90
N LYS A 50 14.12 0.75 7.68
CA LYS A 50 14.37 0.95 9.10
C LYS A 50 15.51 1.93 9.30
N GLU A 51 16.49 1.86 8.42
CA GLU A 51 17.64 2.77 8.49
C GLU A 51 17.17 4.22 8.61
N LEU A 52 15.99 4.48 8.06
CA LEU A 52 15.41 5.82 8.11
C LEU A 52 15.33 6.33 9.54
N PRO A 53 15.68 7.61 9.76
CA PRO A 53 15.63 8.21 11.09
C PRO A 53 14.21 8.47 11.56
N GLU A 54 13.27 7.77 10.94
CA GLU A 54 11.86 7.92 11.26
C GLU A 54 11.30 9.21 10.66
N LYS A 55 12.19 10.02 10.11
CA LYS A 55 11.80 11.28 9.49
C LYS A 55 11.27 11.05 8.07
N LYS A 56 11.68 9.95 7.46
CA LYS A 56 11.24 9.62 6.11
C LYS A 56 9.94 8.81 6.13
N LYS A 57 9.56 8.35 7.31
CA LYS A 57 8.34 7.57 7.45
C LYS A 57 7.18 8.48 7.87
N MET A 58 7.51 9.52 8.64
CA MET A 58 6.51 10.48 9.08
C MET A 58 5.75 11.02 7.88
N LYS A 59 6.43 11.01 6.73
CA LYS A 59 5.85 11.48 5.49
C LYS A 59 5.04 10.36 4.84
N TYR A 60 5.66 9.20 4.66
CA TYR A 60 4.99 8.05 4.06
C TYR A 60 3.68 7.76 4.77
N ILE A 61 3.75 7.61 6.10
CA ILE A 61 2.55 7.32 6.89
C ILE A 61 1.54 8.44 6.71
N GLN A 62 2.03 9.67 6.69
CA GLN A 62 1.17 10.83 6.50
C GLN A 62 0.62 10.81 5.09
N ASP A 63 1.36 10.16 4.19
CA ASP A 63 0.94 10.05 2.81
C ASP A 63 0.04 8.83 2.64
N PHE A 64 0.15 7.90 3.58
CA PHE A 64 -0.66 6.68 3.57
C PHE A 64 -2.00 6.93 4.23
N GLN A 65 -1.99 7.77 5.25
CA GLN A 65 -3.19 8.10 6.00
C GLN A 65 -4.10 9.05 5.22
N ARG A 66 -3.50 10.06 4.60
CA ARG A 66 -4.27 11.03 3.82
C ARG A 66 -4.81 10.41 2.53
N GLU A 67 -4.14 9.37 2.05
CA GLU A 67 -4.56 8.70 0.83
C GLU A 67 -5.50 7.51 1.12
N LYS A 68 -5.80 7.29 2.39
CA LYS A 68 -6.67 6.19 2.78
C LYS A 68 -8.10 6.67 3.04
N GLN A 69 -8.28 7.97 3.16
CA GLN A 69 -9.59 8.55 3.42
C GLN A 69 -10.22 9.10 2.15
N GLU A 70 -9.62 10.15 1.60
CA GLU A 70 -10.13 10.78 0.38
C GLU A 70 -10.24 9.80 -0.78
N PHE A 71 -9.51 8.70 -0.69
CA PHE A 71 -9.52 7.69 -1.74
C PHE A 71 -10.88 6.99 -1.84
N GLU A 72 -11.21 6.22 -0.81
CA GLU A 72 -12.47 5.48 -0.78
C GLU A 72 -13.60 6.28 -0.14
N ARG A 73 -13.32 7.50 0.30
CA ARG A 73 -14.34 8.34 0.91
C ARG A 73 -15.64 8.32 0.09
N ASN A 74 -15.74 9.20 -0.90
CA ASN A 74 -16.91 9.27 -1.76
C ASN A 74 -16.66 8.57 -3.10
N LEU A 75 -15.45 8.03 -3.27
CA LEU A 75 -15.07 7.36 -4.51
C LEU A 75 -15.50 5.90 -4.53
N ALA A 76 -14.79 5.06 -3.77
CA ALA A 76 -15.08 3.64 -3.72
C ALA A 76 -16.51 3.37 -3.24
N ARG A 77 -17.13 4.37 -2.60
CA ARG A 77 -18.49 4.22 -2.10
C ARG A 77 -19.51 4.30 -3.23
N PHE A 78 -19.04 4.49 -4.46
CA PHE A 78 -19.92 4.59 -5.61
C PHE A 78 -20.79 3.33 -5.77
N ARG A 79 -20.27 2.31 -6.45
CA ARG A 79 -21.02 1.08 -6.65
C ARG A 79 -20.56 -0.01 -5.67
N GLU A 80 -19.73 -0.94 -6.15
CA GLU A 80 -19.22 -2.02 -5.31
C GLU A 80 -17.80 -1.74 -4.84
N ASP A 81 -16.85 -1.79 -5.77
CA ASP A 81 -15.44 -1.53 -5.47
C ASP A 81 -14.81 -2.74 -4.79
N HIS A 82 -13.93 -3.43 -5.53
CA HIS A 82 -13.24 -4.60 -5.01
C HIS A 82 -12.14 -5.05 -5.98
N PRO A 83 -12.51 -5.32 -7.25
CA PRO A 83 -11.54 -5.75 -8.27
C PRO A 83 -10.54 -4.65 -8.62
N ASP A 84 -9.50 -5.01 -9.37
CA ASP A 84 -8.48 -4.05 -9.77
C ASP A 84 -7.39 -4.72 -10.59
N LEU A 85 -7.20 -4.25 -11.82
CA LEU A 85 -6.18 -4.81 -12.71
C LEU A 85 -6.12 -4.03 -14.02
N ILE A 86 -4.89 -3.82 -14.52
CA ILE A 86 -4.66 -3.09 -15.77
C ILE A 86 -5.65 -1.95 -15.97
N GLN A 87 -5.23 -0.74 -15.62
CA GLN A 87 -6.07 0.44 -15.77
C GLN A 87 -5.44 1.45 -16.72
N ASN A 88 -5.98 2.66 -16.73
CA ASN A 88 -5.47 3.72 -17.59
C ASN A 88 -5.67 3.38 -19.06
N ALA A 89 -6.70 3.97 -19.66
CA ALA A 89 -7.01 3.72 -21.06
C ALA A 89 -6.04 4.46 -21.98
N LYS A 90 -6.18 4.25 -23.28
CA LYS A 90 -5.32 4.90 -24.27
C LYS A 90 -5.66 6.37 -24.40
N LYS A 91 -4.72 7.15 -24.92
CA LYS A 91 -4.91 8.58 -25.09
C LYS A 91 -6.03 8.86 -26.09
N MET A 1 -5.19 -19.29 9.58
CA MET A 1 -4.46 -19.41 8.28
C MET A 1 -5.44 -19.48 7.11
N LYS A 2 -6.30 -18.47 7.01
CA LYS A 2 -7.28 -18.41 5.94
C LYS A 2 -8.04 -17.09 5.95
N LYS A 3 -7.88 -16.30 4.89
CA LYS A 3 -8.55 -15.01 4.79
C LYS A 3 -9.34 -14.91 3.48
N LEU A 4 -9.98 -13.77 3.27
CA LEU A 4 -10.77 -13.55 2.07
C LEU A 4 -10.17 -12.43 1.22
N LYS A 5 -10.79 -12.17 0.07
CA LYS A 5 -10.31 -11.12 -0.82
C LYS A 5 -11.48 -10.40 -1.48
N LYS A 6 -11.63 -9.11 -1.16
CA LYS A 6 -12.71 -8.31 -1.72
C LYS A 6 -14.08 -8.88 -1.34
N HIS A 7 -14.39 -8.82 -0.04
CA HIS A 7 -15.67 -9.33 0.45
C HIS A 7 -16.76 -8.27 0.33
N PRO A 8 -16.49 -7.03 0.80
CA PRO A 8 -17.46 -5.93 0.73
C PRO A 8 -17.75 -5.48 -0.70
N ASP A 9 -17.01 -6.03 -1.66
CA ASP A 9 -17.18 -5.67 -3.06
C ASP A 9 -16.75 -4.23 -3.32
N PHE A 10 -15.79 -3.76 -2.51
CA PHE A 10 -15.28 -2.41 -2.64
C PHE A 10 -13.78 -2.36 -2.32
N PRO A 11 -12.97 -1.76 -3.22
CA PRO A 11 -11.52 -1.65 -3.02
C PRO A 11 -11.15 -1.25 -1.60
N LYS A 12 -10.41 -2.12 -0.91
CA LYS A 12 -9.98 -1.86 0.45
C LYS A 12 -9.17 -0.56 0.53
N LYS A 13 -8.47 -0.37 1.65
CA LYS A 13 -7.66 0.82 1.85
C LYS A 13 -6.28 0.66 1.23
N PRO A 14 -5.66 1.78 0.80
CA PRO A 14 -4.33 1.76 0.18
C PRO A 14 -3.34 0.85 0.89
N LEU A 15 -2.19 0.63 0.26
CA LEU A 15 -1.15 -0.23 0.82
C LEU A 15 -0.55 0.42 2.08
N THR A 16 0.75 0.27 2.26
CA THR A 16 1.44 0.86 3.42
C THR A 16 2.69 1.61 2.98
N PRO A 17 3.07 2.67 3.73
CA PRO A 17 4.26 3.48 3.42
C PRO A 17 5.44 2.61 3.01
N TYR A 18 5.51 1.40 3.57
CA TYR A 18 6.59 0.48 3.24
C TYR A 18 6.38 -0.12 1.85
N PHE A 19 5.13 -0.47 1.56
CA PHE A 19 4.78 -1.03 0.26
C PHE A 19 5.11 -0.05 -0.84
N ARG A 20 4.60 1.17 -0.73
CA ARG A 20 4.87 2.21 -1.72
C ARG A 20 6.37 2.46 -1.86
N PHE A 21 7.11 2.10 -0.81
CA PHE A 21 8.55 2.27 -0.79
C PHE A 21 9.24 1.06 -1.43
N PHE A 22 8.65 -0.10 -1.21
CA PHE A 22 9.18 -1.35 -1.74
C PHE A 22 8.78 -1.51 -3.20
N MET A 23 7.48 -1.49 -3.44
CA MET A 23 6.93 -1.62 -4.79
C MET A 23 7.60 -0.64 -5.76
N GLU A 24 7.83 0.58 -5.30
CA GLU A 24 8.45 1.61 -6.13
C GLU A 24 9.89 1.25 -6.47
N LYS A 25 10.70 1.06 -5.43
CA LYS A 25 12.12 0.75 -5.62
C LYS A 25 12.31 -0.65 -6.18
N ARG A 26 11.25 -1.45 -6.19
CA ARG A 26 11.33 -2.80 -6.71
C ARG A 26 11.78 -2.76 -8.17
N ALA A 27 11.30 -1.76 -8.88
CA ALA A 27 11.65 -1.57 -10.28
C ALA A 27 13.14 -1.30 -10.40
N LYS A 28 13.66 -0.54 -9.45
CA LYS A 28 15.07 -0.19 -9.43
C LYS A 28 15.93 -1.42 -9.08
N TYR A 29 15.29 -2.44 -8.51
CA TYR A 29 15.99 -3.66 -8.12
C TYR A 29 15.79 -4.76 -9.16
N ALA A 30 14.61 -4.78 -9.78
CA ALA A 30 14.31 -5.77 -10.80
C ALA A 30 15.13 -5.52 -12.05
N LYS A 31 15.70 -4.32 -12.12
CA LYS A 31 16.51 -3.91 -13.25
C LYS A 31 17.99 -4.06 -12.94
N LEU A 32 18.34 -3.88 -11.66
CA LEU A 32 19.72 -3.99 -11.23
C LEU A 32 20.04 -5.38 -10.66
N HIS A 33 19.02 -6.23 -10.54
CA HIS A 33 19.21 -7.57 -10.01
C HIS A 33 18.83 -8.62 -11.06
N PRO A 34 19.68 -8.80 -12.09
CA PRO A 34 19.44 -9.77 -13.15
C PRO A 34 19.91 -11.18 -12.79
N GLU A 35 20.88 -11.26 -11.88
CA GLU A 35 21.42 -12.54 -11.46
C GLU A 35 21.09 -12.83 -10.00
N MET A 36 20.04 -12.20 -9.49
CA MET A 36 19.62 -12.40 -8.11
C MET A 36 18.33 -13.22 -8.06
N SER A 37 17.63 -13.16 -6.93
CA SER A 37 16.39 -13.92 -6.77
C SER A 37 15.30 -13.06 -6.12
N ASN A 38 15.53 -11.75 -6.06
CA ASN A 38 14.57 -10.82 -5.46
C ASN A 38 14.75 -10.76 -3.94
N LEU A 39 15.37 -11.79 -3.38
CA LEU A 39 15.61 -11.85 -1.94
C LEU A 39 16.72 -10.89 -1.55
N ASP A 40 17.74 -10.80 -2.41
CA ASP A 40 18.87 -9.91 -2.15
C ASP A 40 18.39 -8.46 -2.06
N LEU A 41 17.48 -8.10 -2.96
CA LEU A 41 16.94 -6.75 -3.00
C LEU A 41 15.89 -6.55 -1.89
N THR A 42 15.27 -7.64 -1.45
CA THR A 42 14.26 -7.56 -0.40
C THR A 42 14.87 -7.03 0.89
N LYS A 43 16.00 -7.61 1.31
CA LYS A 43 16.68 -7.19 2.52
C LYS A 43 17.01 -5.69 2.45
N ILE A 44 17.46 -5.26 1.29
CA ILE A 44 17.81 -3.86 1.06
C ILE A 44 16.65 -2.94 1.42
N LEU A 45 15.45 -3.33 1.00
CA LEU A 45 14.25 -2.53 1.25
C LEU A 45 13.77 -2.68 2.69
N SER A 46 13.96 -3.87 3.26
CA SER A 46 13.53 -4.13 4.63
C SER A 46 14.52 -3.57 5.65
N LYS A 47 15.65 -3.10 5.16
CA LYS A 47 16.68 -2.54 6.01
C LYS A 47 16.63 -1.02 5.98
N LYS A 48 16.57 -0.46 4.79
CA LYS A 48 16.51 0.99 4.61
C LYS A 48 15.24 1.56 5.25
N TYR A 49 14.09 1.00 4.88
CA TYR A 49 12.81 1.45 5.40
C TYR A 49 12.84 1.68 6.90
N LYS A 50 13.44 0.73 7.63
CA LYS A 50 13.53 0.84 9.08
C LYS A 50 14.67 1.79 9.46
N GLU A 51 15.73 1.78 8.67
CA GLU A 51 16.88 2.64 8.92
C GLU A 51 16.44 4.09 9.11
N LEU A 52 15.38 4.47 8.41
CA LEU A 52 14.84 5.83 8.50
C LEU A 52 14.73 6.28 9.95
N PRO A 53 15.23 7.48 10.28
CA PRO A 53 15.17 8.02 11.64
C PRO A 53 13.75 8.27 12.14
N GLU A 54 12.80 7.62 11.50
CA GLU A 54 11.40 7.77 11.85
C GLU A 54 10.88 9.17 11.50
N LYS A 55 11.74 10.00 10.92
CA LYS A 55 11.38 11.35 10.54
C LYS A 55 10.94 11.41 9.07
N LYS A 56 11.29 10.38 8.31
CA LYS A 56 10.93 10.31 6.89
C LYS A 56 9.62 9.54 6.70
N LYS A 57 9.39 8.58 7.59
CA LYS A 57 8.17 7.78 7.54
C LYS A 57 6.95 8.67 7.70
N MET A 58 7.06 9.62 8.62
CA MET A 58 5.98 10.56 8.87
C MET A 58 5.47 11.14 7.55
N LYS A 59 6.35 11.16 6.55
CA LYS A 59 5.98 11.67 5.24
C LYS A 59 5.19 10.62 4.47
N TYR A 60 5.73 9.40 4.40
CA TYR A 60 5.04 8.31 3.71
C TYR A 60 3.72 8.01 4.38
N ILE A 61 3.77 7.75 5.68
CA ILE A 61 2.55 7.43 6.44
C ILE A 61 1.50 8.50 6.20
N GLN A 62 1.89 9.75 6.39
CA GLN A 62 0.99 10.86 6.21
C GLN A 62 0.62 10.99 4.75
N ASP A 63 1.53 10.60 3.86
CA ASP A 63 1.25 10.65 2.45
C ASP A 63 0.40 9.46 2.06
N PHE A 64 0.27 8.54 3.02
CA PHE A 64 -0.50 7.34 2.84
C PHE A 64 -1.86 7.49 3.47
N GLN A 65 -1.86 7.53 4.79
CA GLN A 65 -3.08 7.66 5.56
C GLN A 65 -3.97 8.77 4.98
N ARG A 66 -3.34 9.78 4.39
CA ARG A 66 -4.11 10.88 3.79
C ARG A 66 -5.05 10.37 2.70
N GLU A 67 -4.75 9.19 2.15
CA GLU A 67 -5.59 8.61 1.11
C GLU A 67 -6.73 7.81 1.72
N LYS A 68 -6.47 7.22 2.89
CA LYS A 68 -7.48 6.42 3.59
C LYS A 68 -8.71 7.25 3.92
N GLN A 69 -8.56 8.57 3.88
CA GLN A 69 -9.66 9.47 4.19
C GLN A 69 -10.55 9.69 2.97
N GLU A 70 -9.94 9.74 1.79
CA GLU A 70 -10.68 9.95 0.55
C GLU A 70 -10.91 8.65 -0.21
N PHE A 71 -10.22 7.59 0.21
CA PHE A 71 -10.35 6.29 -0.45
C PHE A 71 -11.32 5.39 0.29
N GLU A 72 -11.35 5.51 1.62
CA GLU A 72 -12.25 4.70 2.44
C GLU A 72 -13.50 5.47 2.84
N ARG A 73 -13.61 6.71 2.41
CA ARG A 73 -14.77 7.55 2.74
C ARG A 73 -16.08 6.82 2.42
N ASN A 74 -16.57 6.97 1.19
CA ASN A 74 -17.81 6.32 0.78
C ASN A 74 -17.54 5.06 -0.04
N LEU A 75 -16.26 4.73 -0.24
CA LEU A 75 -15.88 3.56 -1.01
C LEU A 75 -16.07 2.27 -0.21
N ALA A 76 -15.30 2.13 0.87
CA ALA A 76 -15.38 0.94 1.71
C ALA A 76 -16.60 0.97 2.61
N ARG A 77 -16.80 2.08 3.31
CA ARG A 77 -17.93 2.23 4.22
C ARG A 77 -19.25 1.89 3.55
N PHE A 78 -19.28 2.02 2.21
CA PHE A 78 -20.48 1.73 1.45
C PHE A 78 -21.09 0.38 1.83
N ARG A 79 -20.23 -0.56 2.23
CA ARG A 79 -20.70 -1.88 2.62
C ARG A 79 -21.51 -1.83 3.92
N GLU A 80 -20.84 -1.96 5.06
CA GLU A 80 -21.52 -1.92 6.35
C GLU A 80 -21.39 -0.56 7.01
N ASP A 81 -20.21 0.06 6.87
CA ASP A 81 -19.95 1.37 7.45
C ASP A 81 -19.90 1.28 8.97
N HIS A 82 -19.44 0.14 9.47
CA HIS A 82 -19.34 -0.08 10.91
C HIS A 82 -17.88 -0.01 11.38
N PRO A 83 -17.58 0.85 12.37
CA PRO A 83 -16.23 1.01 12.89
C PRO A 83 -15.89 -0.06 13.93
N ASP A 84 -16.06 -1.32 13.56
CA ASP A 84 -15.76 -2.43 14.45
C ASP A 84 -15.24 -3.63 13.68
N LEU A 85 -15.98 -4.05 12.66
CA LEU A 85 -15.58 -5.20 11.85
C LEU A 85 -14.23 -4.95 11.20
N ILE A 86 -13.35 -5.95 11.28
CA ILE A 86 -12.01 -5.84 10.71
C ILE A 86 -12.07 -5.38 9.25
N GLN A 87 -12.45 -6.30 8.34
CA GLN A 87 -12.54 -5.97 6.93
C GLN A 87 -12.73 -7.24 6.09
N ASN A 88 -11.87 -8.22 6.30
CA ASN A 88 -11.95 -9.47 5.56
C ASN A 88 -11.93 -10.69 6.50
N ALA A 89 -11.13 -10.61 7.55
CA ALA A 89 -11.02 -11.69 8.52
C ALA A 89 -12.40 -12.21 8.92
N LYS A 90 -12.80 -13.33 8.32
CA LYS A 90 -14.10 -13.93 8.62
C LYS A 90 -14.01 -14.85 9.83
N LYS A 91 -14.95 -14.67 10.76
CA LYS A 91 -14.98 -15.49 11.97
C LYS A 91 -13.69 -15.33 12.76
#